data_8S6U
# 
_entry.id   8S6U 
# 
_audit_conform.dict_name       mmcif_pdbx.dic 
_audit_conform.dict_version    5.399 
_audit_conform.dict_location   http://mmcif.pdb.org/dictionaries/ascii/mmcif_pdbx.dic 
# 
loop_
_database_2.database_id 
_database_2.database_code 
_database_2.pdbx_database_accession 
_database_2.pdbx_DOI 
PDB   8S6U         pdb_00008s6u 10.2210/pdb8s6u/pdb 
WWPDB D_1292136928 ?            ?                   
# 
loop_
_pdbx_audit_revision_history.ordinal 
_pdbx_audit_revision_history.data_content_type 
_pdbx_audit_revision_history.major_revision 
_pdbx_audit_revision_history.minor_revision 
_pdbx_audit_revision_history.revision_date 
1 'Structure model' 1 0 2024-10-30 
2 'Structure model' 1 1 2024-11-20 
# 
_pdbx_audit_revision_details.ordinal             1 
_pdbx_audit_revision_details.revision_ordinal    1 
_pdbx_audit_revision_details.data_content_type   'Structure model' 
_pdbx_audit_revision_details.provider            repository 
_pdbx_audit_revision_details.type                'Initial release' 
_pdbx_audit_revision_details.description         ? 
_pdbx_audit_revision_details.details             ? 
# 
loop_
_pdbx_audit_revision_group.ordinal 
_pdbx_audit_revision_group.revision_ordinal 
_pdbx_audit_revision_group.data_content_type 
_pdbx_audit_revision_group.group 
1 2 'Structure model' 'Database references' 
2 2 'Structure model' 'Structure summary'   
# 
loop_
_pdbx_audit_revision_category.ordinal 
_pdbx_audit_revision_category.revision_ordinal 
_pdbx_audit_revision_category.data_content_type 
_pdbx_audit_revision_category.category 
1 2 'Structure model' citation        
2 2 'Structure model' citation_author 
3 2 'Structure model' struct          
# 
loop_
_pdbx_audit_revision_item.ordinal 
_pdbx_audit_revision_item.revision_ordinal 
_pdbx_audit_revision_item.data_content_type 
_pdbx_audit_revision_item.item 
1  2 'Structure model' '_citation.country'                 
2  2 'Structure model' '_citation.journal_abbrev'          
3  2 'Structure model' '_citation.journal_id_ASTM'         
4  2 'Structure model' '_citation.journal_id_CSD'          
5  2 'Structure model' '_citation.journal_id_ISSN'         
6  2 'Structure model' '_citation.journal_volume'          
7  2 'Structure model' '_citation.page_first'              
8  2 'Structure model' '_citation.page_last'               
9  2 'Structure model' '_citation.pdbx_database_id_DOI'    
10 2 'Structure model' '_citation.pdbx_database_id_PubMed' 
11 2 'Structure model' '_citation.title'                   
12 2 'Structure model' '_citation.year'                    
13 2 'Structure model' '_struct.title'                     
# 
_pdbx_database_status.status_code                     REL 
_pdbx_database_status.status_code_sf                  REL 
_pdbx_database_status.status_code_mr                  ? 
_pdbx_database_status.entry_id                        8S6U 
_pdbx_database_status.recvd_initial_deposition_date   2024-02-28 
_pdbx_database_status.SG_entry                        N 
_pdbx_database_status.deposit_site                    PDBE 
_pdbx_database_status.process_site                    PDBE 
_pdbx_database_status.status_code_cs                  ? 
_pdbx_database_status.status_code_nmr_data            ? 
_pdbx_database_status.methods_development_category    ? 
_pdbx_database_status.pdb_format_compatible           Y 
# 
_pdbx_database_related.db_name        PDB 
_pdbx_database_related.details        . 
_pdbx_database_related.db_id          8S6N 
_pdbx_database_related.content_type   unspecified 
# 
_pdbx_contact_author.id                 2 
_pdbx_contact_author.email              sander.smits@hhu.de 
_pdbx_contact_author.name_first         Sander 
_pdbx_contact_author.name_last          Smits 
_pdbx_contact_author.name_mi            ? 
_pdbx_contact_author.role               'principal investigator/group leader' 
_pdbx_contact_author.identifier_ORCID   0000-0003-0780-9251 
# 
loop_
_audit_author.name 
_audit_author.pdbx_ordinal 
_audit_author.identifier_ORCID 
'Devan, S.'            1 ? 
'Shanmugasundaram, S.' 2 ? 
'Muentjes, K.'         3 ? 
'Smits, S.H.'          4 ? 
'Altegoer, F.'         5 ? 
'Feldbruegge, M.'      6 ? 
# 
_citation.abstract                  ? 
_citation.abstract_id_CAS           ? 
_citation.book_id_ISBN              ? 
_citation.book_publisher            ? 
_citation.book_publisher_city       ? 
_citation.book_title                ? 
_citation.coordinate_linkage        ? 
_citation.country                   US 
_citation.database_id_Medline       ? 
_citation.details                   ? 
_citation.id                        primary 
_citation.journal_abbrev            Proc.Natl.Acad.Sci.USA 
_citation.journal_id_ASTM           PNASA6 
_citation.journal_id_CSD            0040 
_citation.journal_id_ISSN           1091-6490 
_citation.journal_full              ? 
_citation.journal_issue             ? 
_citation.journal_volume            121 
_citation.language                  ? 
_citation.page_first                e2404091121 
_citation.page_last                 e2404091121 
_citation.title                     'Deciphering the RNA-binding protein network during endosomal mRNA transport.' 
_citation.year                      2024 
_citation.database_id_CSD           ? 
_citation.pdbx_database_id_DOI      10.1073/pnas.2404091121 
_citation.pdbx_database_id_PubMed   39499630 
_citation.pdbx_database_id_patent   ? 
_citation.unpublished_flag          ? 
# 
loop_
_citation_author.citation_id 
_citation_author.name 
_citation_author.ordinal 
_citation_author.identifier_ORCID 
primary 'Devan, S.K.'          1 0000-0003-1680-1630 
primary 'Shanmugasundaram, S.' 2 0009-0000-5773-8442 
primary 'Muntjes, K.'          3 0000-0001-5160-6342 
primary 'Postma, J.'           4 0009-0002-0565-4487 
primary 'Smits, S.H.J.'        5 0000-0003-0780-9251 
primary 'Altegoer, F.'         6 0000-0002-6012-9047 
primary 'Feldbrugge, M.'       7 0000-0003-0046-983X 
# 
loop_
_entity.id 
_entity.type 
_entity.src_method 
_entity.pdbx_description 
_entity.formula_weight 
_entity.pdbx_number_of_molecules 
_entity.pdbx_ec 
_entity.pdbx_mutation 
_entity.pdbx_fragment 
_entity.details 
1 polymer man 'Polyadenylate-binding protein 1'      7563.579 2  ? ? ? ? 
2 polymer syn 'FYVE zinc finger domain protein UPA1' 1579.754 2  ? ? ? ? 
3 water   nat water                                  18.015   85 ? ? ? ? 
# 
loop_
_entity_name_com.entity_id 
_entity_name_com.name 
1 'PABP,RNA-binding protein RRM12'      
2 'PAM2 domain-containing protein UPA1' 
# 
loop_
_entity_poly.entity_id 
_entity_poly.type 
_entity_poly.nstd_linkage 
_entity_poly.nstd_monomer 
_entity_poly.pdbx_seq_one_letter_code 
_entity_poly.pdbx_seq_one_letter_code_can 
_entity_poly.pdbx_strand_id 
_entity_poly.pdbx_target_identifier 
1 'polypeptide(L)' no no HSPEEQKQMLGEAIYPKVAASQPELAGKLTGMILELPVTELLHLLEESEALDAKVNEALEVLKEYQQN 
HSPEEQKQMLGEAIYPKVAASQPELAGKLTGMILELPVTELLHLLEESEALDAKVNEALEVLKEYQQN A,Q ? 
2 'polypeptide(L)' no no STLSPNASVFKPSRS                                                      STLSPNASVFKPSRS C,D ? 
# 
_pdbx_entity_nonpoly.entity_id   3 
_pdbx_entity_nonpoly.name        water 
_pdbx_entity_nonpoly.comp_id     HOH 
# 
loop_
_entity_poly_seq.entity_id 
_entity_poly_seq.num 
_entity_poly_seq.mon_id 
_entity_poly_seq.hetero 
1 1  HIS n 
1 2  SER n 
1 3  PRO n 
1 4  GLU n 
1 5  GLU n 
1 6  GLN n 
1 7  LYS n 
1 8  GLN n 
1 9  MET n 
1 10 LEU n 
1 11 GLY n 
1 12 GLU n 
1 13 ALA n 
1 14 ILE n 
1 15 TYR n 
1 16 PRO n 
1 17 LYS n 
1 18 VAL n 
1 19 ALA n 
1 20 ALA n 
1 21 SER n 
1 22 GLN n 
1 23 PRO n 
1 24 GLU n 
1 25 LEU n 
1 26 ALA n 
1 27 GLY n 
1 28 LYS n 
1 29 LEU n 
1 30 THR n 
1 31 GLY n 
1 32 MET n 
1 33 ILE n 
1 34 LEU n 
1 35 GLU n 
1 36 LEU n 
1 37 PRO n 
1 38 VAL n 
1 39 THR n 
1 40 GLU n 
1 41 LEU n 
1 42 LEU n 
1 43 HIS n 
1 44 LEU n 
1 45 LEU n 
1 46 GLU n 
1 47 GLU n 
1 48 SER n 
1 49 GLU n 
1 50 ALA n 
1 51 LEU n 
1 52 ASP n 
1 53 ALA n 
1 54 LYS n 
1 55 VAL n 
1 56 ASN n 
1 57 GLU n 
1 58 ALA n 
1 59 LEU n 
1 60 GLU n 
1 61 VAL n 
1 62 LEU n 
1 63 LYS n 
1 64 GLU n 
1 65 TYR n 
1 66 GLN n 
1 67 GLN n 
1 68 ASN n 
2 1  SER n 
2 2  THR n 
2 3  LEU n 
2 4  SER n 
2 5  PRO n 
2 6  ASN n 
2 7  ALA n 
2 8  SER n 
2 9  VAL n 
2 10 PHE n 
2 11 LYS n 
2 12 PRO n 
2 13 SER n 
2 14 ARG n 
2 15 SER n 
# 
_entity_src_gen.entity_id                          1 
_entity_src_gen.pdbx_src_id                        1 
_entity_src_gen.pdbx_alt_source_flag               sample 
_entity_src_gen.pdbx_seq_type                      'Biological sequence' 
_entity_src_gen.pdbx_beg_seq_num                   1 
_entity_src_gen.pdbx_end_seq_num                   68 
_entity_src_gen.gene_src_common_name               ? 
_entity_src_gen.gene_src_genus                     ? 
_entity_src_gen.pdbx_gene_src_gene                 'PAB1, RRM12, UMAG_03494' 
_entity_src_gen.gene_src_species                   ? 
_entity_src_gen.gene_src_strain                    ? 
_entity_src_gen.gene_src_tissue                    ? 
_entity_src_gen.gene_src_tissue_fraction           ? 
_entity_src_gen.gene_src_details                   ? 
_entity_src_gen.pdbx_gene_src_fragment             ? 
_entity_src_gen.pdbx_gene_src_scientific_name      'Ustilago maydis' 
_entity_src_gen.pdbx_gene_src_ncbi_taxonomy_id     5270 
_entity_src_gen.pdbx_gene_src_variant              ? 
_entity_src_gen.pdbx_gene_src_cell_line            ? 
_entity_src_gen.pdbx_gene_src_atcc                 ? 
_entity_src_gen.pdbx_gene_src_organ                ? 
_entity_src_gen.pdbx_gene_src_organelle            ? 
_entity_src_gen.pdbx_gene_src_cell                 ? 
_entity_src_gen.pdbx_gene_src_cellular_location    ? 
_entity_src_gen.host_org_common_name               ? 
_entity_src_gen.pdbx_host_org_scientific_name      'Escherichia coli' 
_entity_src_gen.pdbx_host_org_ncbi_taxonomy_id     562 
_entity_src_gen.host_org_genus                     ? 
_entity_src_gen.pdbx_host_org_gene                 ? 
_entity_src_gen.pdbx_host_org_organ                ? 
_entity_src_gen.host_org_species                   ? 
_entity_src_gen.pdbx_host_org_tissue               ? 
_entity_src_gen.pdbx_host_org_tissue_fraction      ? 
_entity_src_gen.pdbx_host_org_strain               ? 
_entity_src_gen.pdbx_host_org_variant              ? 
_entity_src_gen.pdbx_host_org_cell_line            ? 
_entity_src_gen.pdbx_host_org_atcc                 ? 
_entity_src_gen.pdbx_host_org_culture_collection   ? 
_entity_src_gen.pdbx_host_org_cell                 ? 
_entity_src_gen.pdbx_host_org_organelle            ? 
_entity_src_gen.pdbx_host_org_cellular_location    ? 
_entity_src_gen.pdbx_host_org_vector_type          ? 
_entity_src_gen.pdbx_host_org_vector               ? 
_entity_src_gen.host_org_details                   ? 
_entity_src_gen.expression_system_id               ? 
_entity_src_gen.plasmid_name                       ? 
_entity_src_gen.plasmid_details                    ? 
_entity_src_gen.pdbx_description                   ? 
# 
_pdbx_entity_src_syn.entity_id              2 
_pdbx_entity_src_syn.pdbx_src_id            1 
_pdbx_entity_src_syn.pdbx_alt_source_flag   sample 
_pdbx_entity_src_syn.pdbx_beg_seq_num       1 
_pdbx_entity_src_syn.pdbx_end_seq_num       15 
_pdbx_entity_src_syn.organism_scientific    'Ustilago maydis' 
_pdbx_entity_src_syn.organism_common_name   ? 
_pdbx_entity_src_syn.ncbi_taxonomy_id       5270 
_pdbx_entity_src_syn.details                ? 
# 
loop_
_chem_comp.id 
_chem_comp.type 
_chem_comp.mon_nstd_flag 
_chem_comp.name 
_chem_comp.pdbx_synonyms 
_chem_comp.formula 
_chem_comp.formula_weight 
ALA 'L-peptide linking' y ALANINE         ? 'C3 H7 N O2'     89.093  
ARG 'L-peptide linking' y ARGININE        ? 'C6 H15 N4 O2 1' 175.209 
ASN 'L-peptide linking' y ASPARAGINE      ? 'C4 H8 N2 O3'    132.118 
ASP 'L-peptide linking' y 'ASPARTIC ACID' ? 'C4 H7 N O4'     133.103 
GLN 'L-peptide linking' y GLUTAMINE       ? 'C5 H10 N2 O3'   146.144 
GLU 'L-peptide linking' y 'GLUTAMIC ACID' ? 'C5 H9 N O4'     147.129 
GLY 'peptide linking'   y GLYCINE         ? 'C2 H5 N O2'     75.067  
HIS 'L-peptide linking' y HISTIDINE       ? 'C6 H10 N3 O2 1' 156.162 
HOH non-polymer         . WATER           ? 'H2 O'           18.015  
ILE 'L-peptide linking' y ISOLEUCINE      ? 'C6 H13 N O2'    131.173 
LEU 'L-peptide linking' y LEUCINE         ? 'C6 H13 N O2'    131.173 
LYS 'L-peptide linking' y LYSINE          ? 'C6 H15 N2 O2 1' 147.195 
MET 'L-peptide linking' y METHIONINE      ? 'C5 H11 N O2 S'  149.211 
PHE 'L-peptide linking' y PHENYLALANINE   ? 'C9 H11 N O2'    165.189 
PRO 'L-peptide linking' y PROLINE         ? 'C5 H9 N O2'     115.130 
SER 'L-peptide linking' y SERINE          ? 'C3 H7 N O3'     105.093 
THR 'L-peptide linking' y THREONINE       ? 'C4 H9 N O3'     119.119 
TYR 'L-peptide linking' y TYROSINE        ? 'C9 H11 N O3'    181.189 
VAL 'L-peptide linking' y VALINE          ? 'C5 H11 N O2'    117.146 
# 
loop_
_pdbx_poly_seq_scheme.asym_id 
_pdbx_poly_seq_scheme.entity_id 
_pdbx_poly_seq_scheme.seq_id 
_pdbx_poly_seq_scheme.mon_id 
_pdbx_poly_seq_scheme.ndb_seq_num 
_pdbx_poly_seq_scheme.pdb_seq_num 
_pdbx_poly_seq_scheme.auth_seq_num 
_pdbx_poly_seq_scheme.pdb_mon_id 
_pdbx_poly_seq_scheme.auth_mon_id 
_pdbx_poly_seq_scheme.pdb_strand_id 
_pdbx_poly_seq_scheme.pdb_ins_code 
_pdbx_poly_seq_scheme.hetero 
A 1 1  HIS 1  0  ?  ?   ?   A . n 
A 1 2  SER 2  1  1  SER SER A . n 
A 1 3  PRO 3  2  2  PRO PRO A . n 
A 1 4  GLU 4  3  3  GLU GLU A . n 
A 1 5  GLU 5  4  4  GLU GLU A . n 
A 1 6  GLN 6  5  5  GLN GLN A . n 
A 1 7  LYS 7  6  6  LYS LYS A . n 
A 1 8  GLN 8  7  7  GLN GLN A . n 
A 1 9  MET 9  8  8  MET MET A . n 
A 1 10 LEU 10 9  9  LEU LEU A . n 
A 1 11 GLY 11 10 10 GLY GLY A . n 
A 1 12 GLU 12 11 11 GLU GLU A . n 
A 1 13 ALA 13 12 12 ALA ALA A . n 
A 1 14 ILE 14 13 13 ILE ILE A . n 
A 1 15 TYR 15 14 14 TYR TYR A . n 
A 1 16 PRO 16 15 15 PRO PRO A . n 
A 1 17 LYS 17 16 16 LYS LYS A . n 
A 1 18 VAL 18 17 17 VAL VAL A . n 
A 1 19 ALA 19 18 18 ALA ALA A . n 
A 1 20 ALA 20 19 19 ALA ALA A . n 
A 1 21 SER 21 20 20 SER SER A . n 
A 1 22 GLN 22 21 21 GLN GLN A . n 
A 1 23 PRO 23 22 22 PRO PRO A . n 
A 1 24 GLU 24 23 23 GLU GLU A . n 
A 1 25 LEU 25 24 24 LEU LEU A . n 
A 1 26 ALA 26 25 25 ALA ALA A . n 
A 1 27 GLY 27 26 26 GLY GLY A . n 
A 1 28 LYS 28 27 27 LYS LYS A . n 
A 1 29 LEU 29 28 28 LEU LEU A . n 
A 1 30 THR 30 29 29 THR THR A . n 
A 1 31 GLY 31 30 30 GLY GLY A . n 
A 1 32 MET 32 31 31 MET MET A . n 
A 1 33 ILE 33 32 32 ILE ILE A . n 
A 1 34 LEU 34 33 33 LEU LEU A . n 
A 1 35 GLU 35 34 34 GLU GLU A . n 
A 1 36 LEU 36 35 35 LEU LEU A . n 
A 1 37 PRO 37 36 36 PRO PRO A . n 
A 1 38 VAL 38 37 37 VAL VAL A . n 
A 1 39 THR 39 38 38 THR THR A . n 
A 1 40 GLU 40 39 39 GLU GLU A . n 
A 1 41 LEU 41 40 40 LEU LEU A . n 
A 1 42 LEU 42 41 41 LEU LEU A . n 
A 1 43 HIS 43 42 42 HIS HIS A . n 
A 1 44 LEU 44 43 43 LEU LEU A . n 
A 1 45 LEU 45 44 44 LEU LEU A . n 
A 1 46 GLU 46 45 45 GLU GLU A . n 
A 1 47 GLU 47 46 46 GLU GLU A . n 
A 1 48 SER 48 47 47 SER SER A . n 
A 1 49 GLU 49 48 48 GLU GLU A . n 
A 1 50 ALA 50 49 49 ALA ALA A . n 
A 1 51 LEU 51 50 50 LEU LEU A . n 
A 1 52 ASP 52 51 51 ASP ASP A . n 
A 1 53 ALA 53 52 52 ALA ALA A . n 
A 1 54 LYS 54 53 53 LYS LYS A . n 
A 1 55 VAL 55 54 54 VAL VAL A . n 
A 1 56 ASN 56 55 55 ASN ASN A . n 
A 1 57 GLU 57 56 56 GLU GLU A . n 
A 1 58 ALA 58 57 57 ALA ALA A . n 
A 1 59 LEU 59 58 58 LEU LEU A . n 
A 1 60 GLU 60 59 59 GLU GLU A . n 
A 1 61 VAL 61 60 60 VAL VAL A . n 
A 1 62 LEU 62 61 61 LEU LEU A . n 
A 1 63 LYS 63 62 62 LYS LYS A . n 
A 1 64 GLU 64 63 63 GLU GLU A . n 
A 1 65 TYR 65 64 64 TYR TYR A . n 
A 1 66 GLN 66 65 65 GLN GLN A . n 
A 1 67 GLN 67 66 66 GLN GLN A . n 
A 1 68 ASN 68 67 67 ASN ASN A . n 
B 1 1  HIS 1  0  0  HIS HIS Q . n 
B 1 2  SER 2  1  1  SER SER Q . n 
B 1 3  PRO 3  2  2  PRO PRO Q . n 
B 1 4  GLU 4  3  3  GLU GLU Q . n 
B 1 5  GLU 5  4  4  GLU GLU Q . n 
B 1 6  GLN 6  5  5  GLN GLN Q . n 
B 1 7  LYS 7  6  6  LYS LYS Q . n 
B 1 8  GLN 8  7  7  GLN GLN Q . n 
B 1 9  MET 9  8  8  MET MET Q . n 
B 1 10 LEU 10 9  9  LEU LEU Q . n 
B 1 11 GLY 11 10 10 GLY GLY Q . n 
B 1 12 GLU 12 11 11 GLU GLU Q . n 
B 1 13 ALA 13 12 12 ALA ALA Q . n 
B 1 14 ILE 14 13 13 ILE ILE Q . n 
B 1 15 TYR 15 14 14 TYR TYR Q . n 
B 1 16 PRO 16 15 15 PRO PRO Q . n 
B 1 17 LYS 17 16 16 LYS LYS Q . n 
B 1 18 VAL 18 17 17 VAL VAL Q . n 
B 1 19 ALA 19 18 18 ALA ALA Q . n 
B 1 20 ALA 20 19 19 ALA ALA Q . n 
B 1 21 SER 21 20 20 SER SER Q . n 
B 1 22 GLN 22 21 21 GLN GLN Q . n 
B 1 23 PRO 23 22 22 PRO PRO Q . n 
B 1 24 GLU 24 23 23 GLU GLU Q . n 
B 1 25 LEU 25 24 24 LEU LEU Q . n 
B 1 26 ALA 26 25 25 ALA ALA Q . n 
B 1 27 GLY 27 26 26 GLY GLY Q . n 
B 1 28 LYS 28 27 27 LYS LYS Q . n 
B 1 29 LEU 29 28 28 LEU LEU Q . n 
B 1 30 THR 30 29 29 THR THR Q . n 
B 1 31 GLY 31 30 30 GLY GLY Q . n 
B 1 32 MET 32 31 31 MET MET Q . n 
B 1 33 ILE 33 32 32 ILE ILE Q . n 
B 1 34 LEU 34 33 33 LEU LEU Q . n 
B 1 35 GLU 35 34 34 GLU GLU Q . n 
B 1 36 LEU 36 35 35 LEU LEU Q . n 
B 1 37 PRO 37 36 36 PRO PRO Q . n 
B 1 38 VAL 38 37 37 VAL VAL Q . n 
B 1 39 THR 39 38 38 THR THR Q . n 
B 1 40 GLU 40 39 39 GLU GLU Q . n 
B 1 41 LEU 41 40 40 LEU LEU Q . n 
B 1 42 LEU 42 41 41 LEU LEU Q . n 
B 1 43 HIS 43 42 42 HIS HIS Q . n 
B 1 44 LEU 44 43 43 LEU LEU Q . n 
B 1 45 LEU 45 44 44 LEU LEU Q . n 
B 1 46 GLU 46 45 45 GLU GLU Q . n 
B 1 47 GLU 47 46 46 GLU GLU Q . n 
B 1 48 SER 48 47 47 SER SER Q . n 
B 1 49 GLU 49 48 48 GLU GLU Q . n 
B 1 50 ALA 50 49 49 ALA ALA Q . n 
B 1 51 LEU 51 50 50 LEU LEU Q . n 
B 1 52 ASP 52 51 51 ASP ASP Q . n 
B 1 53 ALA 53 52 52 ALA ALA Q . n 
B 1 54 LYS 54 53 53 LYS LYS Q . n 
B 1 55 VAL 55 54 54 VAL VAL Q . n 
B 1 56 ASN 56 55 55 ASN ASN Q . n 
B 1 57 GLU 57 56 56 GLU GLU Q . n 
B 1 58 ALA 58 57 57 ALA ALA Q . n 
B 1 59 LEU 59 58 58 LEU LEU Q . n 
B 1 60 GLU 60 59 59 GLU GLU Q . n 
B 1 61 VAL 61 60 60 VAL VAL Q . n 
B 1 62 LEU 62 61 61 LEU LEU Q . n 
B 1 63 LYS 63 62 62 LYS LYS Q . n 
B 1 64 GLU 64 63 63 GLU GLU Q . n 
B 1 65 TYR 65 64 64 TYR TYR Q . n 
B 1 66 GLN 66 65 65 GLN GLN Q . n 
B 1 67 GLN 67 66 66 GLN GLN Q . n 
B 1 68 ASN 68 67 ?  ?   ?   Q . n 
C 2 1  SER 1  3  3  SER SER C . n 
C 2 2  THR 2  4  4  THR THR C . n 
C 2 3  LEU 3  5  5  LEU LEU C . n 
C 2 4  SER 4  6  6  SER SER C . n 
C 2 5  PRO 5  7  7  PRO PRO C . n 
C 2 6  ASN 6  8  8  ASN ASN C . n 
C 2 7  ALA 7  9  9  ALA ALA C . n 
C 2 8  SER 8  10 10 SER SER C . n 
C 2 9  VAL 9  11 11 VAL VAL C . n 
C 2 10 PHE 10 12 12 PHE PHE C . n 
C 2 11 LYS 11 13 13 LYS LYS C . n 
C 2 12 PRO 12 14 14 PRO PRO C . n 
C 2 13 SER 13 15 15 SER SER C . n 
C 2 14 ARG 14 16 16 ARG ARG C . n 
C 2 15 SER 15 17 17 SER SER C . n 
D 2 1  SER 1  3  3  SER SER D . n 
D 2 2  THR 2  4  4  THR THR D . n 
D 2 3  LEU 3  5  5  LEU LEU D . n 
D 2 4  SER 4  6  6  SER SER D . n 
D 2 5  PRO 5  7  7  PRO PRO D . n 
D 2 6  ASN 6  8  8  ASN ASN D . n 
D 2 7  ALA 7  9  9  ALA ALA D . n 
D 2 8  SER 8  10 10 SER SER D . n 
D 2 9  VAL 9  11 11 VAL VAL D . n 
D 2 10 PHE 10 12 12 PHE PHE D . n 
D 2 11 LYS 11 13 13 LYS LYS D . n 
D 2 12 PRO 12 14 14 PRO PRO D . n 
D 2 13 SER 13 15 15 SER SER D . n 
D 2 14 ARG 14 16 16 ARG ARG D . n 
D 2 15 SER 15 17 ?  ?   ?   D . n 
# 
loop_
_pdbx_nonpoly_scheme.asym_id 
_pdbx_nonpoly_scheme.entity_id 
_pdbx_nonpoly_scheme.mon_id 
_pdbx_nonpoly_scheme.ndb_seq_num 
_pdbx_nonpoly_scheme.pdb_seq_num 
_pdbx_nonpoly_scheme.auth_seq_num 
_pdbx_nonpoly_scheme.pdb_mon_id 
_pdbx_nonpoly_scheme.auth_mon_id 
_pdbx_nonpoly_scheme.pdb_strand_id 
_pdbx_nonpoly_scheme.pdb_ins_code 
E 3 HOH 1  101 64 HOH HOH A . 
E 3 HOH 2  102 9  HOH HOH A . 
E 3 HOH 3  103 19 HOH HOH A . 
E 3 HOH 4  104 57 HOH HOH A . 
E 3 HOH 5  105 41 HOH HOH A . 
E 3 HOH 6  106 75 HOH HOH A . 
E 3 HOH 7  107 50 HOH HOH A . 
E 3 HOH 8  108 80 HOH HOH A . 
E 3 HOH 9  109 3  HOH HOH A . 
E 3 HOH 10 110 17 HOH HOH A . 
E 3 HOH 11 111 32 HOH HOH A . 
E 3 HOH 12 112 36 HOH HOH A . 
E 3 HOH 13 113 31 HOH HOH A . 
E 3 HOH 14 114 7  HOH HOH A . 
E 3 HOH 15 115 22 HOH HOH A . 
E 3 HOH 16 116 65 HOH HOH A . 
E 3 HOH 17 117 44 HOH HOH A . 
E 3 HOH 18 118 66 HOH HOH A . 
E 3 HOH 19 119 39 HOH HOH A . 
E 3 HOH 20 120 29 HOH HOH A . 
E 3 HOH 21 121 78 HOH HOH A . 
E 3 HOH 22 122 37 HOH HOH A . 
E 3 HOH 23 123 12 HOH HOH A . 
E 3 HOH 24 124 25 HOH HOH A . 
E 3 HOH 25 125 27 HOH HOH A . 
E 3 HOH 26 126 59 HOH HOH A . 
E 3 HOH 27 127 62 HOH HOH A . 
E 3 HOH 28 128 49 HOH HOH A . 
E 3 HOH 29 129 1  HOH HOH A . 
E 3 HOH 30 130 35 HOH HOH A . 
E 3 HOH 31 131 20 HOH HOH A . 
E 3 HOH 32 132 28 HOH HOH A . 
E 3 HOH 33 133 79 HOH HOH A . 
E 3 HOH 34 134 60 HOH HOH A . 
E 3 HOH 35 135 70 HOH HOH A . 
F 3 HOH 1  101 74 HOH HOH Q . 
F 3 HOH 2  102 42 HOH HOH Q . 
F 3 HOH 3  103 54 HOH HOH Q . 
F 3 HOH 4  104 14 HOH HOH Q . 
F 3 HOH 5  105 10 HOH HOH Q . 
F 3 HOH 6  106 21 HOH HOH Q . 
F 3 HOH 7  107 85 HOH HOH Q . 
F 3 HOH 8  108 23 HOH HOH Q . 
F 3 HOH 9  109 71 HOH HOH Q . 
F 3 HOH 10 110 2  HOH HOH Q . 
F 3 HOH 11 111 77 HOH HOH Q . 
F 3 HOH 12 112 48 HOH HOH Q . 
F 3 HOH 13 113 26 HOH HOH Q . 
F 3 HOH 14 114 52 HOH HOH Q . 
F 3 HOH 15 115 55 HOH HOH Q . 
F 3 HOH 16 116 38 HOH HOH Q . 
F 3 HOH 17 117 63 HOH HOH Q . 
F 3 HOH 18 118 30 HOH HOH Q . 
F 3 HOH 19 119 76 HOH HOH Q . 
F 3 HOH 20 120 73 HOH HOH Q . 
F 3 HOH 21 121 53 HOH HOH Q . 
F 3 HOH 22 122 18 HOH HOH Q . 
F 3 HOH 23 123 4  HOH HOH Q . 
F 3 HOH 24 124 67 HOH HOH Q . 
F 3 HOH 25 125 34 HOH HOH Q . 
F 3 HOH 26 126 69 HOH HOH Q . 
F 3 HOH 27 127 82 HOH HOH Q . 
F 3 HOH 28 128 83 HOH HOH Q . 
F 3 HOH 29 129 72 HOH HOH Q . 
G 3 HOH 1  101 24 HOH HOH C . 
G 3 HOH 2  102 11 HOH HOH C . 
G 3 HOH 3  103 16 HOH HOH C . 
G 3 HOH 4  104 81 HOH HOH C . 
G 3 HOH 5  105 46 HOH HOH C . 
G 3 HOH 6  106 6  HOH HOH C . 
G 3 HOH 7  107 33 HOH HOH C . 
G 3 HOH 8  108 51 HOH HOH C . 
G 3 HOH 9  109 45 HOH HOH C . 
G 3 HOH 10 110 8  HOH HOH C . 
G 3 HOH 11 111 84 HOH HOH C . 
G 3 HOH 12 112 47 HOH HOH C . 
G 3 HOH 13 113 61 HOH HOH C . 
H 3 HOH 1  101 56 HOH HOH D . 
H 3 HOH 2  102 13 HOH HOH D . 
H 3 HOH 3  103 43 HOH HOH D . 
H 3 HOH 4  104 15 HOH HOH D . 
H 3 HOH 5  105 5  HOH HOH D . 
H 3 HOH 6  106 68 HOH HOH D . 
H 3 HOH 7  107 58 HOH HOH D . 
H 3 HOH 8  108 40 HOH HOH D . 
# 
loop_
_software.citation_id 
_software.classification 
_software.compiler_name 
_software.compiler_version 
_software.contact_author 
_software.contact_author_email 
_software.date 
_software.description 
_software.dependencies 
_software.hardware 
_software.language 
_software.location 
_software.mods 
_software.name 
_software.os 
_software.os_version 
_software.type 
_software.version 
_software.pdbx_ordinal 
? refinement       ? ? ? ? ? ? ? ? ? ? ? PHENIX ? ? ? v17.1 1 
? 'data reduction' ? ? ? ? ? ? ? ? ? ? ? XDS    ? ? ? .     2 
? 'data scaling'   ? ? ? ? ? ? ? ? ? ? ? XSCALE ? ? ? .     3 
? phasing          ? ? ? ? ? ? ? ? ? ? ? PHASER ? ? ? .     4 
# 
_cell.angle_alpha                  90.000 
_cell.angle_alpha_esd              ? 
_cell.angle_beta                   117.670 
_cell.angle_beta_esd               ? 
_cell.angle_gamma                  90.000 
_cell.angle_gamma_esd              ? 
_cell.entry_id                     8S6U 
_cell.details                      ? 
_cell.formula_units_Z              ? 
_cell.length_a                     88.093 
_cell.length_a_esd                 ? 
_cell.length_b                     47.608 
_cell.length_b_esd                 ? 
_cell.length_c                     45.452 
_cell.length_c_esd                 ? 
_cell.volume                       168822.387 
_cell.volume_esd                   ? 
_cell.Z_PDB                        8 
_cell.reciprocal_angle_alpha       ? 
_cell.reciprocal_angle_beta        ? 
_cell.reciprocal_angle_gamma       ? 
_cell.reciprocal_angle_alpha_esd   ? 
_cell.reciprocal_angle_beta_esd    ? 
_cell.reciprocal_angle_gamma_esd   ? 
_cell.reciprocal_length_a          ? 
_cell.reciprocal_length_b          ? 
_cell.reciprocal_length_c          ? 
_cell.reciprocal_length_a_esd      ? 
_cell.reciprocal_length_b_esd      ? 
_cell.reciprocal_length_c_esd      ? 
_cell.pdbx_unique_axis             ? 
_cell.pdbx_esd_method              ? 
# 
_symmetry.entry_id                         8S6U 
_symmetry.cell_setting                     ? 
_symmetry.Int_Tables_number                5 
_symmetry.space_group_name_Hall            'C 2y' 
_symmetry.space_group_name_H-M             'C 1 2 1' 
_symmetry.pdbx_full_space_group_name_H-M   ? 
# 
_exptl.absorpt_coefficient_mu     ? 
_exptl.absorpt_correction_T_max   ? 
_exptl.absorpt_correction_T_min   ? 
_exptl.absorpt_correction_type    ? 
_exptl.absorpt_process_details    ? 
_exptl.entry_id                   8S6U 
_exptl.crystals_number            1 
_exptl.details                    ? 
_exptl.method                     'X-RAY DIFFRACTION' 
_exptl.method_details             ? 
# 
_exptl_crystal.colour                       ? 
_exptl_crystal.density_diffrn               ? 
_exptl_crystal.density_Matthews             2.32 
_exptl_crystal.density_method               ? 
_exptl_crystal.density_percent_sol          47.04 
_exptl_crystal.description                  ? 
_exptl_crystal.F_000                        ? 
_exptl_crystal.id                           1 
_exptl_crystal.preparation                  ? 
_exptl_crystal.size_max                     ? 
_exptl_crystal.size_mid                     ? 
_exptl_crystal.size_min                     ? 
_exptl_crystal.size_rad                     ? 
_exptl_crystal.colour_lustre                ? 
_exptl_crystal.colour_modifier              ? 
_exptl_crystal.colour_primary               ? 
_exptl_crystal.density_meas                 ? 
_exptl_crystal.density_meas_esd             ? 
_exptl_crystal.density_meas_gt              ? 
_exptl_crystal.density_meas_lt              ? 
_exptl_crystal.density_meas_temp            ? 
_exptl_crystal.density_meas_temp_esd        ? 
_exptl_crystal.density_meas_temp_gt         ? 
_exptl_crystal.density_meas_temp_lt         ? 
_exptl_crystal.pdbx_crystal_image_url       ? 
_exptl_crystal.pdbx_crystal_image_format    ? 
_exptl_crystal.pdbx_mosaicity               ? 
_exptl_crystal.pdbx_mosaicity_esd           ? 
_exptl_crystal.pdbx_mosaic_method           ? 
_exptl_crystal.pdbx_mosaic_block_size       ? 
_exptl_crystal.pdbx_mosaic_block_size_esd   ? 
# 
_exptl_crystal_grow.apparatus       ? 
_exptl_crystal_grow.atmosphere      ? 
_exptl_crystal_grow.crystal_id      1 
_exptl_crystal_grow.details         ? 
_exptl_crystal_grow.method          'VAPOR DIFFUSION, SITTING DROP' 
_exptl_crystal_grow.method_ref      ? 
_exptl_crystal_grow.pH              ? 
_exptl_crystal_grow.pressure        ? 
_exptl_crystal_grow.pressure_esd    ? 
_exptl_crystal_grow.seeding         ? 
_exptl_crystal_grow.seeding_ref     ? 
_exptl_crystal_grow.temp_details    ? 
_exptl_crystal_grow.temp_esd        ? 
_exptl_crystal_grow.time            ? 
_exptl_crystal_grow.pdbx_details    'Sodium HEPES pH 7.5, 25% PEG 3000' 
_exptl_crystal_grow.pdbx_pH_range   ^ 
_exptl_crystal_grow.temp            298 
# 
_diffrn.ambient_environment              ? 
_diffrn.ambient_temp                     100 
_diffrn.ambient_temp_details             ? 
_diffrn.ambient_temp_esd                 ? 
_diffrn.crystal_id                       1 
_diffrn.crystal_support                  ? 
_diffrn.crystal_treatment                ? 
_diffrn.details                          ? 
_diffrn.id                               1 
_diffrn.ambient_pressure                 ? 
_diffrn.ambient_pressure_esd             ? 
_diffrn.ambient_pressure_gt              ? 
_diffrn.ambient_pressure_lt              ? 
_diffrn.ambient_temp_gt                  ? 
_diffrn.ambient_temp_lt                  ? 
_diffrn.pdbx_serial_crystal_experiment   N 
# 
_diffrn_detector.details                      ? 
_diffrn_detector.detector                     PIXEL 
_diffrn_detector.diffrn_id                    1 
_diffrn_detector.type                         'DECTRIS EIGER2 X 16M' 
_diffrn_detector.area_resol_mean              ? 
_diffrn_detector.dtime                        ? 
_diffrn_detector.pdbx_frames_total            ? 
_diffrn_detector.pdbx_collection_time_total   ? 
_diffrn_detector.pdbx_collection_date         2022-04-22 
_diffrn_detector.pdbx_frequency               ? 
_diffrn_detector.id                           ? 
_diffrn_detector.number_of_axes               ? 
# 
_diffrn_radiation.collimation                      ? 
_diffrn_radiation.diffrn_id                        1 
_diffrn_radiation.filter_edge                      ? 
_diffrn_radiation.inhomogeneity                    ? 
_diffrn_radiation.monochromator                    ? 
_diffrn_radiation.polarisn_norm                    ? 
_diffrn_radiation.polarisn_ratio                   ? 
_diffrn_radiation.probe                            ? 
_diffrn_radiation.type                             ? 
_diffrn_radiation.xray_symbol                      ? 
_diffrn_radiation.wavelength_id                    1 
_diffrn_radiation.pdbx_monochromatic_or_laue_m_l   M 
_diffrn_radiation.pdbx_wavelength_list             ? 
_diffrn_radiation.pdbx_wavelength                  ? 
_diffrn_radiation.pdbx_diffrn_protocol             'SINGLE WAVELENGTH' 
_diffrn_radiation.pdbx_analyzer                    ? 
_diffrn_radiation.pdbx_scattering_type             x-ray 
# 
_diffrn_radiation_wavelength.id           1 
_diffrn_radiation_wavelength.wavelength   0.885603 
_diffrn_radiation_wavelength.wt           1.0 
# 
_diffrn_source.current                     ? 
_diffrn_source.details                     ? 
_diffrn_source.diffrn_id                   1 
_diffrn_source.power                       ? 
_diffrn_source.size                        ? 
_diffrn_source.source                      SYNCHROTRON 
_diffrn_source.target                      ? 
_diffrn_source.type                        'ESRF BEAMLINE ID23-1' 
_diffrn_source.voltage                     ? 
_diffrn_source.take-off_angle              ? 
_diffrn_source.pdbx_wavelength_list        0.885603 
_diffrn_source.pdbx_wavelength             ? 
_diffrn_source.pdbx_synchrotron_beamline   ID23-1 
_diffrn_source.pdbx_synchrotron_site       ESRF 
# 
_reflns.B_iso_Wilson_estimate                          ? 
_reflns.entry_id                                       8S6U 
_reflns.data_reduction_details                         ? 
_reflns.data_reduction_method                          ? 
_reflns.d_resolution_high                              2.0 
_reflns.d_resolution_low                               40.26 
_reflns.details                                        ? 
_reflns.limit_h_max                                    ? 
_reflns.limit_h_min                                    ? 
_reflns.limit_k_max                                    ? 
_reflns.limit_k_min                                    ? 
_reflns.limit_l_max                                    ? 
_reflns.limit_l_min                                    ? 
_reflns.number_all                                     ? 
_reflns.number_obs                                     11069 
_reflns.observed_criterion                             ? 
_reflns.observed_criterion_F_max                       ? 
_reflns.observed_criterion_F_min                       ? 
_reflns.observed_criterion_I_max                       ? 
_reflns.observed_criterion_I_min                       ? 
_reflns.observed_criterion_sigma_F                     ? 
_reflns.observed_criterion_sigma_I                     ? 
_reflns.percent_possible_obs                           97.13 
_reflns.R_free_details                                 ? 
_reflns.Rmerge_F_all                                   ? 
_reflns.Rmerge_F_obs                                   ? 
_reflns.Friedel_coverage                               ? 
_reflns.number_gt                                      ? 
_reflns.threshold_expression                           ? 
_reflns.pdbx_redundancy                                3.4 
_reflns.pdbx_netI_over_av_sigmaI                       ? 
_reflns.pdbx_netI_over_sigmaI                          27.21 
_reflns.pdbx_res_netI_over_av_sigmaI_2                 ? 
_reflns.pdbx_res_netI_over_sigmaI_2                    ? 
_reflns.pdbx_chi_squared                               ? 
_reflns.pdbx_scaling_rejects                           ? 
_reflns.pdbx_d_res_high_opt                            ? 
_reflns.pdbx_d_res_low_opt                             ? 
_reflns.pdbx_d_res_opt_method                          ? 
_reflns.phase_calculation_details                      ? 
_reflns.pdbx_Rrim_I_all                                ? 
_reflns.pdbx_Rpim_I_all                                ? 
_reflns.pdbx_d_opt                                     ? 
_reflns.pdbx_number_measured_all                       ? 
_reflns.pdbx_diffrn_id                                 1 
_reflns.pdbx_ordinal                                   1 
_reflns.pdbx_CC_half                                   0.999 
_reflns.pdbx_CC_star                                   ? 
_reflns.pdbx_R_split                                   ? 
_reflns.pdbx_Rmerge_I_obs                              ? 
_reflns.pdbx_Rmerge_I_all                              ? 
_reflns.pdbx_Rsym_value                                ? 
_reflns.pdbx_CC_split_method                           ? 
_reflns.pdbx_aniso_diffraction_limit_axis_1_ortho[1]   ? 
_reflns.pdbx_aniso_diffraction_limit_axis_1_ortho[2]   ? 
_reflns.pdbx_aniso_diffraction_limit_axis_1_ortho[3]   ? 
_reflns.pdbx_aniso_diffraction_limit_axis_2_ortho[1]   ? 
_reflns.pdbx_aniso_diffraction_limit_axis_2_ortho[2]   ? 
_reflns.pdbx_aniso_diffraction_limit_axis_2_ortho[3]   ? 
_reflns.pdbx_aniso_diffraction_limit_axis_3_ortho[1]   ? 
_reflns.pdbx_aniso_diffraction_limit_axis_3_ortho[2]   ? 
_reflns.pdbx_aniso_diffraction_limit_axis_3_ortho[3]   ? 
_reflns.pdbx_aniso_diffraction_limit_1                 ? 
_reflns.pdbx_aniso_diffraction_limit_2                 ? 
_reflns.pdbx_aniso_diffraction_limit_3                 ? 
_reflns.pdbx_aniso_B_tensor_eigenvector_1_ortho[1]     ? 
_reflns.pdbx_aniso_B_tensor_eigenvector_1_ortho[2]     ? 
_reflns.pdbx_aniso_B_tensor_eigenvector_1_ortho[3]     ? 
_reflns.pdbx_aniso_B_tensor_eigenvector_2_ortho[1]     ? 
_reflns.pdbx_aniso_B_tensor_eigenvector_2_ortho[2]     ? 
_reflns.pdbx_aniso_B_tensor_eigenvector_2_ortho[3]     ? 
_reflns.pdbx_aniso_B_tensor_eigenvector_3_ortho[1]     ? 
_reflns.pdbx_aniso_B_tensor_eigenvector_3_ortho[2]     ? 
_reflns.pdbx_aniso_B_tensor_eigenvector_3_ortho[3]     ? 
_reflns.pdbx_aniso_B_tensor_eigenvalue_1               ? 
_reflns.pdbx_aniso_B_tensor_eigenvalue_2               ? 
_reflns.pdbx_aniso_B_tensor_eigenvalue_3               ? 
_reflns.pdbx_orthogonalization_convention              ? 
_reflns.pdbx_percent_possible_ellipsoidal              ? 
_reflns.pdbx_percent_possible_spherical                ? 
_reflns.pdbx_percent_possible_ellipsoidal_anomalous    ? 
_reflns.pdbx_percent_possible_spherical_anomalous      ? 
_reflns.pdbx_redundancy_anomalous                      ? 
_reflns.pdbx_CC_half_anomalous                         ? 
_reflns.pdbx_absDiff_over_sigma_anomalous              ? 
_reflns.pdbx_percent_possible_anomalous                ? 
_reflns.pdbx_observed_signal_threshold                 ? 
_reflns.pdbx_signal_type                               ? 
_reflns.pdbx_signal_details                            ? 
_reflns.pdbx_signal_software_id                        ? 
# 
_reflns_shell.d_res_high                                    2.0 
_reflns_shell.d_res_low                                     2.072 
_reflns_shell.meanI_over_sigI_all                           ? 
_reflns_shell.meanI_over_sigI_obs                           ? 
_reflns_shell.number_measured_all                           ? 
_reflns_shell.number_measured_obs                           ? 
_reflns_shell.number_possible                               ? 
_reflns_shell.number_unique_all                             ? 
_reflns_shell.number_unique_obs                             953 
_reflns_shell.percent_possible_obs                          ? 
_reflns_shell.Rmerge_F_all                                  ? 
_reflns_shell.Rmerge_F_obs                                  ? 
_reflns_shell.meanI_over_sigI_gt                            ? 
_reflns_shell.meanI_over_uI_all                             ? 
_reflns_shell.meanI_over_uI_gt                              ? 
_reflns_shell.number_measured_gt                            ? 
_reflns_shell.number_unique_gt                              ? 
_reflns_shell.percent_possible_gt                           ? 
_reflns_shell.Rmerge_F_gt                                   ? 
_reflns_shell.Rmerge_I_gt                                   ? 
_reflns_shell.pdbx_redundancy                               ? 
_reflns_shell.pdbx_chi_squared                              ? 
_reflns_shell.pdbx_netI_over_sigmaI_all                     ? 
_reflns_shell.pdbx_netI_over_sigmaI_obs                     ? 
_reflns_shell.pdbx_Rrim_I_all                               ? 
_reflns_shell.pdbx_Rpim_I_all                               ? 
_reflns_shell.pdbx_rejects                                  ? 
_reflns_shell.pdbx_ordinal                                  1 
_reflns_shell.pdbx_diffrn_id                                1 
_reflns_shell.pdbx_CC_half                                  0.993 
_reflns_shell.pdbx_CC_star                                  ? 
_reflns_shell.pdbx_R_split                                  ? 
_reflns_shell.percent_possible_all                          ? 
_reflns_shell.Rmerge_I_all                                  ? 
_reflns_shell.Rmerge_I_obs                                  ? 
_reflns_shell.pdbx_Rsym_value                               ? 
_reflns_shell.pdbx_percent_possible_ellipsoidal             ? 
_reflns_shell.pdbx_percent_possible_spherical               ? 
_reflns_shell.pdbx_percent_possible_ellipsoidal_anomalous   ? 
_reflns_shell.pdbx_percent_possible_spherical_anomalous     ? 
_reflns_shell.pdbx_redundancy_anomalous                     ? 
_reflns_shell.pdbx_CC_half_anomalous                        ? 
_reflns_shell.pdbx_absDiff_over_sigma_anomalous             ? 
_reflns_shell.pdbx_percent_possible_anomalous               ? 
# 
_refine.aniso_B[1][1]                            ? 
_refine.aniso_B[1][2]                            ? 
_refine.aniso_B[1][3]                            ? 
_refine.aniso_B[2][2]                            ? 
_refine.aniso_B[2][3]                            ? 
_refine.aniso_B[3][3]                            ? 
_refine.B_iso_max                                ? 
_refine.B_iso_mean                               37.91 
_refine.B_iso_min                                ? 
_refine.correlation_coeff_Fo_to_Fc               ? 
_refine.correlation_coeff_Fo_to_Fc_free          ? 
_refine.details                                  ? 
_refine.diff_density_max                         ? 
_refine.diff_density_max_esd                     ? 
_refine.diff_density_min                         ? 
_refine.diff_density_min_esd                     ? 
_refine.diff_density_rms                         ? 
_refine.diff_density_rms_esd                     ? 
_refine.entry_id                                 8S6U 
_refine.pdbx_refine_id                           'X-RAY DIFFRACTION' 
_refine.ls_abs_structure_details                 ? 
_refine.ls_abs_structure_Flack                   ? 
_refine.ls_abs_structure_Flack_esd               ? 
_refine.ls_abs_structure_Rogers                  ? 
_refine.ls_abs_structure_Rogers_esd              ? 
_refine.ls_d_res_high                            2.0 
_refine.ls_d_res_low                             40.26 
_refine.ls_extinction_coef                       ? 
_refine.ls_extinction_coef_esd                   ? 
_refine.ls_extinction_expression                 ? 
_refine.ls_extinction_method                     ? 
_refine.ls_goodness_of_fit_all                   ? 
_refine.ls_goodness_of_fit_all_esd               ? 
_refine.ls_goodness_of_fit_obs                   ? 
_refine.ls_goodness_of_fit_obs_esd               ? 
_refine.ls_hydrogen_treatment                    ? 
_refine.ls_matrix_type                           ? 
_refine.ls_number_constraints                    ? 
_refine.ls_number_parameters                     ? 
_refine.ls_number_reflns_all                     ? 
_refine.ls_number_reflns_obs                     11055 
_refine.ls_number_reflns_R_free                  ? 
_refine.ls_number_reflns_R_work                  ? 
_refine.ls_number_restraints                     ? 
_refine.ls_percent_reflns_obs                    99.9 
_refine.ls_percent_reflns_R_free                 ? 
_refine.ls_R_factor_all                          ? 
_refine.ls_R_factor_obs                          ? 
_refine.ls_R_factor_R_free                       0.24 
_refine.ls_R_factor_R_free_error                 ? 
_refine.ls_R_factor_R_free_error_details         ? 
_refine.ls_R_factor_R_work                       0.20 
_refine.ls_R_Fsqd_factor_obs                     ? 
_refine.ls_R_I_factor_obs                        ? 
_refine.ls_redundancy_reflns_all                 ? 
_refine.ls_redundancy_reflns_obs                 ? 
_refine.ls_restrained_S_all                      ? 
_refine.ls_restrained_S_obs                      ? 
_refine.ls_shift_over_esd_max                    ? 
_refine.ls_shift_over_esd_mean                   ? 
_refine.ls_structure_factor_coef                 ? 
_refine.ls_weighting_details                     ? 
_refine.ls_weighting_scheme                      ? 
_refine.ls_wR_factor_all                         ? 
_refine.ls_wR_factor_obs                         ? 
_refine.ls_wR_factor_R_free                      ? 
_refine.ls_wR_factor_R_work                      ? 
_refine.occupancy_max                            ? 
_refine.occupancy_min                            ? 
_refine.solvent_model_details                    ? 
_refine.solvent_model_param_bsol                 ? 
_refine.solvent_model_param_ksol                 ? 
_refine.pdbx_R_complete                          ? 
_refine.ls_R_factor_gt                           ? 
_refine.ls_goodness_of_fit_gt                    ? 
_refine.ls_goodness_of_fit_ref                   ? 
_refine.ls_shift_over_su_max                     ? 
_refine.ls_shift_over_su_max_lt                  ? 
_refine.ls_shift_over_su_mean                    ? 
_refine.ls_shift_over_su_mean_lt                 ? 
_refine.pdbx_ls_sigma_I                          ? 
_refine.pdbx_ls_sigma_F                          ? 
_refine.pdbx_ls_sigma_Fsqd                       ? 
_refine.pdbx_data_cutoff_high_absF               ? 
_refine.pdbx_data_cutoff_high_rms_absF           ? 
_refine.pdbx_data_cutoff_low_absF                ? 
_refine.pdbx_isotropic_thermal_model             ? 
_refine.pdbx_ls_cross_valid_method               'FREE R-VALUE' 
_refine.pdbx_method_to_determine_struct          'MOLECULAR REPLACEMENT' 
_refine.pdbx_starting_model                      ? 
_refine.pdbx_stereochemistry_target_values       'GeoStd + Monomer Library + CDL v1.2' 
_refine.pdbx_R_Free_selection_details            ? 
_refine.pdbx_stereochem_target_val_spec_case     ? 
_refine.pdbx_overall_ESU_R                       ? 
_refine.pdbx_overall_ESU_R_Free                  ? 
_refine.pdbx_solvent_vdw_probe_radii             ? 
_refine.pdbx_solvent_ion_probe_radii             ? 
_refine.pdbx_solvent_shrinkage_radii             ? 
_refine.pdbx_real_space_R                        ? 
_refine.pdbx_density_correlation                 ? 
_refine.pdbx_pd_number_of_powder_patterns        ? 
_refine.pdbx_pd_number_of_points                 ? 
_refine.pdbx_pd_meas_number_of_points            ? 
_refine.pdbx_pd_proc_ls_prof_R_factor            ? 
_refine.pdbx_pd_proc_ls_prof_wR_factor           ? 
_refine.pdbx_pd_Marquardt_correlation_coeff      ? 
_refine.pdbx_pd_Fsqrd_R_factor                   ? 
_refine.pdbx_pd_ls_matrix_band_width             ? 
_refine.pdbx_overall_phase_error                 ? 
_refine.pdbx_overall_SU_R_free_Cruickshank_DPI   ? 
_refine.pdbx_overall_SU_R_free_Blow_DPI          ? 
_refine.pdbx_overall_SU_R_Blow_DPI               ? 
_refine.pdbx_TLS_residual_ADP_flag               ? 
_refine.pdbx_diffrn_id                           1 
_refine.overall_SU_B                             ? 
_refine.overall_SU_ML                            ? 
_refine.overall_SU_R_Cruickshank_DPI             ? 
_refine.overall_SU_R_free                        ? 
_refine.overall_FOM_free_R_set                   ? 
_refine.overall_FOM_work_R_set                   ? 
_refine.pdbx_average_fsc_overall                 ? 
_refine.pdbx_average_fsc_work                    ? 
_refine.pdbx_average_fsc_free                    ? 
# 
_refine_hist.pdbx_refine_id                   'X-RAY DIFFRACTION' 
_refine_hist.cycle_id                         LAST 
_refine_hist.details                          ? 
_refine_hist.d_res_high                       2.0 
_refine_hist.d_res_low                        40.26 
_refine_hist.number_atoms_solvent             85 
_refine_hist.number_atoms_total               1339 
_refine_hist.number_reflns_all                ? 
_refine_hist.number_reflns_obs                ? 
_refine_hist.number_reflns_R_free             ? 
_refine_hist.number_reflns_R_work             ? 
_refine_hist.R_factor_all                     ? 
_refine_hist.R_factor_obs                     ? 
_refine_hist.R_factor_R_free                  ? 
_refine_hist.R_factor_R_work                  ? 
_refine_hist.pdbx_number_residues_total       ? 
_refine_hist.pdbx_B_iso_mean_ligand           ? 
_refine_hist.pdbx_B_iso_mean_solvent          ? 
_refine_hist.pdbx_number_atoms_protein        1254 
_refine_hist.pdbx_number_atoms_nucleic_acid   0 
_refine_hist.pdbx_number_atoms_ligand         0 
_refine_hist.pdbx_number_atoms_lipid          ? 
_refine_hist.pdbx_number_atoms_carb           ? 
_refine_hist.pdbx_pseudo_atom_details         ? 
# 
loop_
_refine_ls_restr.pdbx_refine_id 
_refine_ls_restr.criterion 
_refine_ls_restr.dev_ideal 
_refine_ls_restr.dev_ideal_target 
_refine_ls_restr.number 
_refine_ls_restr.rejects 
_refine_ls_restr.type 
_refine_ls_restr.weight 
_refine_ls_restr.pdbx_restraint_function 
'X-RAY DIFFRACTION' ? 0.0063  ? 1271 ? f_bond_d           ? ? 
'X-RAY DIFFRACTION' ? 0.8071  ? 1718 ? f_angle_d          ? ? 
'X-RAY DIFFRACTION' ? 0.0415  ? 203  ? f_chiral_restr     ? ? 
'X-RAY DIFFRACTION' ? 0.0055  ? 223  ? f_plane_restr      ? ? 
'X-RAY DIFFRACTION' ? 19.8203 ? 494  ? f_dihedral_angle_d ? ? 
# 
_struct.entry_id                     8S6U 
_struct.title                        'Structure of MLLE domain of Pab1 in complex with PAM2 of Upa1' 
_struct.pdbx_model_details           ? 
_struct.pdbx_formula_weight          ? 
_struct.pdbx_formula_weight_method   ? 
_struct.pdbx_model_type_details      ? 
_struct.pdbx_CASP_flag               N 
# 
_struct_keywords.entry_id        8S6U 
_struct_keywords.text            'RNA transport, RNA binding protein' 
_struct_keywords.pdbx_keywords   'RNA BINDING PROTEIN' 
# 
loop_
_struct_asym.id 
_struct_asym.pdbx_blank_PDB_chainid_flag 
_struct_asym.pdbx_modified 
_struct_asym.entity_id 
_struct_asym.details 
A N N 1 ? 
B N N 1 ? 
C N N 2 ? 
D N N 2 ? 
E N N 3 ? 
F N N 3 ? 
G N N 3 ? 
H N N 3 ? 
# 
loop_
_struct_ref.id 
_struct_ref.db_name 
_struct_ref.db_code 
_struct_ref.pdbx_db_accession 
_struct_ref.pdbx_db_isoform 
_struct_ref.entity_id 
_struct_ref.pdbx_seq_one_letter_code 
_struct_ref.pdbx_align_begin 
1 UNP PABP_USTMA Q4P8R9     ? 1 SPEEQKQMLGEAIYPKVAASQPELAGKLTGMILELPVTELLHLLEESEALDAKVNEALEVLKEYQQN 567 
2 UNP UPA1_USTMA A0A0D1E015 ? 2 STLSPNASVFKPSRS                                                     130 
# 
loop_
_struct_ref_seq.align_id 
_struct_ref_seq.ref_id 
_struct_ref_seq.pdbx_PDB_id_code 
_struct_ref_seq.pdbx_strand_id 
_struct_ref_seq.seq_align_beg 
_struct_ref_seq.pdbx_seq_align_beg_ins_code 
_struct_ref_seq.seq_align_end 
_struct_ref_seq.pdbx_seq_align_end_ins_code 
_struct_ref_seq.pdbx_db_accession 
_struct_ref_seq.db_align_beg 
_struct_ref_seq.pdbx_db_align_beg_ins_code 
_struct_ref_seq.db_align_end 
_struct_ref_seq.pdbx_db_align_end_ins_code 
_struct_ref_seq.pdbx_auth_seq_align_beg 
_struct_ref_seq.pdbx_auth_seq_align_end 
1 1 8S6U A 2 ? 68 ? Q4P8R9     567 ? 633 ? 1 67 
2 1 8S6U Q 2 ? 68 ? Q4P8R9     567 ? 633 ? 1 67 
3 2 8S6U C 1 ? 15 ? A0A0D1E015 130 ? 144 ? 3 17 
4 2 8S6U D 1 ? 15 ? A0A0D1E015 130 ? 144 ? 3 17 
# 
loop_
_struct_ref_seq_dif.align_id 
_struct_ref_seq_dif.pdbx_pdb_id_code 
_struct_ref_seq_dif.mon_id 
_struct_ref_seq_dif.pdbx_pdb_strand_id 
_struct_ref_seq_dif.seq_num 
_struct_ref_seq_dif.pdbx_pdb_ins_code 
_struct_ref_seq_dif.pdbx_seq_db_name 
_struct_ref_seq_dif.pdbx_seq_db_accession_code 
_struct_ref_seq_dif.db_mon_id 
_struct_ref_seq_dif.pdbx_seq_db_seq_num 
_struct_ref_seq_dif.details 
_struct_ref_seq_dif.pdbx_auth_seq_num 
_struct_ref_seq_dif.pdbx_ordinal 
1 8S6U HIS A 1 ? UNP Q4P8R9 ? ? 'expression tag' 0 1 
2 8S6U HIS Q 1 ? UNP Q4P8R9 ? ? 'expression tag' 0 2 
# 
loop_
_pdbx_struct_assembly.id 
_pdbx_struct_assembly.details 
_pdbx_struct_assembly.method_details 
_pdbx_struct_assembly.oligomeric_details 
_pdbx_struct_assembly.oligomeric_count 
1 software_defined_assembly PISA dimeric 2 
2 software_defined_assembly PISA dimeric 2 
# 
loop_
_pdbx_struct_assembly_prop.biol_id 
_pdbx_struct_assembly_prop.type 
_pdbx_struct_assembly_prop.value 
_pdbx_struct_assembly_prop.details 
1 'ABSA (A^2)' 1310 ? 
1 MORE         -11  ? 
1 'SSA (A^2)'  5390 ? 
2 'ABSA (A^2)' 1330 ? 
2 MORE         -10  ? 
2 'SSA (A^2)'  5330 ? 
# 
loop_
_pdbx_struct_assembly_gen.assembly_id 
_pdbx_struct_assembly_gen.oper_expression 
_pdbx_struct_assembly_gen.asym_id_list 
1 1 A,C,E,G 
2 1 B,D,F,H 
# 
_pdbx_struct_oper_list.id                   1 
_pdbx_struct_oper_list.type                 'identity operation' 
_pdbx_struct_oper_list.name                 1_555 
_pdbx_struct_oper_list.symmetry_operation   x,y,z 
_pdbx_struct_oper_list.matrix[1][1]         1.0000000000 
_pdbx_struct_oper_list.matrix[1][2]         0.0000000000 
_pdbx_struct_oper_list.matrix[1][3]         0.0000000000 
_pdbx_struct_oper_list.vector[1]            0.0000000000 
_pdbx_struct_oper_list.matrix[2][1]         0.0000000000 
_pdbx_struct_oper_list.matrix[2][2]         1.0000000000 
_pdbx_struct_oper_list.matrix[2][3]         0.0000000000 
_pdbx_struct_oper_list.vector[2]            0.0000000000 
_pdbx_struct_oper_list.matrix[3][1]         0.0000000000 
_pdbx_struct_oper_list.matrix[3][2]         0.0000000000 
_pdbx_struct_oper_list.matrix[3][3]         1.0000000000 
_pdbx_struct_oper_list.vector[3]            0.0000000000 
# 
loop_
_struct_conf.conf_type_id 
_struct_conf.id 
_struct_conf.pdbx_PDB_helix_id 
_struct_conf.beg_label_comp_id 
_struct_conf.beg_label_asym_id 
_struct_conf.beg_label_seq_id 
_struct_conf.pdbx_beg_PDB_ins_code 
_struct_conf.end_label_comp_id 
_struct_conf.end_label_asym_id 
_struct_conf.end_label_seq_id 
_struct_conf.pdbx_end_PDB_ins_code 
_struct_conf.beg_auth_comp_id 
_struct_conf.beg_auth_asym_id 
_struct_conf.beg_auth_seq_id 
_struct_conf.end_auth_comp_id 
_struct_conf.end_auth_asym_id 
_struct_conf.end_auth_seq_id 
_struct_conf.pdbx_PDB_helix_class 
_struct_conf.details 
_struct_conf.pdbx_PDB_helix_length 
HELX_P HELX_P1 AA1 SER A 2  ? ALA A 20 ? SER A 1  ALA A 19 1 ? 19 
HELX_P HELX_P2 AA2 LEU A 25 ? LEU A 34 ? LEU A 24 LEU A 33 1 ? 10 
HELX_P HELX_P3 AA3 PRO A 37 ? GLU A 47 ? PRO A 36 GLU A 46 1 ? 11 
HELX_P HELX_P4 AA4 GLU A 47 ? GLN A 67 ? GLU A 46 GLN A 66 1 ? 21 
HELX_P HELX_P5 AA5 SER B 2  ? GLN B 22 ? SER Q 1  GLN Q 21 1 ? 21 
HELX_P HELX_P6 AA6 LEU B 25 ? LEU B 34 ? LEU Q 24 LEU Q 33 1 ? 10 
HELX_P HELX_P7 AA7 PRO B 37 ? GLU B 47 ? PRO Q 36 GLU Q 46 1 ? 11 
HELX_P HELX_P8 AA8 GLU B 47 ? GLN B 66 ? GLU Q 46 GLN Q 65 1 ? 20 
# 
_struct_conf_type.id          HELX_P 
_struct_conf_type.criteria    ? 
_struct_conf_type.reference   ? 
# 
_pdbx_entry_details.entry_id                   8S6U 
_pdbx_entry_details.nonpolymer_details         ? 
_pdbx_entry_details.sequence_details           ? 
_pdbx_entry_details.compound_details           ? 
_pdbx_entry_details.source_details             ? 
_pdbx_entry_details.has_ligand_of_interest     Y 
_pdbx_entry_details.has_protein_modification   N 
# 
loop_
_pdbx_validate_close_contact.id 
_pdbx_validate_close_contact.PDB_model_num 
_pdbx_validate_close_contact.auth_atom_id_1 
_pdbx_validate_close_contact.auth_asym_id_1 
_pdbx_validate_close_contact.auth_comp_id_1 
_pdbx_validate_close_contact.auth_seq_id_1 
_pdbx_validate_close_contact.PDB_ins_code_1 
_pdbx_validate_close_contact.label_alt_id_1 
_pdbx_validate_close_contact.auth_atom_id_2 
_pdbx_validate_close_contact.auth_asym_id_2 
_pdbx_validate_close_contact.auth_comp_id_2 
_pdbx_validate_close_contact.auth_seq_id_2 
_pdbx_validate_close_contact.PDB_ins_code_2 
_pdbx_validate_close_contact.label_alt_id_2 
_pdbx_validate_close_contact.dist 
1 1 ND2 A ASN 67  ? ? O A HOH 101 ? ? 2.07 
2 1 O   D HOH 107 ? ? O D HOH 108 ? ? 2.09 
3 1 O   C SER 15  ? ? O C HOH 101 ? ? 2.15 
4 1 OE1 A GLU 34  ? ? O A HOH 102 ? ? 2.18 
# 
_pdbx_validate_torsion.id              1 
_pdbx_validate_torsion.PDB_model_num   1 
_pdbx_validate_torsion.auth_comp_id    GLN 
_pdbx_validate_torsion.auth_asym_id    A 
_pdbx_validate_torsion.auth_seq_id     66 
_pdbx_validate_torsion.PDB_ins_code    ? 
_pdbx_validate_torsion.label_alt_id    ? 
_pdbx_validate_torsion.phi             -98.76 
_pdbx_validate_torsion.psi             -77.91 
# 
loop_
_space_group_symop.id 
_space_group_symop.operation_xyz 
1 x,y,z           
2 -x,y,-z         
3 x+1/2,y+1/2,z   
4 -x+1/2,y+1/2,-z 
# 
loop_
_pdbx_unobs_or_zero_occ_residues.id 
_pdbx_unobs_or_zero_occ_residues.PDB_model_num 
_pdbx_unobs_or_zero_occ_residues.polymer_flag 
_pdbx_unobs_or_zero_occ_residues.occupancy_flag 
_pdbx_unobs_or_zero_occ_residues.auth_asym_id 
_pdbx_unobs_or_zero_occ_residues.auth_comp_id 
_pdbx_unobs_or_zero_occ_residues.auth_seq_id 
_pdbx_unobs_or_zero_occ_residues.PDB_ins_code 
_pdbx_unobs_or_zero_occ_residues.label_asym_id 
_pdbx_unobs_or_zero_occ_residues.label_comp_id 
_pdbx_unobs_or_zero_occ_residues.label_seq_id 
1 1 Y 1 A HIS 0  ? A HIS 1  
2 1 Y 1 Q ASN 67 ? B ASN 68 
3 1 Y 1 D SER 17 ? D SER 15 
# 
loop_
_chem_comp_atom.comp_id 
_chem_comp_atom.atom_id 
_chem_comp_atom.type_symbol 
_chem_comp_atom.pdbx_aromatic_flag 
_chem_comp_atom.pdbx_stereo_config 
_chem_comp_atom.pdbx_ordinal 
ALA N    N N N 1   
ALA CA   C N S 2   
ALA C    C N N 3   
ALA O    O N N 4   
ALA CB   C N N 5   
ALA OXT  O N N 6   
ALA H    H N N 7   
ALA H2   H N N 8   
ALA HA   H N N 9   
ALA HB1  H N N 10  
ALA HB2  H N N 11  
ALA HB3  H N N 12  
ALA HXT  H N N 13  
ARG N    N N N 14  
ARG CA   C N S 15  
ARG C    C N N 16  
ARG O    O N N 17  
ARG CB   C N N 18  
ARG CG   C N N 19  
ARG CD   C N N 20  
ARG NE   N N N 21  
ARG CZ   C N N 22  
ARG NH1  N N N 23  
ARG NH2  N N N 24  
ARG OXT  O N N 25  
ARG H    H N N 26  
ARG H2   H N N 27  
ARG HA   H N N 28  
ARG HB2  H N N 29  
ARG HB3  H N N 30  
ARG HG2  H N N 31  
ARG HG3  H N N 32  
ARG HD2  H N N 33  
ARG HD3  H N N 34  
ARG HE   H N N 35  
ARG HH11 H N N 36  
ARG HH12 H N N 37  
ARG HH21 H N N 38  
ARG HH22 H N N 39  
ARG HXT  H N N 40  
ASN N    N N N 41  
ASN CA   C N S 42  
ASN C    C N N 43  
ASN O    O N N 44  
ASN CB   C N N 45  
ASN CG   C N N 46  
ASN OD1  O N N 47  
ASN ND2  N N N 48  
ASN OXT  O N N 49  
ASN H    H N N 50  
ASN H2   H N N 51  
ASN HA   H N N 52  
ASN HB2  H N N 53  
ASN HB3  H N N 54  
ASN HD21 H N N 55  
ASN HD22 H N N 56  
ASN HXT  H N N 57  
ASP N    N N N 58  
ASP CA   C N S 59  
ASP C    C N N 60  
ASP O    O N N 61  
ASP CB   C N N 62  
ASP CG   C N N 63  
ASP OD1  O N N 64  
ASP OD2  O N N 65  
ASP OXT  O N N 66  
ASP H    H N N 67  
ASP H2   H N N 68  
ASP HA   H N N 69  
ASP HB2  H N N 70  
ASP HB3  H N N 71  
ASP HD2  H N N 72  
ASP HXT  H N N 73  
GLN N    N N N 74  
GLN CA   C N S 75  
GLN C    C N N 76  
GLN O    O N N 77  
GLN CB   C N N 78  
GLN CG   C N N 79  
GLN CD   C N N 80  
GLN OE1  O N N 81  
GLN NE2  N N N 82  
GLN OXT  O N N 83  
GLN H    H N N 84  
GLN H2   H N N 85  
GLN HA   H N N 86  
GLN HB2  H N N 87  
GLN HB3  H N N 88  
GLN HG2  H N N 89  
GLN HG3  H N N 90  
GLN HE21 H N N 91  
GLN HE22 H N N 92  
GLN HXT  H N N 93  
GLU N    N N N 94  
GLU CA   C N S 95  
GLU C    C N N 96  
GLU O    O N N 97  
GLU CB   C N N 98  
GLU CG   C N N 99  
GLU CD   C N N 100 
GLU OE1  O N N 101 
GLU OE2  O N N 102 
GLU OXT  O N N 103 
GLU H    H N N 104 
GLU H2   H N N 105 
GLU HA   H N N 106 
GLU HB2  H N N 107 
GLU HB3  H N N 108 
GLU HG2  H N N 109 
GLU HG3  H N N 110 
GLU HE2  H N N 111 
GLU HXT  H N N 112 
GLY N    N N N 113 
GLY CA   C N N 114 
GLY C    C N N 115 
GLY O    O N N 116 
GLY OXT  O N N 117 
GLY H    H N N 118 
GLY H2   H N N 119 
GLY HA2  H N N 120 
GLY HA3  H N N 121 
GLY HXT  H N N 122 
HIS N    N N N 123 
HIS CA   C N S 124 
HIS C    C N N 125 
HIS O    O N N 126 
HIS CB   C N N 127 
HIS CG   C Y N 128 
HIS ND1  N Y N 129 
HIS CD2  C Y N 130 
HIS CE1  C Y N 131 
HIS NE2  N Y N 132 
HIS OXT  O N N 133 
HIS H    H N N 134 
HIS H2   H N N 135 
HIS HA   H N N 136 
HIS HB2  H N N 137 
HIS HB3  H N N 138 
HIS HD1  H N N 139 
HIS HD2  H N N 140 
HIS HE1  H N N 141 
HIS HE2  H N N 142 
HIS HXT  H N N 143 
HOH O    O N N 144 
HOH H1   H N N 145 
HOH H2   H N N 146 
ILE N    N N N 147 
ILE CA   C N S 148 
ILE C    C N N 149 
ILE O    O N N 150 
ILE CB   C N S 151 
ILE CG1  C N N 152 
ILE CG2  C N N 153 
ILE CD1  C N N 154 
ILE OXT  O N N 155 
ILE H    H N N 156 
ILE H2   H N N 157 
ILE HA   H N N 158 
ILE HB   H N N 159 
ILE HG12 H N N 160 
ILE HG13 H N N 161 
ILE HG21 H N N 162 
ILE HG22 H N N 163 
ILE HG23 H N N 164 
ILE HD11 H N N 165 
ILE HD12 H N N 166 
ILE HD13 H N N 167 
ILE HXT  H N N 168 
LEU N    N N N 169 
LEU CA   C N S 170 
LEU C    C N N 171 
LEU O    O N N 172 
LEU CB   C N N 173 
LEU CG   C N N 174 
LEU CD1  C N N 175 
LEU CD2  C N N 176 
LEU OXT  O N N 177 
LEU H    H N N 178 
LEU H2   H N N 179 
LEU HA   H N N 180 
LEU HB2  H N N 181 
LEU HB3  H N N 182 
LEU HG   H N N 183 
LEU HD11 H N N 184 
LEU HD12 H N N 185 
LEU HD13 H N N 186 
LEU HD21 H N N 187 
LEU HD22 H N N 188 
LEU HD23 H N N 189 
LEU HXT  H N N 190 
LYS N    N N N 191 
LYS CA   C N S 192 
LYS C    C N N 193 
LYS O    O N N 194 
LYS CB   C N N 195 
LYS CG   C N N 196 
LYS CD   C N N 197 
LYS CE   C N N 198 
LYS NZ   N N N 199 
LYS OXT  O N N 200 
LYS H    H N N 201 
LYS H2   H N N 202 
LYS HA   H N N 203 
LYS HB2  H N N 204 
LYS HB3  H N N 205 
LYS HG2  H N N 206 
LYS HG3  H N N 207 
LYS HD2  H N N 208 
LYS HD3  H N N 209 
LYS HE2  H N N 210 
LYS HE3  H N N 211 
LYS HZ1  H N N 212 
LYS HZ2  H N N 213 
LYS HZ3  H N N 214 
LYS HXT  H N N 215 
MET N    N N N 216 
MET CA   C N S 217 
MET C    C N N 218 
MET O    O N N 219 
MET CB   C N N 220 
MET CG   C N N 221 
MET SD   S N N 222 
MET CE   C N N 223 
MET OXT  O N N 224 
MET H    H N N 225 
MET H2   H N N 226 
MET HA   H N N 227 
MET HB2  H N N 228 
MET HB3  H N N 229 
MET HG2  H N N 230 
MET HG3  H N N 231 
MET HE1  H N N 232 
MET HE2  H N N 233 
MET HE3  H N N 234 
MET HXT  H N N 235 
PHE N    N N N 236 
PHE CA   C N S 237 
PHE C    C N N 238 
PHE O    O N N 239 
PHE CB   C N N 240 
PHE CG   C Y N 241 
PHE CD1  C Y N 242 
PHE CD2  C Y N 243 
PHE CE1  C Y N 244 
PHE CE2  C Y N 245 
PHE CZ   C Y N 246 
PHE OXT  O N N 247 
PHE H    H N N 248 
PHE H2   H N N 249 
PHE HA   H N N 250 
PHE HB2  H N N 251 
PHE HB3  H N N 252 
PHE HD1  H N N 253 
PHE HD2  H N N 254 
PHE HE1  H N N 255 
PHE HE2  H N N 256 
PHE HZ   H N N 257 
PHE HXT  H N N 258 
PRO N    N N N 259 
PRO CA   C N S 260 
PRO C    C N N 261 
PRO O    O N N 262 
PRO CB   C N N 263 
PRO CG   C N N 264 
PRO CD   C N N 265 
PRO OXT  O N N 266 
PRO H    H N N 267 
PRO HA   H N N 268 
PRO HB2  H N N 269 
PRO HB3  H N N 270 
PRO HG2  H N N 271 
PRO HG3  H N N 272 
PRO HD2  H N N 273 
PRO HD3  H N N 274 
PRO HXT  H N N 275 
SER N    N N N 276 
SER CA   C N S 277 
SER C    C N N 278 
SER O    O N N 279 
SER CB   C N N 280 
SER OG   O N N 281 
SER OXT  O N N 282 
SER H    H N N 283 
SER H2   H N N 284 
SER HA   H N N 285 
SER HB2  H N N 286 
SER HB3  H N N 287 
SER HG   H N N 288 
SER HXT  H N N 289 
THR N    N N N 290 
THR CA   C N S 291 
THR C    C N N 292 
THR O    O N N 293 
THR CB   C N R 294 
THR OG1  O N N 295 
THR CG2  C N N 296 
THR OXT  O N N 297 
THR H    H N N 298 
THR H2   H N N 299 
THR HA   H N N 300 
THR HB   H N N 301 
THR HG1  H N N 302 
THR HG21 H N N 303 
THR HG22 H N N 304 
THR HG23 H N N 305 
THR HXT  H N N 306 
TYR N    N N N 307 
TYR CA   C N S 308 
TYR C    C N N 309 
TYR O    O N N 310 
TYR CB   C N N 311 
TYR CG   C Y N 312 
TYR CD1  C Y N 313 
TYR CD2  C Y N 314 
TYR CE1  C Y N 315 
TYR CE2  C Y N 316 
TYR CZ   C Y N 317 
TYR OH   O N N 318 
TYR OXT  O N N 319 
TYR H    H N N 320 
TYR H2   H N N 321 
TYR HA   H N N 322 
TYR HB2  H N N 323 
TYR HB3  H N N 324 
TYR HD1  H N N 325 
TYR HD2  H N N 326 
TYR HE1  H N N 327 
TYR HE2  H N N 328 
TYR HH   H N N 329 
TYR HXT  H N N 330 
VAL N    N N N 331 
VAL CA   C N S 332 
VAL C    C N N 333 
VAL O    O N N 334 
VAL CB   C N N 335 
VAL CG1  C N N 336 
VAL CG2  C N N 337 
VAL OXT  O N N 338 
VAL H    H N N 339 
VAL H2   H N N 340 
VAL HA   H N N 341 
VAL HB   H N N 342 
VAL HG11 H N N 343 
VAL HG12 H N N 344 
VAL HG13 H N N 345 
VAL HG21 H N N 346 
VAL HG22 H N N 347 
VAL HG23 H N N 348 
VAL HXT  H N N 349 
# 
loop_
_chem_comp_bond.comp_id 
_chem_comp_bond.atom_id_1 
_chem_comp_bond.atom_id_2 
_chem_comp_bond.value_order 
_chem_comp_bond.pdbx_aromatic_flag 
_chem_comp_bond.pdbx_stereo_config 
_chem_comp_bond.pdbx_ordinal 
ALA N   CA   sing N N 1   
ALA N   H    sing N N 2   
ALA N   H2   sing N N 3   
ALA CA  C    sing N N 4   
ALA CA  CB   sing N N 5   
ALA CA  HA   sing N N 6   
ALA C   O    doub N N 7   
ALA C   OXT  sing N N 8   
ALA CB  HB1  sing N N 9   
ALA CB  HB2  sing N N 10  
ALA CB  HB3  sing N N 11  
ALA OXT HXT  sing N N 12  
ARG N   CA   sing N N 13  
ARG N   H    sing N N 14  
ARG N   H2   sing N N 15  
ARG CA  C    sing N N 16  
ARG CA  CB   sing N N 17  
ARG CA  HA   sing N N 18  
ARG C   O    doub N N 19  
ARG C   OXT  sing N N 20  
ARG CB  CG   sing N N 21  
ARG CB  HB2  sing N N 22  
ARG CB  HB3  sing N N 23  
ARG CG  CD   sing N N 24  
ARG CG  HG2  sing N N 25  
ARG CG  HG3  sing N N 26  
ARG CD  NE   sing N N 27  
ARG CD  HD2  sing N N 28  
ARG CD  HD3  sing N N 29  
ARG NE  CZ   sing N N 30  
ARG NE  HE   sing N N 31  
ARG CZ  NH1  sing N N 32  
ARG CZ  NH2  doub N N 33  
ARG NH1 HH11 sing N N 34  
ARG NH1 HH12 sing N N 35  
ARG NH2 HH21 sing N N 36  
ARG NH2 HH22 sing N N 37  
ARG OXT HXT  sing N N 38  
ASN N   CA   sing N N 39  
ASN N   H    sing N N 40  
ASN N   H2   sing N N 41  
ASN CA  C    sing N N 42  
ASN CA  CB   sing N N 43  
ASN CA  HA   sing N N 44  
ASN C   O    doub N N 45  
ASN C   OXT  sing N N 46  
ASN CB  CG   sing N N 47  
ASN CB  HB2  sing N N 48  
ASN CB  HB3  sing N N 49  
ASN CG  OD1  doub N N 50  
ASN CG  ND2  sing N N 51  
ASN ND2 HD21 sing N N 52  
ASN ND2 HD22 sing N N 53  
ASN OXT HXT  sing N N 54  
ASP N   CA   sing N N 55  
ASP N   H    sing N N 56  
ASP N   H2   sing N N 57  
ASP CA  C    sing N N 58  
ASP CA  CB   sing N N 59  
ASP CA  HA   sing N N 60  
ASP C   O    doub N N 61  
ASP C   OXT  sing N N 62  
ASP CB  CG   sing N N 63  
ASP CB  HB2  sing N N 64  
ASP CB  HB3  sing N N 65  
ASP CG  OD1  doub N N 66  
ASP CG  OD2  sing N N 67  
ASP OD2 HD2  sing N N 68  
ASP OXT HXT  sing N N 69  
GLN N   CA   sing N N 70  
GLN N   H    sing N N 71  
GLN N   H2   sing N N 72  
GLN CA  C    sing N N 73  
GLN CA  CB   sing N N 74  
GLN CA  HA   sing N N 75  
GLN C   O    doub N N 76  
GLN C   OXT  sing N N 77  
GLN CB  CG   sing N N 78  
GLN CB  HB2  sing N N 79  
GLN CB  HB3  sing N N 80  
GLN CG  CD   sing N N 81  
GLN CG  HG2  sing N N 82  
GLN CG  HG3  sing N N 83  
GLN CD  OE1  doub N N 84  
GLN CD  NE2  sing N N 85  
GLN NE2 HE21 sing N N 86  
GLN NE2 HE22 sing N N 87  
GLN OXT HXT  sing N N 88  
GLU N   CA   sing N N 89  
GLU N   H    sing N N 90  
GLU N   H2   sing N N 91  
GLU CA  C    sing N N 92  
GLU CA  CB   sing N N 93  
GLU CA  HA   sing N N 94  
GLU C   O    doub N N 95  
GLU C   OXT  sing N N 96  
GLU CB  CG   sing N N 97  
GLU CB  HB2  sing N N 98  
GLU CB  HB3  sing N N 99  
GLU CG  CD   sing N N 100 
GLU CG  HG2  sing N N 101 
GLU CG  HG3  sing N N 102 
GLU CD  OE1  doub N N 103 
GLU CD  OE2  sing N N 104 
GLU OE2 HE2  sing N N 105 
GLU OXT HXT  sing N N 106 
GLY N   CA   sing N N 107 
GLY N   H    sing N N 108 
GLY N   H2   sing N N 109 
GLY CA  C    sing N N 110 
GLY CA  HA2  sing N N 111 
GLY CA  HA3  sing N N 112 
GLY C   O    doub N N 113 
GLY C   OXT  sing N N 114 
GLY OXT HXT  sing N N 115 
HIS N   CA   sing N N 116 
HIS N   H    sing N N 117 
HIS N   H2   sing N N 118 
HIS CA  C    sing N N 119 
HIS CA  CB   sing N N 120 
HIS CA  HA   sing N N 121 
HIS C   O    doub N N 122 
HIS C   OXT  sing N N 123 
HIS CB  CG   sing N N 124 
HIS CB  HB2  sing N N 125 
HIS CB  HB3  sing N N 126 
HIS CG  ND1  sing Y N 127 
HIS CG  CD2  doub Y N 128 
HIS ND1 CE1  doub Y N 129 
HIS ND1 HD1  sing N N 130 
HIS CD2 NE2  sing Y N 131 
HIS CD2 HD2  sing N N 132 
HIS CE1 NE2  sing Y N 133 
HIS CE1 HE1  sing N N 134 
HIS NE2 HE2  sing N N 135 
HIS OXT HXT  sing N N 136 
HOH O   H1   sing N N 137 
HOH O   H2   sing N N 138 
ILE N   CA   sing N N 139 
ILE N   H    sing N N 140 
ILE N   H2   sing N N 141 
ILE CA  C    sing N N 142 
ILE CA  CB   sing N N 143 
ILE CA  HA   sing N N 144 
ILE C   O    doub N N 145 
ILE C   OXT  sing N N 146 
ILE CB  CG1  sing N N 147 
ILE CB  CG2  sing N N 148 
ILE CB  HB   sing N N 149 
ILE CG1 CD1  sing N N 150 
ILE CG1 HG12 sing N N 151 
ILE CG1 HG13 sing N N 152 
ILE CG2 HG21 sing N N 153 
ILE CG2 HG22 sing N N 154 
ILE CG2 HG23 sing N N 155 
ILE CD1 HD11 sing N N 156 
ILE CD1 HD12 sing N N 157 
ILE CD1 HD13 sing N N 158 
ILE OXT HXT  sing N N 159 
LEU N   CA   sing N N 160 
LEU N   H    sing N N 161 
LEU N   H2   sing N N 162 
LEU CA  C    sing N N 163 
LEU CA  CB   sing N N 164 
LEU CA  HA   sing N N 165 
LEU C   O    doub N N 166 
LEU C   OXT  sing N N 167 
LEU CB  CG   sing N N 168 
LEU CB  HB2  sing N N 169 
LEU CB  HB3  sing N N 170 
LEU CG  CD1  sing N N 171 
LEU CG  CD2  sing N N 172 
LEU CG  HG   sing N N 173 
LEU CD1 HD11 sing N N 174 
LEU CD1 HD12 sing N N 175 
LEU CD1 HD13 sing N N 176 
LEU CD2 HD21 sing N N 177 
LEU CD2 HD22 sing N N 178 
LEU CD2 HD23 sing N N 179 
LEU OXT HXT  sing N N 180 
LYS N   CA   sing N N 181 
LYS N   H    sing N N 182 
LYS N   H2   sing N N 183 
LYS CA  C    sing N N 184 
LYS CA  CB   sing N N 185 
LYS CA  HA   sing N N 186 
LYS C   O    doub N N 187 
LYS C   OXT  sing N N 188 
LYS CB  CG   sing N N 189 
LYS CB  HB2  sing N N 190 
LYS CB  HB3  sing N N 191 
LYS CG  CD   sing N N 192 
LYS CG  HG2  sing N N 193 
LYS CG  HG3  sing N N 194 
LYS CD  CE   sing N N 195 
LYS CD  HD2  sing N N 196 
LYS CD  HD3  sing N N 197 
LYS CE  NZ   sing N N 198 
LYS CE  HE2  sing N N 199 
LYS CE  HE3  sing N N 200 
LYS NZ  HZ1  sing N N 201 
LYS NZ  HZ2  sing N N 202 
LYS NZ  HZ3  sing N N 203 
LYS OXT HXT  sing N N 204 
MET N   CA   sing N N 205 
MET N   H    sing N N 206 
MET N   H2   sing N N 207 
MET CA  C    sing N N 208 
MET CA  CB   sing N N 209 
MET CA  HA   sing N N 210 
MET C   O    doub N N 211 
MET C   OXT  sing N N 212 
MET CB  CG   sing N N 213 
MET CB  HB2  sing N N 214 
MET CB  HB3  sing N N 215 
MET CG  SD   sing N N 216 
MET CG  HG2  sing N N 217 
MET CG  HG3  sing N N 218 
MET SD  CE   sing N N 219 
MET CE  HE1  sing N N 220 
MET CE  HE2  sing N N 221 
MET CE  HE3  sing N N 222 
MET OXT HXT  sing N N 223 
PHE N   CA   sing N N 224 
PHE N   H    sing N N 225 
PHE N   H2   sing N N 226 
PHE CA  C    sing N N 227 
PHE CA  CB   sing N N 228 
PHE CA  HA   sing N N 229 
PHE C   O    doub N N 230 
PHE C   OXT  sing N N 231 
PHE CB  CG   sing N N 232 
PHE CB  HB2  sing N N 233 
PHE CB  HB3  sing N N 234 
PHE CG  CD1  doub Y N 235 
PHE CG  CD2  sing Y N 236 
PHE CD1 CE1  sing Y N 237 
PHE CD1 HD1  sing N N 238 
PHE CD2 CE2  doub Y N 239 
PHE CD2 HD2  sing N N 240 
PHE CE1 CZ   doub Y N 241 
PHE CE1 HE1  sing N N 242 
PHE CE2 CZ   sing Y N 243 
PHE CE2 HE2  sing N N 244 
PHE CZ  HZ   sing N N 245 
PHE OXT HXT  sing N N 246 
PRO N   CA   sing N N 247 
PRO N   CD   sing N N 248 
PRO N   H    sing N N 249 
PRO CA  C    sing N N 250 
PRO CA  CB   sing N N 251 
PRO CA  HA   sing N N 252 
PRO C   O    doub N N 253 
PRO C   OXT  sing N N 254 
PRO CB  CG   sing N N 255 
PRO CB  HB2  sing N N 256 
PRO CB  HB3  sing N N 257 
PRO CG  CD   sing N N 258 
PRO CG  HG2  sing N N 259 
PRO CG  HG3  sing N N 260 
PRO CD  HD2  sing N N 261 
PRO CD  HD3  sing N N 262 
PRO OXT HXT  sing N N 263 
SER N   CA   sing N N 264 
SER N   H    sing N N 265 
SER N   H2   sing N N 266 
SER CA  C    sing N N 267 
SER CA  CB   sing N N 268 
SER CA  HA   sing N N 269 
SER C   O    doub N N 270 
SER C   OXT  sing N N 271 
SER CB  OG   sing N N 272 
SER CB  HB2  sing N N 273 
SER CB  HB3  sing N N 274 
SER OG  HG   sing N N 275 
SER OXT HXT  sing N N 276 
THR N   CA   sing N N 277 
THR N   H    sing N N 278 
THR N   H2   sing N N 279 
THR CA  C    sing N N 280 
THR CA  CB   sing N N 281 
THR CA  HA   sing N N 282 
THR C   O    doub N N 283 
THR C   OXT  sing N N 284 
THR CB  OG1  sing N N 285 
THR CB  CG2  sing N N 286 
THR CB  HB   sing N N 287 
THR OG1 HG1  sing N N 288 
THR CG2 HG21 sing N N 289 
THR CG2 HG22 sing N N 290 
THR CG2 HG23 sing N N 291 
THR OXT HXT  sing N N 292 
TYR N   CA   sing N N 293 
TYR N   H    sing N N 294 
TYR N   H2   sing N N 295 
TYR CA  C    sing N N 296 
TYR CA  CB   sing N N 297 
TYR CA  HA   sing N N 298 
TYR C   O    doub N N 299 
TYR C   OXT  sing N N 300 
TYR CB  CG   sing N N 301 
TYR CB  HB2  sing N N 302 
TYR CB  HB3  sing N N 303 
TYR CG  CD1  doub Y N 304 
TYR CG  CD2  sing Y N 305 
TYR CD1 CE1  sing Y N 306 
TYR CD1 HD1  sing N N 307 
TYR CD2 CE2  doub Y N 308 
TYR CD2 HD2  sing N N 309 
TYR CE1 CZ   doub Y N 310 
TYR CE1 HE1  sing N N 311 
TYR CE2 CZ   sing Y N 312 
TYR CE2 HE2  sing N N 313 
TYR CZ  OH   sing N N 314 
TYR OH  HH   sing N N 315 
TYR OXT HXT  sing N N 316 
VAL N   CA   sing N N 317 
VAL N   H    sing N N 318 
VAL N   H2   sing N N 319 
VAL CA  C    sing N N 320 
VAL CA  CB   sing N N 321 
VAL CA  HA   sing N N 322 
VAL C   O    doub N N 323 
VAL C   OXT  sing N N 324 
VAL CB  CG1  sing N N 325 
VAL CB  CG2  sing N N 326 
VAL CB  HB   sing N N 327 
VAL CG1 HG11 sing N N 328 
VAL CG1 HG12 sing N N 329 
VAL CG1 HG13 sing N N 330 
VAL CG2 HG21 sing N N 331 
VAL CG2 HG22 sing N N 332 
VAL CG2 HG23 sing N N 333 
VAL OXT HXT  sing N N 334 
# 
_pdbx_audit_support.funding_organization   'German Research Foundation (DFG)' 
_pdbx_audit_support.country                Germany 
_pdbx_audit_support.grant_number           417919780 
_pdbx_audit_support.ordinal                1 
# 
_pdbx_initial_refinement_model.id               1 
_pdbx_initial_refinement_model.entity_id_list   ? 
_pdbx_initial_refinement_model.type             'experimental model' 
_pdbx_initial_refinement_model.source_name      PDB 
_pdbx_initial_refinement_model.accession_code   8S6N 
_pdbx_initial_refinement_model.details          ? 
# 
_space_group.crystal_system   monoclinic 
_space_group.name_H-M_alt     'C 1 2 1' 
_space_group.IT_number        5 
_space_group.name_Hall        'C 2y' 
_space_group.id               1 
# 
_atom_sites.entry_id                    8S6U 
_atom_sites.Cartn_transf_matrix[1][1]   ? 
_atom_sites.Cartn_transf_matrix[1][2]   ? 
_atom_sites.Cartn_transf_matrix[1][3]   ? 
_atom_sites.Cartn_transf_matrix[2][1]   ? 
_atom_sites.Cartn_transf_matrix[2][2]   ? 
_atom_sites.Cartn_transf_matrix[2][3]   ? 
_atom_sites.Cartn_transf_matrix[3][1]   ? 
_atom_sites.Cartn_transf_matrix[3][2]   ? 
_atom_sites.Cartn_transf_matrix[3][3]   ? 
_atom_sites.Cartn_transf_vector[1]      ? 
_atom_sites.Cartn_transf_vector[2]      ? 
_atom_sites.Cartn_transf_vector[3]      ? 
_atom_sites.Cartn_transform_axes        ? 
_atom_sites.fract_transf_matrix[1][1]   0.00939186 
_atom_sites.fract_transf_matrix[1][2]   0.00824060 
_atom_sites.fract_transf_matrix[1][3]   -0.00286001 
_atom_sites.fract_transf_matrix[2][1]   -0.00652357 
_atom_sites.fract_transf_matrix[2][2]   0.00050762 
_atom_sites.fract_transf_matrix[2][3]   -0.01995984 
_atom_sites.fract_transf_matrix[3][1]   -0.00486993 
_atom_sites.fract_transf_matrix[3][2]   0.02425965 
_atom_sites.fract_transf_matrix[3][3]   0.00220864 
_atom_sites.fract_transf_vector[1]      0.249338 
_atom_sites.fract_transf_vector[2]      -0.133088 
_atom_sites.fract_transf_vector[3]      0.237965 
_atom_sites.solution_primary            ? 
_atom_sites.solution_secondary          ? 
_atom_sites.solution_hydrogens          ? 
_atom_sites.special_details             ? 
# 
loop_
_atom_type.symbol 
C  
N  
NA 
O  
S  
# 
loop_
_atom_site.group_PDB 
_atom_site.id 
_atom_site.type_symbol 
_atom_site.label_atom_id 
_atom_site.label_alt_id 
_atom_site.label_comp_id 
_atom_site.label_asym_id 
_atom_site.label_entity_id 
_atom_site.label_seq_id 
_atom_site.pdbx_PDB_ins_code 
_atom_site.Cartn_x 
_atom_site.Cartn_y 
_atom_site.Cartn_z 
_atom_site.occupancy 
_atom_site.B_iso_or_equiv 
_atom_site.pdbx_formal_charge 
_atom_site.auth_seq_id 
_atom_site.auth_comp_id 
_atom_site.auth_asym_id 
_atom_site.auth_atom_id 
_atom_site.pdbx_PDB_model_num 
ATOM   1    N N   . SER A 1 2  ? -9.23857  -11.47196 10.95299  1.000 54.80000 ? 1   SER A N   1 
ATOM   2    C CA  . SER A 1 2  ? -8.75548  -10.09547 11.02585  1.000 56.06000 ? 1   SER A CA  1 
ATOM   3    C C   . SER A 1 2  ? -9.16473  -9.31953  9.77759   1.000 54.06000 ? 1   SER A C   1 
ATOM   4    O O   . SER A 1 2  ? -9.37109  -9.92427  8.72152   1.000 54.05000 ? 1   SER A O   1 
ATOM   5    C CB  . SER A 1 2  ? -7.23590  -10.06465 11.16982  1.000 52.55000 ? 1   SER A CB  1 
ATOM   6    O OG  . SER A 1 2  ? -6.61542  -10.64785 10.03558  1.000 51.68000 ? 1   SER A OG  1 
ATOM   7    N N   . PRO A 1 3  ? -9.28123  -7.98811  9.88952   1.000 54.36000 ? 2   PRO A N   1 
ATOM   8    C CA  . PRO A 1 3  ? -9.49801  -7.17800  8.67920   1.000 49.48000 ? 2   PRO A CA  1 
ATOM   9    C C   . PRO A 1 3  ? -8.53162  -7.51820  7.55069   1.000 43.09000 ? 2   PRO A C   1 
ATOM   10   O O   . PRO A 1 3  ? -8.94128  -7.51980  6.38382   1.000 41.12000 ? 2   PRO A O   1 
ATOM   11   C CB  . PRO A 1 3  ? -9.30982  -5.74341  9.18457   1.000 48.46000 ? 2   PRO A CB  1 
ATOM   12   C CG  . PRO A 1 3  ? -9.69072  -5.81455  10.63323  1.000 52.29000 ? 2   PRO A CG  1 
ATOM   13   C CD  . PRO A 1 3  ? -9.26803  -7.16530  11.11635  1.000 51.56000 ? 2   PRO A CD  1 
ATOM   14   N N   . GLU A 1 4  ? -7.27349  -7.84626  7.86570   1.000 41.84000 ? 3   GLU A N   1 
ATOM   15   C CA  . GLU A 1 4  ? -6.32162  -8.20475  6.81619   1.000 42.53000 ? 3   GLU A CA  1 
ATOM   16   C C   . GLU A 1 4  ? -6.75707  -9.47035  6.08022   1.000 42.69000 ? 3   GLU A C   1 
ATOM   17   O O   . GLU A 1 4  ? -6.70860  -9.53678  4.84721   1.000 40.64000 ? 3   GLU A O   1 
ATOM   18   C CB  . GLU A 1 4  ? -4.92005  -8.38601  7.39849   1.000 45.49000 ? 3   GLU A CB  1 
ATOM   19   C CG  . GLU A 1 4  ? -3.89514  -8.77282  6.34860   1.000 43.27000 ? 3   GLU A CG  1 
ATOM   20   C CD  . GLU A 1 4  ? -2.49873  -8.97270  6.92159   1.000 51.10000 ? 3   GLU A CD  1 
ATOM   21   O OE1 . GLU A 1 4  ? -2.31449  -9.86681  7.77945   1.000 47.02000 ? 3   GLU A OE1 1 
ATOM   22   O OE2 . GLU A 1 4  ? -1.58570  -8.22270  6.51176   1.000 54.91000 ? 3   GLU A OE2 1 
ATOM   23   N N   . GLU A 1 5  ? -7.18435  -10.49286 6.82003   1.000 45.27000 ? 4   GLU A N   1 
ATOM   24   C CA  . GLU A 1 5  ? -7.65309  -11.70637 6.15835   1.000 44.93000 ? 4   GLU A CA  1 
ATOM   25   C C   . GLU A 1 5  ? -8.98178  -11.48065 5.43970   1.000 40.23000 ? 4   GLU A C   1 
ATOM   26   O O   . GLU A 1 5  ? -9.24277  -12.12464 4.41312   1.000 41.61000 ? 4   GLU A O   1 
ATOM   27   C CB  . GLU A 1 5  ? -7.75545  -12.84638 7.17308   1.000 48.90000 ? 4   GLU A CB  1 
ATOM   28   C CG  . GLU A 1 5  ? -6.39042  -13.43774 7.54538   1.000 56.55000 ? 4   GLU A CG  1 
ATOM   29   C CD  . GLU A 1 5  ? -6.16035  -13.54363 9.04708   1.000 64.65000 ? 4   GLU A CD  1 
ATOM   30   O OE1 . GLU A 1 5  ? -7.05684  -14.05378 9.76069   1.000 65.44000 ? 4   GLU A OE1 1 
ATOM   31   O OE2 . GLU A 1 5  ? -5.08350  -13.10257 9.51246   1.000 68.08000 ? 4   GLU A OE2 1 
ATOM   32   N N   . GLN A 1 6  ? -9.82743  -10.58423 5.96620   1.000 40.74000 ? 5   GLN A N   1 
ATOM   33   C CA  . GLN A 1 6  ? -11.04458 -10.16936 5.27168   1.000 42.22000 ? 5   GLN A CA  1 
ATOM   34   C C   . GLN A 1 6  ? -10.72094 -9.61097  3.88991   1.000 40.29000 ? 5   GLN A C   1 
ATOM   35   O O   . GLN A 1 6  ? -11.30599 -10.02675 2.88138   1.000 35.66000 ? 5   GLN A O   1 
ATOM   36   C CB  . GLN A 1 6  ? -11.77759 -9.10531  6.09502   1.000 45.21000 ? 5   GLN A CB  1 
ATOM   37   C CG  . GLN A 1 6  ? -12.90899 -9.59536  6.99219   1.000 49.57000 ? 5   GLN A CG  1 
ATOM   38   C CD  . GLN A 1 6  ? -13.91647 -8.49244  7.32322   1.000 50.95000 ? 5   GLN A CD  1 
ATOM   39   O OE1 . GLN A 1 6  ? -13.59079 -7.30178  7.30178   1.000 44.29000 ? 5   GLN A OE1 1 
ATOM   40   N NE2 . GLN A 1 6  ? -15.14741 -8.88989  7.62492   1.000 53.39000 ? 5   GLN A NE2 1 
ATOM   41   N N   . LYS A 1 7  ? -9.81125  -8.63592  3.83523   1.000 37.13000 ? 6   LYS A N   1 
ATOM   42   C CA  . LYS A 1 7  ? -9.39656  -8.07560  2.55424   1.000 35.84000 ? 6   LYS A CA  1 
ATOM   43   C C   . LYS A 1 7  ? -8.74869  -9.13664  1.67883   1.000 30.95000 ? 6   LYS A C   1 
ATOM   44   O O   . LYS A 1 7  ? -9.05370  -9.23894  0.48782   1.000 34.34000 ? 6   LYS A O   1 
ATOM   45   C CB  . LYS A 1 7  ? -8.43227  -6.90679  2.77498   1.000 31.77000 ? 6   LYS A CB  1 
ATOM   46   C CG  . LYS A 1 7  ? -9.06264  -5.71610  3.47960   1.000 40.13000 ? 6   LYS A CG  1 
ATOM   47   C CD  . LYS A 1 7  ? -10.32214 -5.22705  2.77660   1.000 29.11000 ? 6   LYS A CD  1 
ATOM   48   C CE  . LYS A 1 7  ? -10.88452 -3.96070  3.45250   1.000 35.27000 ? 6   LYS A CE  1 
ATOM   49   N NZ  . LYS A 1 7  ? -10.11090 -2.71054  3.12410   1.000 31.08000 ? 6   LYS A NZ  1 
ATOM   50   N N   . GLN A 1 8  ? -7.84269  -9.93812  2.25579   1.000 32.07000 ? 7   GLN A N   1 
ATOM   51   C CA  . GLN A 1 8  ? -7.16008  -10.95248 1.46177   1.000 32.02000 ? 7   GLN A CA  1 
ATOM   52   C C   . GLN A 1 8  ? -8.16650  -11.90930 0.83292   1.000 33.11000 ? 7   GLN A C   1 
ATOM   53   O O   . GLN A 1 8  ? -8.02458  -12.29379 -0.33349  1.000 31.86000 ? 7   GLN A O   1 
ATOM   54   C CB  . GLN A 1 8  ? -6.15452  -11.72185 2.32166   1.000 34.87000 ? 7   GLN A CB  1 
ATOM   55   C CG  . GLN A 1 8  ? -5.63208  -13.02333 1.67371   1.000 34.73000 ? 7   GLN A CG  1 
ATOM   56   C CD  . GLN A 1 8  ? -4.51800  -12.78363 0.65375   1.000 36.49000 ? 7   GLN A CD  1 
ATOM   57   O OE1 . GLN A 1 8  ? -3.85048  -11.74771 0.67871   1.000 33.61000 ? 7   GLN A OE1 1 
ATOM   58   N NE2 . GLN A 1 8  ? -4.31158  -13.74885 -0.24543  1.000 34.73000 ? 7   GLN A NE2 1 
ATOM   59   N N   . MET A 1 9  ? -9.21384  -12.27066 1.58172   1.000 30.54000 ? 8   MET A N   1 
ATOM   60   C CA  . MET A 1 9  ? -10.20689 -13.19428 1.04511   1.000 33.27000 ? 8   MET A CA  1 
ATOM   61   C C   . MET A 1 9  ? -10.98760 -12.55593 -0.09576  1.000 32.59000 ? 8   MET A C   1 
ATOM   62   O O   . MET A 1 9  ? -11.18587 -13.17582 -1.14750  1.000 31.32000 ? 8   MET A O   1 
ATOM   63   C CB  . MET A 1 9  ? -11.15415 -13.66189 2.14682   1.000 33.08000 ? 8   MET A CB  1 
ATOM   64   C CG  . MET A 1 9  ? -12.15660 -14.67939 1.63090   1.000 39.64000 ? 8   MET A CG  1 
ATOM   65   S SD  . MET A 1 9  ? -12.92962 -15.64908 2.92914   1.000 46.09000 ? 8   MET A SD  1 
ATOM   66   C CE  . MET A 1 9  ? -14.25736 -14.58490 3.40699   1.000 43.69000 ? 8   MET A CE  1 
ATOM   67   N N   . LEU A 1 10 ? -11.46074 -11.32160 0.10500   1.000 28.47000 ? 9   LEU A N   1 
ATOM   68   C CA  . LEU A 1 10 ? -12.09221 -10.58222 -0.98421  1.000 30.32000 ? 9   LEU A CA  1 
ATOM   69   C C   . LEU A 1 10 ? -11.14305 -10.38789 -2.16189  1.000 29.69000 ? 9   LEU A C   1 
ATOM   70   O O   . LEU A 1 10 ? -11.56982 -10.41906 -3.32287  1.000 27.14000 ? 9   LEU A O   1 
ATOM   71   C CB  . LEU A 1 10 ? -12.58529 -9.23473  -0.47307  1.000 32.89000 ? 9   LEU A CB  1 
ATOM   72   C CG  . LEU A 1 10 ? -13.77699 -9.33146  0.48118   1.000 36.03000 ? 9   LEU A CG  1 
ATOM   73   C CD1 . LEU A 1 10 ? -14.08235 -7.97985  1.09102   1.000 35.24000 ? 9   LEU A CD1 1 
ATOM   74   C CD2 . LEU A 1 10 ? -14.99249 -9.88817  -0.23438  1.000 36.23000 ? 9   LEU A CD2 1 
ATOM   75   N N   . GLY A 1 11 ? -9.86166  -10.13957 -1.88403  1.000 30.17000 ? 10  GLY A N   1 
ATOM   76   C CA  . GLY A 1 11 ? -8.87944  -10.09501 -2.95215  1.000 28.86000 ? 10  GLY A CA  1 
ATOM   77   C C   . GLY A 1 11 ? -8.84729  -11.37576 -3.77293  1.000 29.10000 ? 10  GLY A C   1 
ATOM   78   O O   . GLY A 1 11 ? -8.70483  -11.33207 -4.99597  1.000 26.65000 ? 10  GLY A O   1 
ATOM   79   N N   . GLU A 1 12 ? -8.99746  -12.53101 -3.11234  1.000 29.05000 ? 11  GLU A N   1 
ATOM   80   C CA  . GLU A 1 12 ? -8.98712  -13.79709 -3.84984  1.000 28.87000 ? 11  GLU A CA  1 
ATOM   81   C C   . GLU A 1 12 ? -10.09255 -13.84902 -4.89583  1.000 23.27000 ? 11  GLU A C   1 
ATOM   82   O O   . GLU A 1 12 ? -9.90733  -14.43858 -5.96374  1.000 27.36000 ? 11  GLU A O   1 
ATOM   83   C CB  . GLU A 1 12 ? -9.13181  -14.99075 -2.90157  1.000 28.44000 ? 11  GLU A CB  1 
ATOM   84   C CG  . GLU A 1 12 ? -8.03189  -15.12961 -1.87547  1.000 31.63000 ? 11  GLU A CG  1 
ATOM   85   C CD  . GLU A 1 12 ? -6.78681  -15.82296 -2.40212  1.000 32.30000 ? 11  GLU A CD  1 
ATOM   86   O OE1 . GLU A 1 12 ? -6.75891  -16.23910 -3.58469  1.000 32.62000 ? 11  GLU A OE1 1 
ATOM   87   O OE2 . GLU A 1 12 ? -5.81882  -15.92676 -1.62457  1.000 34.61000 ? 11  GLU A OE2 1 
ATOM   88   N N   . ALA A 1 13 ? -11.23781 -13.24315 -4.61661  1.000 25.52000 ? 12  ALA A N   1 
ATOM   89   C CA  . ALA A 1 13 ? -12.31114 -13.20008 -5.61174  1.000 28.43000 ? 12  ALA A CA  1 
ATOM   90   C C   . ALA A 1 13 ? -12.09538 -12.10257 -6.65198  1.000 28.29000 ? 12  ALA A C   1 
ATOM   91   O O   . ALA A 1 13 ? -12.50924 -12.25276 -7.80442  1.000 26.38000 ? 12  ALA A O   1 
ATOM   92   C CB  . ALA A 1 13 ? -13.65617 -12.99744 -4.92072  1.000 24.71000 ? 12  ALA A CB  1 
ATOM   93   N N   . ILE A 1 14 ? -11.45069 -11.00166 -6.26641  1.000 29.76000 ? 13  ILE A N   1 
ATOM   94   C CA  . ILE A 1 14 ? -11.31522 -9.85864  -7.16245  1.000 29.33000 ? 13  ILE A CA  1 
ATOM   95   C C   . ILE A 1 14 ? -10.19381 -10.07642 -8.16908  1.000 28.52000 ? 13  ILE A C   1 
ATOM   96   O O   . ILE A 1 14 ? -10.32906 -9.71575  -9.34696  1.000 27.88000 ? 13  ILE A O   1 
ATOM   97   C CB  . ILE A 1 14 ? -11.10643 -8.58077  -6.32999  1.000 30.93000 ? 13  ILE A CB  1 
ATOM   98   C CG1 . ILE A 1 14 ? -12.42700 -8.18475  -5.66205  1.000 31.36000 ? 13  ILE A CG1 1 
ATOM   99   C CG2 . ILE A 1 14 ? -10.54537 -7.45045  -7.20549  1.000 30.25000 ? 13  ILE A CG2 1 
ATOM   100  C CD1 . ILE A 1 14 ? -12.30474 -7.14080  -4.57679  1.000 31.27000 ? 13  ILE A CD1 1 
ATOM   101  N N   . TYR A 1 15 ? -9.08083  -10.67521 -7.71986  1.000 30.05000 ? 14  TYR A N   1 
ATOM   102  C CA  . TYR A 1 15 ? -7.88063  -10.86148 -8.53886  1.000 27.55000 ? 14  TYR A CA  1 
ATOM   103  C C   . TYR A 1 15 ? -8.13247  -11.44896 -9.91849  1.000 29.18000 ? 14  TYR A C   1 
ATOM   104  O O   . TYR A 1 15 ? -7.66253  -10.86308 -10.90854 1.000 26.69000 ? 14  TYR A O   1 
ATOM   105  C CB  . TYR A 1 15 ? -6.87591  -11.71316 -7.74392  1.000 28.66000 ? 14  TYR A CB  1 
ATOM   106  C CG  . TYR A 1 15 ? -5.60698  -12.03649 -8.48048  1.000 31.22000 ? 14  TYR A CG  1 
ATOM   107  C CD1 . TYR A 1 15 ? -4.70258  -11.02345 -8.82923  1.000 28.97000 ? 14  TYR A CD1 1 
ATOM   108  C CD2 . TYR A 1 15 ? -5.30228  -13.34944 -8.83025  1.000 29.94000 ? 14  TYR A CD2 1 
ATOM   109  C CE1 . TYR A 1 15 ? -3.53204  -11.31449 -9.50756  1.000 31.86000 ? 14  TYR A CE1 1 
ATOM   110  C CE2 . TYR A 1 15 ? -4.12826  -13.65354 -9.50373  1.000 34.92000 ? 14  TYR A CE2 1 
ATOM   111  C CZ  . TYR A 1 15 ? -3.24416  -12.63079 -9.83507  1.000 36.15000 ? 14  TYR A CZ  1 
ATOM   112  O OH  . TYR A 1 15 ? -2.07252  -12.90693 -10.50601 1.000 37.43000 ? 14  TYR A OH  1 
ATOM   113  N N   . PRO A 1 16 ? -8.83374  -12.58606 -10.08759 1.000 31.56000 ? 15  PRO A N   1 
ATOM   114  C CA  . PRO A 1 16 ? -9.01586  -13.11701 -11.45068 1.000 31.41000 ? 15  PRO A CA  1 
ATOM   115  C C   . PRO A 1 16 ? -9.84706  -12.21254 -12.33045 1.000 31.49000 ? 15  PRO A C   1 
ATOM   116  O O   . PRO A 1 16 ? -9.63001  -12.15875 -13.54499 1.000 32.57000 ? 15  PRO A O   1 
ATOM   117  C CB  . PRO A 1 16 ? -9.71418  -14.46260 -11.22404 1.000 30.44000 ? 15  PRO A CB  1 
ATOM   118  C CG  . PRO A 1 16 ? -10.36707 -14.33887 -9.88358  1.000 31.20000 ? 15  PRO A CG  1 
ATOM   119  C CD  . PRO A 1 16 ? -9.44819  -13.47374 -9.07061  1.000 30.60000 ? 15  PRO A CD  1 
ATOM   120  N N   . LYS A 1 17 ? -10.81264 -11.50840 -11.75597 1.000 29.03000 ? 16  LYS A N   1 
ATOM   121  C CA  . LYS A 1 17 ? -11.57285 -10.55380 -12.54611 1.000 33.14000 ? 16  LYS A CA  1 
ATOM   122  C C   . LYS A 1 17 ? -10.67478 -9.41695  -13.02014 1.000 30.25000 ? 16  LYS A C   1 
ATOM   123  O O   . LYS A 1 17 ? -10.69901 -9.04227  -14.19713 1.000 34.01000 ? 16  LYS A O   1 
ATOM   124  C CB  . LYS A 1 17 ? -12.75943 -10.05912 -11.72161 1.000 33.58000 ? 16  LYS A CB  1 
ATOM   125  C CG  . LYS A 1 17 ? -13.72199 -11.18780 -11.32206 1.000 37.74000 ? 16  LYS A CG  1 
ATOM   126  C CD  . LYS A 1 17 ? -15.07849 -10.64262 -10.88695 1.000 44.62000 ? 16  LYS A CD  1 
ATOM   127  C CE  . LYS A 1 17 ? -16.15532 -10.93023 -11.93564 1.000 51.71000 ? 16  LYS A CE  1 
ATOM   128  N NZ  . LYS A 1 17 ? -16.24442 -9.84579  -12.98708 1.000 57.46000 ? 16  LYS A NZ  1 
ATOM   129  N N   . VAL A 1 18 ? -9.83131  -8.89214  -12.13329 1.000 26.62000 ? 17  VAL A N   1 
ATOM   130  C CA  . VAL A 1 18 ? -8.84604  -7.89847  -12.55211 1.000 28.79000 ? 17  VAL A CA  1 
ATOM   131  C C   . VAL A 1 18 ? -7.89024  -8.47491  -13.59477 1.000 31.17000 ? 17  VAL A C   1 
ATOM   132  O O   . VAL A 1 18 ? -7.56972  -7.81494  -14.59198 1.000 30.74000 ? 17  VAL A O   1 
ATOM   133  C CB  . VAL A 1 18 ? -8.08309  -7.35703  -11.32807 1.000 29.90000 ? 17  VAL A CB  1 
ATOM   134  C CG1 . VAL A 1 18 ? -6.95131  -6.44242  -11.79258 1.000 26.96000 ? 17  VAL A CG1 1 
ATOM   135  C CG2 . VAL A 1 18 ? -9.04285  -6.60085  -10.39005 1.000 27.83000 ? 17  VAL A CG2 1 
ATOM   136  N N   . ALA A 1 19 ? -7.40333  -9.70335  -13.37999 1.000 29.72000 ? 18  ALA A N   1 
ATOM   137  C CA  . ALA A 1 19 ? -6.39426  -10.25522 -14.28263 1.000 31.05000 ? 18  ALA A CA  1 
ATOM   138  C C   . ALA A 1 19 ? -6.93921  -10.46814 -15.68743 1.000 33.58000 ? 18  ALA A C   1 
ATOM   139  O O   . ALA A 1 19 ? -6.17565  -10.39628 -16.66023 1.000 29.73000 ? 18  ALA A O   1 
ATOM   140  C CB  . ALA A 1 19 ? -5.83839  -11.56476 -13.73359 1.000 28.41000 ? 18  ALA A CB  1 
ATOM   141  N N   . ALA A 1 20 ? -8.24319  -10.73820 -15.81008 1.000 32.83000 ? 19  ALA A N   1 
ATOM   142  C CA  . ALA A 1 20 ? -8.85355  -10.90588 -17.12499 1.000 37.46000 ? 19  ALA A CA  1 
ATOM   143  C C   . ALA A 1 20 ? -8.73006  -9.65850  -17.99026 1.000 38.87000 ? 19  ALA A C   1 
ATOM   144  O O   . ALA A 1 20 ? -8.81635  -9.77096  -19.21722 1.000 35.43000 ? 19  ALA A O   1 
ATOM   145  C CB  . ALA A 1 20 ? -10.33177 -11.28170 -16.99870 1.000 39.97000 ? 19  ALA A CB  1 
ATOM   146  N N   . SER A 1 21 ? -8.54917  -8.47166  -17.40040 1.000 31.53000 ? 20  SER A N   1 
ATOM   147  C CA  . SER A 1 21 ? -8.30312  -7.29735  -18.22760 1.000 36.77000 ? 20  SER A CA  1 
ATOM   148  C C   . SER A 1 21 ? -6.90398  -6.70750  -18.07846 1.000 38.36000 ? 20  SER A C   1 
ATOM   149  O O   . SER A 1 21 ? -6.46334  -5.99451  -18.98835 1.000 35.20000 ? 20  SER A O   1 
ATOM   150  C CB  . SER A 1 21 ? -9.35087  -6.19866  -17.96140 1.000 38.11000 ? 20  SER A CB  1 
ATOM   151  O OG  . SER A 1 21 ? -9.30679  -5.71475  -16.63331 1.000 40.86000 ? 20  SER A OG  1 
ATOM   152  N N   . GLN A 1 22 ? -6.18284  -6.99695  -16.98712 1.000 29.41000 ? 21  GLN A N   1 
ATOM   153  C CA  . GLN A 1 22 ? -4.82258  -6.49361  -16.78327 1.000 29.88000 ? 21  GLN A CA  1 
ATOM   154  C C   . GLN A 1 22 ? -3.93321  -7.62454  -16.27976 1.000 29.46000 ? 21  GLN A C   1 
ATOM   155  O O   . GLN A 1 22 ? -3.54990  -7.64831  -15.10598 1.000 29.39000 ? 21  GLN A O   1 
ATOM   156  C CB  . GLN A 1 22 ? -4.80499  -5.32347  -15.79635 1.000 29.49000 ? 21  GLN A CB  1 
ATOM   157  C CG  . GLN A 1 22 ? -5.62196  -4.11525  -16.21316 1.000 33.05000 ? 21  GLN A CG  1 
ATOM   158  C CD  . GLN A 1 22 ? -5.03552  -3.40523  -17.42124 1.000 37.74000 ? 21  GLN A CD  1 
ATOM   159  O OE1 . GLN A 1 22 ? -3.82197  -3.38655  -17.61640 1.000 32.25000 ? 21  GLN A OE1 1 
ATOM   160  N NE2 . GLN A 1 22 ? -5.89835  -2.79587  -18.22241 1.000 40.24000 ? 21  GLN A NE2 1 
ATOM   161  N N   . PRO A 1 23 ? -3.57642  -8.57655  -17.14987 1.000 29.14000 ? 22  PRO A N   1 
ATOM   162  C CA  . PRO A 1 23 ? -2.87036  -9.77618  -16.66713 1.000 29.07000 ? 22  PRO A CA  1 
ATOM   163  C C   . PRO A 1 23 ? -1.49265  -9.50077  -16.10329 1.000 29.03000 ? 22  PRO A C   1 
ATOM   164  O O   . PRO A 1 23 ? -1.03312  -10.25685 -15.24350 1.000 31.94000 ? 22  PRO A O   1 
ATOM   165  C CB  . PRO A 1 23 ? -2.80689  -10.67275 -17.91562 1.000 31.44000 ? 22  PRO A CB  1 
ATOM   166  C CG  . PRO A 1 23 ? -2.99518  -9.74103  -19.06060 1.000 34.38000 ? 22  PRO A CG  1 
ATOM   167  C CD  . PRO A 1 23 ? -3.90098  -8.65977  -18.58236 1.000 32.95000 ? 22  PRO A CD  1 
ATOM   168  N N   . GLU A 1 24 ? -0.81698  -8.44052  -16.54131 1.000 28.65000 ? 23  GLU A N   1 
ATOM   169  C CA  . GLU A 1 24 ? 0.48813   -8.11330  -15.97558 1.000 30.85000 ? 23  GLU A CA  1 
ATOM   170  C C   . GLU A 1 24 ? 0.38487   -7.37511  -14.64970 1.000 30.07000 ? 23  GLU A C   1 
ATOM   171  O O   . GLU A 1 24 ? 1.16076   -7.65251  -13.72749 1.000 31.94000 ? 23  GLU A O   1 
ATOM   172  C CB  . GLU A 1 24 ? 1.29162   -7.27229  -16.96293 1.000 31.18000 ? 23  GLU A CB  1 
ATOM   173  C CG  . GLU A 1 24 ? 1.50203   -7.97461  -18.27767 1.000 34.62000 ? 23  GLU A CG  1 
ATOM   174  C CD  . GLU A 1 24 ? 2.52873   -7.27884  -19.14592 1.000 40.37000 ? 23  GLU A CD  1 
ATOM   175  O OE1 . GLU A 1 24 ? 3.72970   -7.31712  -18.78803 1.000 43.27000 ? 23  GLU A OE1 1 
ATOM   176  O OE2 . GLU A 1 24 ? 2.12872   -6.69797  -20.17695 1.000 46.10000 ? 23  GLU A OE2 1 
ATOM   177  N N   . LEU A 1 25 ? -0.53607  -6.42029  -14.53700 1.000 26.53000 ? 24  LEU A N   1 
ATOM   178  C CA  . LEU A 1 25 ? -0.62913  -5.56320  -13.35876 1.000 29.28000 ? 24  LEU A CA  1 
ATOM   179  C C   . LEU A 1 25 ? -1.68934  -6.01639  -12.36078 1.000 28.15000 ? 24  LEU A C   1 
ATOM   180  O O   . LEU A 1 25 ? -1.91495  -5.32294  -11.36438 1.000 26.72000 ? 24  LEU A O   1 
ATOM   181  C CB  . LEU A 1 25 ? -0.91547  -4.12172  -13.78416 1.000 28.16000 ? 24  LEU A CB  1 
ATOM   182  C CG  . LEU A 1 25 ? 0.15740   -3.45124  -14.64394 1.000 33.29000 ? 24  LEU A CG  1 
ATOM   183  C CD1 . LEU A 1 25 ? -0.34718  -2.08905  -15.12947 1.000 34.16000 ? 24  LEU A CD1 1 
ATOM   184  C CD2 . LEU A 1 25 ? 1.46180   -3.31234  -13.86704 1.000 32.57000 ? 24  LEU A CD2 1 
ATOM   185  N N   . ALA A 1 26 ? -2.33182  -7.16465  -12.59252 1.000 28.85000 ? 25  ALA A N   1 
ATOM   186  C CA  . ALA A 1 26 ? -3.43875  -7.58806  -11.73217 1.000 27.27000 ? 25  ALA A CA  1 
ATOM   187  C C   . ALA A 1 26 ? -3.06184  -7.58577  -10.25149 1.000 26.38000 ? 25  ALA A C   1 
ATOM   188  O O   . ALA A 1 26 ? -3.83448  -7.11275  -9.41235  1.000 26.67000 ? 25  ALA A O   1 
ATOM   189  C CB  . ALA A 1 26 ? -3.92543  -8.96449  -12.15113 1.000 31.36000 ? 25  ALA A CB  1 
ATOM   190  N N   . GLY A 1 27 ? -1.86665  -8.07943  -9.90961  1.000 29.83000 ? 26  GLY A N   1 
ATOM   191  C CA  . GLY A 1 27 ? -1.48275  -8.12828  -8.50408  1.000 28.13000 ? 26  GLY A CA  1 
ATOM   192  C C   . GLY A 1 27 ? -1.44815  -6.75141  -7.87210  1.000 30.28000 ? 26  GLY A C   1 
ATOM   193  O O   . GLY A 1 27 ? -1.98737  -6.53188  -6.78210  1.000 24.97000 ? 26  GLY A O   1 
ATOM   194  N N   . LYS A 1 28 ? -0.83737  -5.79396  -8.57251  1.000 30.65000 ? 27  LYS A N   1 
ATOM   195  C CA  . LYS A 1 28 ? -0.72870  -4.43902  -8.05370  1.000 28.47000 ? 27  LYS A CA  1 
ATOM   196  C C   . LYS A 1 28 ? -2.07457  -3.73067  -8.07148  1.000 26.26000 ? 27  LYS A C   1 
ATOM   197  O O   . LYS A 1 28 ? -2.43621  -3.06090  -7.10383  1.000 27.45000 ? 27  LYS A O   1 
ATOM   198  C CB  . LYS A 1 28 ? 0.29666   -3.65163  -8.87393  1.000 27.89000 ? 27  LYS A CB  1 
ATOM   199  C CG  . LYS A 1 28 ? 0.54565   -2.27252  -8.35617  1.000 26.44000 ? 27  LYS A CG  1 
ATOM   200  C CD  . LYS A 1 28 ? 1.32658   -2.31869  -7.03824  1.000 27.43000 ? 27  LYS A CD  1 
ATOM   201  C CE  . LYS A 1 28 ? 1.63300   -0.90767  -6.55318  1.000 31.78000 ? 27  LYS A CE  1 
ATOM   202  N NZ  . LYS A 1 28 ? 2.38380   -0.87188  -5.25699  1.000 29.37000 ? 27  LYS A NZ  1 
ATOM   203  N N   . LEU A 1 29 ? -2.83165  -3.86297  -9.16496  1.000 27.43000 ? 28  LEU A N   1 
ATOM   204  C CA  . LEU A 1 29 ? -4.12319  -3.17956  -9.23901  1.000 27.49000 ? 28  LEU A CA  1 
ATOM   205  C C   . LEU A 1 29 ? -5.10239  -3.73316  -8.20797  1.000 28.96000 ? 28  LEU A C   1 
ATOM   206  O O   . LEU A 1 29 ? -5.83263  -2.96357  -7.56351  1.000 24.02000 ? 28  LEU A O   1 
ATOM   207  C CB  . LEU A 1 29 ? -4.69907  -3.28010  -10.65294 1.000 25.77000 ? 28  LEU A CB  1 
ATOM   208  C CG  . LEU A 1 29 ? -3.84283  -2.57411  -11.71673 1.000 31.08000 ? 28  LEU A CG  1 
ATOM   209  C CD1 . LEU A 1 29 ? -4.37607  -2.79028  -13.12755 1.000 27.94000 ? 28  LEU A CD1 1 
ATOM   210  C CD2 . LEU A 1 29 ? -3.68905  -1.09588  -11.41790 1.000 29.43000 ? 28  LEU A CD2 1 
ATOM   211  N N   . THR A 1 30 ? -5.12134  -5.05830  -8.02395  1.000 28.70000 ? 29  THR A N   1 
ATOM   212  C CA  . THR A 1 30 ? -5.97768  -5.65071  -6.99302  1.000 27.39000 ? 29  THR A CA  1 
ATOM   213  C C   . THR A 1 30 ? -5.61370  -5.11138  -5.61338  1.000 25.36000 ? 29  THR A C   1 
ATOM   214  O O   . THR A 1 30 ? -6.48618  -4.67571  -4.85410  1.000 24.69000 ? 29  THR A O   1 
ATOM   215  C CB  . THR A 1 30 ? -5.87427  -7.18253  -7.02473  1.000 27.92000 ? 29  THR A CB  1 
ATOM   216  O OG1 . THR A 1 30 ? -6.33115  -7.67499  -8.29178  1.000 29.07000 ? 29  THR A OG1 1 
ATOM   217  C CG2 . THR A 1 30 ? -6.72796  -7.82586  -5.93492  1.000 24.66000 ? 29  THR A CG2 1 
ATOM   218  N N   . GLY A 1 31 ? -4.31877  -5.10520  -5.28927  1.000 27.73000 ? 30  GLY A N   1 
ATOM   219  C CA  . GLY A 1 31 ? -3.88505  -4.60232  -3.99649  1.000 23.44000 ? 30  GLY A CA  1 
ATOM   220  C C   . GLY A 1 31 ? -4.29410  -3.16976  -3.76218  1.000 25.07000 ? 30  GLY A C   1 
ATOM   221  O O   . GLY A 1 31 ? -4.73174  -2.81458  -2.66719  1.000 26.23000 ? 30  GLY A O   1 
ATOM   222  N N   . MET A 1 32 ? -4.18528  -2.32007  -4.79061  1.000 26.72000 ? 31  MET A N   1 
ATOM   223  C CA  . MET A 1 32 ? -4.64414  -0.94346  -4.64772  1.000 23.69000 ? 31  MET A CA  1 
ATOM   224  C C   . MET A 1 32 ? -6.12554  -0.90101  -4.30875  1.000 26.25000 ? 31  MET A C   1 
ATOM   225  O O   . MET A 1 32 ? -6.55497  -0.18532  -3.39881  1.000 27.22000 ? 31  MET A O   1 
ATOM   226  C CB  . MET A 1 32 ? -4.36964  -0.15481  -5.93391  1.000 27.40000 ? 31  MET A CB  1 
ATOM   227  C CG  . MET A 1 32 ? -2.88142  -0.03676  -6.27735  1.000 28.92000 ? 31  MET A CG  1 
ATOM   228  S SD  . MET A 1 32 ? -2.55601  0.82415   -7.82880  1.000 25.11000 ? 31  MET A SD  1 
ATOM   229  C CE  . MET A 1 32 ? -3.39402  2.39529   -7.56547  1.000 27.65000 ? 31  MET A CE  1 
ATOM   230  N N   . ILE A 1 33 ? -6.92286  -1.67020  -5.05273  1.000 26.63000 ? 32  ILE A N   1 
ATOM   231  C CA  . ILE A 1 33 ? -8.36524  -1.69064  -4.88176  1.000 25.29000 ? 32  ILE A CA  1 
ATOM   232  C C   . ILE A 1 33 ? -8.72983  -2.18022  -3.49116  1.000 24.47000 ? 32  ILE A C   1 
ATOM   233  O O   . ILE A 1 33 ? -9.71432  -1.72102  -2.89989  1.000 25.86000 ? 32  ILE A O   1 
ATOM   234  C CB  . ILE A 1 33 ? -8.97933  -2.56307  -5.99975  1.000 27.40000 ? 32  ILE A CB  1 
ATOM   235  C CG1 . ILE A 1 33 ? -8.95575  -1.80421  -7.33202  1.000 27.26000 ? 32  ILE A CG1 1 
ATOM   236  C CG2 . ILE A 1 33 ? -10.38183 -3.08448  -5.61461  1.000 25.01000 ? 32  ILE A CG2 1 
ATOM   237  C CD1 . ILE A 1 33 ? -9.28565  -2.66267  -8.53939  1.000 30.50000 ? 32  ILE A CD1 1 
ATOM   238  N N   . LEU A 1 34 ? -7.91167  -3.06636  -2.92027  1.000 24.65000 ? 33  LEU A N   1 
ATOM   239  C CA  . LEU A 1 34 ? -8.18544  -3.63943  -1.60463  1.000 27.72000 ? 33  LEU A CA  1 
ATOM   240  C C   . LEU A 1 34 ? -8.10928  -2.61013  -0.48258  1.000 29.43000 ? 33  LEU A C   1 
ATOM   241  O O   . LEU A 1 34 ? -8.45690  -2.93904  0.65399   1.000 30.52000 ? 33  LEU A O   1 
ATOM   242  C CB  . LEU A 1 34 ? -7.21904  -4.80316  -1.31340  1.000 26.96000 ? 33  LEU A CB  1 
ATOM   243  C CG  . LEU A 1 34 ? -7.48620  -6.12034  -2.06780  1.000 28.67000 ? 33  LEU A CG  1 
ATOM   244  C CD1 . LEU A 1 34 ? -6.51233  -7.22788  -1.64603  1.000 27.96000 ? 33  LEU A CD1 1 
ATOM   245  C CD2 . LEU A 1 34 ? -8.92850  -6.57981  -1.89959  1.000 29.06000 ? 33  LEU A CD2 1 
ATOM   246  N N   . GLU A 1 35 ? -7.66188  -1.38226  -0.76806  1.000 30.71000 ? 34  GLU A N   1 
ATOM   247  C CA  . GLU A 1 35 ? -7.79026  -0.31329  0.22085   1.000 33.21000 ? 34  GLU A CA  1 
ATOM   248  C C   . GLU A 1 35 ? -9.25192  -0.01521  0.53988   1.000 34.10000 ? 34  GLU A C   1 
ATOM   249  O O   . GLU A 1 35 ? -9.57622  0.38332   1.66733   1.000 31.80000 ? 34  GLU A O   1 
ATOM   250  C CB  . GLU A 1 35 ? -7.09595  0.95259   -0.28643  1.000 35.83000 ? 34  GLU A CB  1 
ATOM   251  C CG  . GLU A 1 35 ? -7.32240  2.16615   0.60772   1.000 37.15000 ? 34  GLU A CG  1 
ATOM   252  C CD  . GLU A 1 35 ? -6.36606  2.19527   1.78919   1.000 42.67000 ? 34  GLU A CD  1 
ATOM   253  O OE1 . GLU A 1 35 ? -5.26690  1.59492   1.68514   1.000 39.36000 ? 34  GLU A OE1 1 
ATOM   254  O OE2 . GLU A 1 35 ? -6.71471  2.80544   2.82159   1.000 46.60000 ? 34  GLU A OE2 1 
ATOM   255  N N   . LEU A 1 36 ? -10.14624 -0.21114  -0.42722  1.000 31.24000 ? 35  LEU A N   1 
ATOM   256  C CA  . LEU A 1 36 ? -11.53230 0.19709   -0.26270  1.000 31.75000 ? 35  LEU A CA  1 
ATOM   257  C C   . LEU A 1 36 ? -12.22302 -0.65248  0.80859   1.000 32.20000 ? 35  LEU A C   1 
ATOM   258  O O   . LEU A 1 36 ? -11.76631 -1.74603  1.13980   1.000 29.37000 ? 35  LEU A O   1 
ATOM   259  C CB  . LEU A 1 36 ? -12.27661 0.09629   -1.59528  1.000 27.09000 ? 35  LEU A CB  1 
ATOM   260  C CG  . LEU A 1 36 ? -11.66457 0.88097   -2.75721  1.000 31.24000 ? 35  LEU A CG  1 
ATOM   261  C CD1 . LEU A 1 36 ? -12.24208 0.41126   -4.07898  1.000 30.49000 ? 35  LEU A CD1 1 
ATOM   262  C CD2 . LEU A 1 36 ? -11.89627 2.36756   -2.60158  1.000 36.69000 ? 35  LEU A CD2 1 
ATOM   263  N N   . PRO A 1 37 ? -13.29949 -0.14126  1.40178   1.000 32.04000 ? 36  PRO A N   1 
ATOM   264  C CA  . PRO A 1 37 ? -13.98870 -0.90218  2.44748   1.000 32.34000 ? 36  PRO A CA  1 
ATOM   265  C C   . PRO A 1 37 ? -14.72894 -2.08669  1.85844   1.000 31.75000 ? 36  PRO A C   1 
ATOM   266  O O   . PRO A 1 37 ? -15.02029 -2.14348  0.65886   1.000 29.51000 ? 36  PRO A O   1 
ATOM   267  C CB  . PRO A 1 37 ? -14.96366 0.11636   3.05722   1.000 30.50000 ? 36  PRO A CB  1 
ATOM   268  C CG  . PRO A 1 37 ? -15.17399 1.11965   1.98862   1.000 36.22000 ? 36  PRO A CG  1 
ATOM   269  C CD  . PRO A 1 37 ? -13.87730 1.19833   1.22796   1.000 33.68000 ? 36  PRO A CD  1 
ATOM   270  N N   . VAL A 1 38 ? -15.04590 -3.03507  2.74718   1.000 32.49000 ? 37  VAL A N   1 
ATOM   271  C CA  . VAL A 1 38 ? -15.55943 -4.33422  2.32002   1.000 32.24000 ? 37  VAL A CA  1 
ATOM   272  C C   . VAL A 1 38 ? -16.85764 -4.17353  1.53924   1.000 30.05000 ? 37  VAL A C   1 
ATOM   273  O O   . VAL A 1 38 ? -17.08323 -4.85963  0.53579   1.000 27.06000 ? 37  VAL A O   1 
ATOM   274  C CB  . VAL A 1 38 ? -15.73085 -5.25912  3.54169   1.000 34.23000 ? 37  VAL A CB  1 
ATOM   275  C CG1 . VAL A 1 38 ? -16.64135 -6.44642  3.20397   1.000 38.32000 ? 37  VAL A CG1 1 
ATOM   276  C CG2 . VAL A 1 38 ? -14.38234 -5.76542  4.00047   1.000 32.63000 ? 37  VAL A CG2 1 
ATOM   277  N N   . THR A 1 39 ? -17.72682 -3.25635  1.97714   1.000 29.33000 ? 38  THR A N   1 
ATOM   278  C CA  . THR A 1 39 ? -18.99719 -3.05968  1.27868   1.000 32.97000 ? 38  THR A CA  1 
ATOM   279  C C   . THR A 1 39 ? -18.77012 -2.62498  -0.16097  1.000 32.06000 ? 38  THR A C   1 
ATOM   280  O O   . THR A 1 39 ? -19.45337 -3.09312  -1.08086  1.000 29.98000 ? 38  THR A O   1 
ATOM   281  C CB  . THR A 1 39 ? -19.85183 -2.03480  2.01659   1.000 34.84000 ? 38  THR A CB  1 
ATOM   282  O OG1 . THR A 1 39 ? -20.05796 -2.48546  3.36270   1.000 36.30000 ? 38  THR A OG1 1 
ATOM   283  C CG2 . THR A 1 39 ? -21.19760 -1.89976  1.33384   1.000 36.02000 ? 38  THR A CG2 1 
ATOM   284  N N   . GLU A 1 40 ? -17.78998 -1.75597  -0.38029  1.000 29.67000 ? 39  GLU A N   1 
ATOM   285  C CA  . GLU A 1 40 ? -17.45933 -1.34187  -1.73645  1.000 29.74000 ? 39  GLU A CA  1 
ATOM   286  C C   . GLU A 1 40 ? -16.85253 -2.49500  -2.53448  1.000 28.53000 ? 39  GLU A C   1 
ATOM   287  O O   . GLU A 1 40 ? -17.15841 -2.66113  -3.72367  1.000 26.25000 ? 39  GLU A O   1 
ATOM   288  C CB  . GLU A 1 40 ? -16.49712 -0.15100  -1.68389  1.000 28.96000 ? 39  GLU A CB  1 
ATOM   289  C CG  . GLU A 1 40 ? -16.27473 0.52320   -3.02016  1.000 34.99000 ? 39  GLU A CG  1 
ATOM   290  C CD  . GLU A 1 40 ? -17.51910 1.22275   -3.53858  1.000 35.66000 ? 39  GLU A CD  1 
ATOM   291  O OE1 . GLU A 1 40 ? -18.42826 1.50697   -2.73749  1.000 36.57000 ? 39  GLU A OE1 1 
ATOM   292  O OE2 . GLU A 1 40 ? -17.57056 1.51195   -4.74777  1.000 42.21000 ? 39  GLU A OE2 1 
ATOM   293  N N   . LEU A 1 41 ? -15.98553 -3.29515  -1.90054  1.000 26.83000 ? 40  LEU A N   1 
ATOM   294  C CA  . LEU A 1 41 ? -15.39551 -4.43938  -2.59710  1.000 26.34000 ? 40  LEU A CA  1 
ATOM   295  C C   . LEU A 1 41 ? -16.47399 -5.43316  -3.00128  1.000 28.81000 ? 40  LEU A C   1 
ATOM   296  O O   . LEU A 1 41 ? -16.45495 -5.96761  -4.11871  1.000 27.97000 ? 40  LEU A O   1 
ATOM   297  C CB  . LEU A 1 41 ? -14.33946 -5.11763  -1.71561  1.000 30.19000 ? 40  LEU A CB  1 
ATOM   298  C CG  . LEU A 1 41 ? -13.11273 -4.27425  -1.34581  1.000 27.11000 ? 40  LEU A CG  1 
ATOM   299  C CD1 . LEU A 1 41 ? -12.22362 -5.00406  -0.34477  1.000 29.92000 ? 40  LEU A CD1 1 
ATOM   300  C CD2 . LEU A 1 41 ? -12.32775 -3.89748  -2.60621  1.000 24.78000 ? 40  LEU A CD2 1 
ATOM   301  N N   . LEU A 1 42 ? -17.43886 -5.68052  -2.10815  1.000 27.95000 ? 41  LEU A N   1 
ATOM   302  C CA  . LEU A 1 42 ? -18.54705 -6.56093  -2.47343  1.000 29.45000 ? 41  LEU A CA  1 
ATOM   303  C C   . LEU A 1 42 ? -19.32194 -5.98302  -3.64616  1.000 28.48000 ? 41  LEU A C   1 
ATOM   304  O O   . LEU A 1 42 ? -19.75910 -6.72606  -4.53560  1.000 30.91000 ? 41  LEU A O   1 
ATOM   305  C CB  . LEU A 1 42 ? -19.47016 -6.78297  -1.27129  1.000 27.56000 ? 41  LEU A CB  1 
ATOM   306  C CG  . LEU A 1 42 ? -18.87102 -7.71005  -0.21628  1.000 28.23000 ? 41  LEU A CG  1 
ATOM   307  C CD1 . LEU A 1 42 ? -19.64609 -7.64741  1.09837   1.000 30.20000 ? 41  LEU A CD1 1 
ATOM   308  C CD2 . LEU A 1 42 ? -18.81678 -9.13738  -0.76176  1.000 31.31000 ? 41  LEU A CD2 1 
ATOM   309  N N   . HIS A 1 43 ? -19.45368 -4.65692  -3.68935  1.000 29.11000 ? 42  HIS A N   1 
ATOM   310  C CA  . HIS A 1 43 ? -20.10491 -4.01641  -4.82723  1.000 33.88000 ? 42  HIS A CA  1 
ATOM   311  C C   . HIS A 1 43 ? -19.34268 -4.26548  -6.12453  1.000 30.05000 ? 42  HIS A C   1 
ATOM   312  O O   . HIS A 1 43 ? -19.94989 -4.57573  -7.15996  1.000 30.14000 ? 42  HIS A O   1 
ATOM   313  C CB  . HIS A 1 43 ? -20.26247 -2.51530  -4.57760  1.000 27.78000 ? 42  HIS A CB  1 
ATOM   314  C CG  . HIS A 1 43 ? -20.86332 -1.79743  -5.73419  1.000 30.24000 ? 42  HIS A CG  1 
ATOM   315  N ND1 . HIS A 1 43 ? -20.20711 -0.79025  -6.40819  1.000 32.94000 ? 42  HIS A ND1 1 
ATOM   316  C CD2 . HIS A 1 43 ? -22.05132 -1.96242  -6.36143  1.000 31.77000 ? 42  HIS A CD2 1 
ATOM   317  C CE1 . HIS A 1 43 ? -20.97329 -0.35388  -7.39057  1.000 33.89000 ? 42  HIS A CE1 1 
ATOM   318  N NE2 . HIS A 1 43 ? -22.09732 -1.05292  -7.38720  1.000 32.76000 ? 42  HIS A NE2 1 
ATOM   319  N N   . LEU A 1 44 ? -18.00898 -4.13987  -6.09314  1.000 28.77000 ? 43  LEU A N   1 
ATOM   320  C CA  . LEU A 1 44 ? -17.21048 -4.39668  -7.29304  1.000 33.10000 ? 43  LEU A CA  1 
ATOM   321  C C   . LEU A 1 44 ? -17.33634 -5.84495  -7.75809  1.000 33.81000 ? 43  LEU A C   1 
ATOM   322  O O   . LEU A 1 44 ? -17.25744 -6.12528  -8.95913  1.000 33.32000 ? 43  LEU A O   1 
ATOM   323  C CB  . LEU A 1 44 ? -15.73610 -4.07575  -7.03853  1.000 34.81000 ? 43  LEU A CB  1 
ATOM   324  C CG  . LEU A 1 44 ? -15.43201 -2.66185  -6.54526  1.000 32.32000 ? 43  LEU A CG  1 
ATOM   325  C CD1 . LEU A 1 44 ? -13.92896 -2.47023  -6.43810  1.000 31.21000 ? 43  LEU A CD1 1 
ATOM   326  C CD2 . LEU A 1 44 ? -16.06521 -1.64454  -7.47424  1.000 32.53000 ? 43  LEU A CD2 1 
ATOM   327  N N   . LEU A 1 45 ? -17.47078 -6.78442  -6.82355  1.000 31.32000 ? 44  LEU A N   1 
ATOM   328  C CA  . LEU A 1 45 ? -17.64449 -8.17090  -7.22929  1.000 32.78000 ? 44  LEU A CA  1 
ATOM   329  C C   . LEU A 1 45 ? -19.01447 -8.38979  -7.84578  1.000 34.78000 ? 44  LEU A C   1 
ATOM   330  O O   . LEU A 1 45 ? -19.17767 -9.26688  -8.69452  1.000 37.63000 ? 44  LEU A O   1 
ATOM   331  C CB  . LEU A 1 45 ? -17.44580 -9.10103  -6.03400  1.000 32.15000 ? 44  LEU A CB  1 
ATOM   332  C CG  . LEU A 1 45 ? -15.98915 -9.29622  -5.63843  1.000 32.02000 ? 44  LEU A CG  1 
ATOM   333  C CD1 . LEU A 1 45 ? -15.91801 -9.97604  -4.27933  1.000 32.28000 ? 44  LEU A CD1 1 
ATOM   334  C CD2 . LEU A 1 45 ? -15.24363 -10.09257 -6.72003  1.000 29.78000 ? 44  LEU A CD2 1 
ATOM   335  N N   . GLU A 1 46 ? -20.00535 -7.59467  -7.44908  1.000 35.17000 ? 45  GLU A N   1 
ATOM   336  C CA  . GLU A 1 46 ? -21.34041 -7.77757  -8.00135  1.000 36.60000 ? 45  GLU A CA  1 
ATOM   337  C C   . GLU A 1 46 ? -21.51626 -7.08045  -9.34263  1.000 39.45000 ? 45  GLU A C   1 
ATOM   338  O O   . GLU A 1 46 ? -22.29627 -7.55148  -10.17414 1.000 43.80000 ? 45  GLU A O   1 
ATOM   339  C CB  . GLU A 1 46 ? -22.39277 -7.28283  -7.01656  1.000 37.42000 ? 45  GLU A CB  1 
ATOM   340  C CG  . GLU A 1 46 ? -23.81326 -7.57129  -7.47518  1.000 47.45000 ? 45  GLU A CG  1 
ATOM   341  C CD  . GLU A 1 46 ? -24.83017 -7.49640  -6.35586  1.000 44.58000 ? 45  GLU A CD  1 
ATOM   342  O OE1 . GLU A 1 46 ? -24.42359 -7.39634  -5.17495  1.000 44.67000 ? 45  GLU A OE1 1 
ATOM   343  O OE2 . GLU A 1 46 ? -26.04094 -7.52523  -6.66174  1.000 52.69000 ? 45  GLU A OE2 1 
ATOM   344  N N   . GLU A 1 47 ? -20.80824 -5.98134  -9.58502  1.000 36.92000 ? 46  GLU A N   1 
ATOM   345  C CA  . GLU A 1 47 ? -21.02345 -5.15367  -10.77120 1.000 38.40000 ? 46  GLU A CA  1 
ATOM   346  C C   . GLU A 1 47 ? -19.72339 -5.09469  -11.55557 1.000 38.41000 ? 46  GLU A C   1 
ATOM   347  O O   . GLU A 1 47 ? -18.80828 -4.36549  -11.16996 1.000 37.66000 ? 46  GLU A O   1 
ATOM   348  C CB  . GLU A 1 47 ? -21.47687 -3.74524  -10.38092 1.000 38.69000 ? 46  GLU A CB  1 
ATOM   349  C CG  . GLU A 1 47 ? -22.81454 -3.66599  -9.70177  1.000 42.04000 ? 46  GLU A CG  1 
ATOM   350  C CD  . GLU A 1 47 ? -23.95542 -4.04854  -10.63618 1.000 51.38000 ? 46  GLU A CD  1 
ATOM   351  O OE1 . GLU A 1 47 ? -23.78270 -3.93963  -11.87903 1.000 46.91000 ? 46  GLU A OE1 1 
ATOM   352  O OE2 . GLU A 1 47 ? -25.02533 -4.44447  -10.11977 1.000 43.72000 ? 46  GLU A OE2 1 
ATOM   353  N N   . SER A 1 48 ? -19.63861 -5.84548  -12.65999 1.000 39.29000 ? 47  SER A N   1 
ATOM   354  C CA  . SER A 1 48 ? -18.39245 -5.88567  -13.41874 1.000 38.22000 ? 47  SER A CA  1 
ATOM   355  C C   . SER A 1 48 ? -17.99677 -4.50114  -13.93064 1.000 41.21000 ? 47  SER A C   1 
ATOM   356  O O   . SER A 1 48 ? -16.80726 -4.16623  -13.97414 1.000 38.04000 ? 47  SER A O   1 
ATOM   357  C CB  . SER A 1 48 ? -18.51103 -6.88393  -14.57034 1.000 43.02000 ? 47  SER A CB  1 
ATOM   358  O OG  . SER A 1 48 ? -19.50114 -6.47693  -15.48764 1.000 41.78000 ? 47  SER A OG  1 
ATOM   359  N N   . GLU A 1 49 ? -18.97084 -3.66730  -14.30458 1.000 40.60000 ? 48  GLU A N   1 
ATOM   360  C CA  . GLU A 1 49 ? -18.60894 -2.34924  -14.80186 1.000 41.97000 ? 48  GLU A CA  1 
ATOM   361  C C   . GLU A 1 49 ? -18.13305 -1.42523  -13.68895 1.000 37.57000 ? 48  GLU A C   1 
ATOM   362  O O   . GLU A 1 49 ? -17.37151 -0.49193  -13.96042 1.000 35.95000 ? 48  GLU A O   1 
ATOM   363  C CB  . GLU A 1 49 ? -19.77976 -1.72595  -15.55779 1.000 47.41000 ? 48  GLU A CB  1 
ATOM   364  C CG  . GLU A 1 49 ? -20.36119 -2.66138  -16.60913 1.000 51.83000 ? 48  GLU A CG  1 
ATOM   365  C CD  . GLU A 1 49 ? -21.65780 -2.14518  -17.19723 1.000 64.06000 ? 48  GLU A CD  1 
ATOM   366  O OE1 . GLU A 1 49 ? -22.00235 -0.97285  -16.93167 1.000 64.90000 ? 48  GLU A OE1 1 
ATOM   367  O OE2 . GLU A 1 49 ? -22.33394 -2.90922  -17.92175 1.000 68.83000 ? 48  GLU A OE2 1 
ATOM   368  N N   . ALA A 1 50 ? -18.54862 -1.66679  -12.44693 1.000 32.39000 ? 49  ALA A N   1 
ATOM   369  C CA  . ALA A 1 50 ? -17.96486 -0.93328  -11.33203 1.000 31.17000 ? 49  ALA A CA  1 
ATOM   370  C C   . ALA A 1 50 ? -16.51882 -1.36457  -11.08843 1.000 33.79000 ? 49  ALA A C   1 
ATOM   371  O O   . ALA A 1 50 ? -15.64986 -0.51916  -10.84370 1.000 31.71000 ? 49  ALA A O   1 
ATOM   372  C CB  . ALA A 1 50 ? -18.80435 -1.13650  -10.07360 1.000 34.75000 ? 49  ALA A CB  1 
ATOM   373  N N   . LEU A 1 51 ? -16.24525 -2.67687  -11.14281 1.000 35.02000 ? 50  LEU A N   1 
ATOM   374  C CA  . LEU A 1 51 ? -14.86821 -3.15259  -11.00197 1.000 34.10000 ? 50  LEU A CA  1 
ATOM   375  C C   . LEU A 1 51 ? -13.98946 -2.60459  -12.12555 1.000 31.67000 ? 50  LEU A C   1 
ATOM   376  O O   . LEU A 1 51 ? -12.91496 -2.04173  -11.87835 1.000 28.39000 ? 50  LEU A O   1 
ATOM   377  C CB  . LEU A 1 51 ? -14.84126 -4.68471  -10.97397 1.000 36.32000 ? 50  LEU A CB  1 
ATOM   378  C CG  . LEU A 1 51 ? -13.44543 -5.33772  -11.04899 1.000 33.24000 ? 50  LEU A CG  1 
ATOM   379  C CD1 . LEU A 1 51 ? -12.55326 -4.84681  -9.90741  1.000 33.81000 ? 50  LEU A CD1 1 
ATOM   380  C CD2 . LEU A 1 51 ? -13.51086 -6.83270  -11.04774 1.000 33.96000 ? 50  LEU A CD2 1 
ATOM   381  N N   . ASP A 1 52 ? -14.45546 -2.72618  -13.36966 1.000 35.06000 ? 51  ASP A N   1 
ATOM   382  C CA  . ASP A 1 52 ? -13.73130 -2.17296  -14.50888 1.000 36.54000 ? 51  ASP A CA  1 
ATOM   383  C C   . ASP A 1 52 ? -13.35903 -0.71020  -14.30079 1.000 36.50000 ? 51  ASP A C   1 
ATOM   384  O O   . ASP A 1 52 ? -12.23496 -0.30154  -14.61254 1.000 37.13000 ? 51  ASP A O   1 
ATOM   385  C CB  . ASP A 1 52 ? -14.56391 -2.31319  -15.78309 1.000 39.68000 ? 51  ASP A CB  1 
ATOM   386  C CG  . ASP A 1 52 ? -14.75037 -3.74296  -16.20260 1.000 42.51000 ? 51  ASP A CG  1 
ATOM   387  O OD1 . ASP A 1 52 ? -14.06560 -4.63712  -15.65778 1.000 42.93000 ? 51  ASP A OD1 1 
ATOM   388  O OD2 . ASP A 1 52 ? -15.60314 -3.97270  -17.07786 1.000 50.24000 ? 51  ASP A OD2 1 
ATOM   389  N N   . ALA A 1 53 ? -14.30110 0.11520   -13.81405 1.000 33.38000 ? 52  ALA A N   1 
ATOM   390  C CA  . ALA A 1 53 ? -13.96914 1.52629   -13.64462 1.000 33.83000 ? 52  ALA A CA  1 
ATOM   391  C C   . ALA A 1 53 ? -12.95456 1.70936   -12.52982 1.000 32.82000 ? 52  ALA A C   1 
ATOM   392  O O   . ALA A 1 53 ? -12.06050 2.55649   -12.63106 1.000 28.27000 ? 52  ALA A O   1 
ATOM   393  C CB  . ALA A 1 53 ? -15.21482 2.36692   -13.37606 1.000 32.98000 ? 52  ALA A CB  1 
ATOM   394  N N   . LYS A 1 54 ? -13.06529 0.91914   -11.46137 1.000 27.56000 ? 53  LYS A N   1 
ATOM   395  C CA  . LYS A 1 54 ? -12.04844 0.99369   -10.42058 1.000 32.24000 ? 53  LYS A CA  1 
ATOM   396  C C   . LYS A 1 54 ? -10.68807 0.54549   -10.94500 1.000 29.04000 ? 53  LYS A C   1 
ATOM   397  O O   . LYS A 1 54 ? -9.65233  1.10153   -10.56219 1.000 29.15000 ? 53  LYS A O   1 
ATOM   398  C CB  . LYS A 1 54 ? -12.46348 0.16133   -9.21164  1.000 32.80000 ? 53  LYS A CB  1 
ATOM   399  C CG  . LYS A 1 54 ? -11.93321 0.72253   -7.90790  1.000 37.94000 ? 53  LYS A CG  1 
ATOM   400  C CD  . LYS A 1 54 ? -12.29139 2.21833   -7.76121  1.000 35.03000 ? 53  LYS A CD  1 
ATOM   401  C CE  . LYS A 1 54 ? -13.70461 2.39842   -7.26527  1.000 40.20000 ? 53  LYS A CE  1 
ATOM   402  N NZ  . LYS A 1 54 ? -13.88033 3.72720   -6.63629  1.000 42.65000 ? 53  LYS A NZ  1 
ATOM   403  N N   . VAL A 1 55 ? -10.67154 -0.43975  -11.84050 1.000 28.33000 ? 54  VAL A N   1 
ATOM   404  C CA  . VAL A 1 55 ? -9.40036  -0.89037  -12.40002 1.000 29.04000 ? 54  VAL A CA  1 
ATOM   405  C C   . VAL A 1 55 ? -8.78621  0.22334   -13.24594 1.000 34.13000 ? 54  VAL A C   1 
ATOM   406  O O   . VAL A 1 55 ? -7.57607  0.48365   -13.17811 1.000 27.83000 ? 54  VAL A O   1 
ATOM   407  C CB  . VAL A 1 55 ? -9.60279  -2.18488  -13.20447 1.000 29.23000 ? 54  VAL A CB  1 
ATOM   408  C CG1 . VAL A 1 55 ? -8.36502  -2.49475  -14.04521 1.000 31.27000 ? 54  VAL A CG1 1 
ATOM   409  C CG2 . VAL A 1 55 ? -9.94342  -3.36454  -12.25705 1.000 29.37000 ? 54  VAL A CG2 1 
ATOM   410  N N   . ASN A 1 56 ? -9.62435  0.93089   -14.01374 1.000 32.87000 ? 55  ASN A N   1 
ATOM   411  C CA  . ASN A 1 56 ? -9.11912  2.00553   -14.86188 1.000 33.29000 ? 55  ASN A CA  1 
ATOM   412  C C   . ASN A 1 56 ? -8.56861  3.14287   -14.02682 1.000 30.99000 ? 55  ASN A C   1 
ATOM   413  O O   . ASN A 1 56 ? -7.51281  3.70263   -14.34924 1.000 33.61000 ? 55  ASN A O   1 
ATOM   414  C CB  . ASN A 1 56 ? -10.22621 2.49199   -15.78524 1.000 34.84000 ? 55  ASN A CB  1 
ATOM   415  C CG  . ASN A 1 56 ? -10.56807 1.47145   -16.82444 1.000 39.60000 ? 55  ASN A CG  1 
ATOM   416  O OD1 . ASN A 1 56 ? -9.68624  0.75483   -17.30031 1.000 42.22000 ? 55  ASN A OD1 1 
ATOM   417  N ND2 . ASN A 1 56 ? -11.84473 1.38335   -17.18712 1.000 47.19000 ? 55  ASN A ND2 1 
ATOM   418  N N   . GLU A 1 57 ? -9.27159  3.48605   -12.94644 1.000 32.42000 ? 56  GLU A N   1 
ATOM   419  C CA  . GLU A 1 57 ? -8.79801  4.51302   -12.02485 1.000 35.71000 ? 56  GLU A CA  1 
ATOM   420  C C   . GLU A 1 57 ? -7.45017  4.13283   -11.43425 1.000 35.16000 ? 56  GLU A C   1 
ATOM   421  O O   . GLU A 1 57 ? -6.50097  4.92449   -11.45705 1.000 35.35000 ? 56  GLU A O   1 
ATOM   422  C CB  . GLU A 1 57 ? -9.83375  4.72249   -10.91804 1.000 35.96000 ? 56  GLU A CB  1 
ATOM   423  C CG  . GLU A 1 57 ? -9.59758  5.92462   -10.01437 1.000 41.13000 ? 56  GLU A CG  1 
ATOM   424  C CD  . GLU A 1 57 ? -10.56712 5.96406   -8.83987  1.000 45.23000 ? 56  GLU A CD  1 
ATOM   425  O OE1 . GLU A 1 57 ? -11.77644 5.74597   -9.06580  1.000 50.85000 ? 56  GLU A OE1 1 
ATOM   426  O OE2 . GLU A 1 57 ? -10.12983 6.21568   -7.69251  1.000 47.36000 ? 56  GLU A OE2 1 
ATOM   427  N N   . ALA A 1 58 ? -7.34993  2.92025   -10.88538 1.000 32.38000 ? 57  ALA A N   1 
ATOM   428  C CA  . ALA A 1 58 ? -6.08508  2.46835   -10.31999 1.000 32.65000 ? 57  ALA A CA  1 
ATOM   429  C C   . ALA A 1 58 ? -4.98501  2.47671   -11.37178 1.000 30.60000 ? 57  ALA A C   1 
ATOM   430  O O   . ALA A 1 58 ? -3.83489  2.80412   -11.07110 1.000 31.96000 ? 57  ALA A O   1 
ATOM   431  C CB  . ALA A 1 58 ? -6.25254  1.07586   -9.71240  1.000 28.32000 ? 57  ALA A CB  1 
ATOM   432  N N   . LEU A 1 59 ? -5.32038  2.12015   -12.61510 1.000 31.29000 ? 58  LEU A N   1 
ATOM   433  C CA  . LEU A 1 59 ? -4.33573  2.17104   -13.69122 1.000 33.45000 ? 58  LEU A CA  1 
ATOM   434  C C   . LEU A 1 59 ? -3.79471  3.58032   -13.87325 1.000 33.33000 ? 58  LEU A C   1 
ATOM   435  O O   . LEU A 1 59 ? -2.59298  3.77233   -14.07486 1.000 30.43000 ? 58  LEU A O   1 
ATOM   436  C CB  . LEU A 1 59 ? -4.96081  1.69831   -15.00593 1.000 35.18000 ? 58  LEU A CB  1 
ATOM   437  C CG  . LEU A 1 59 ? -4.63597  0.34372   -15.60748 1.000 40.84000 ? 58  LEU A CG  1 
ATOM   438  C CD1 . LEU A 1 59 ? -5.59141  0.10237   -16.78413 1.000 43.55000 ? 58  LEU A CD1 1 
ATOM   439  C CD2 . LEU A 1 59 ? -3.18654  0.26408   -16.03588 1.000 41.67000 ? 58  LEU A CD2 1 
ATOM   440  N N   . GLU A 1 60 ? -4.67979  4.58173   -13.83317 1.000 36.80000 ? 59  GLU A N   1 
ATOM   441  C CA  . GLU A 1 60 ? -4.25333  5.95379   -14.08394 1.000 38.74000 ? 59  GLU A CA  1 
ATOM   442  C C   . GLU A 1 60 ? -3.47258  6.50684   -12.90331 1.000 37.66000 ? 59  GLU A C   1 
ATOM   443  O O   . GLU A 1 60 ? -2.52207  7.27831   -13.08385 1.000 37.66000 ? 59  GLU A O   1 
ATOM   444  C CB  . GLU A 1 60 ? -5.46602  6.84264   -14.38480 1.000 38.51000 ? 59  GLU A CB  1 
ATOM   445  C CG  . GLU A 1 60 ? -5.98136  6.70296   -15.80899 1.000 42.73000 ? 59  GLU A CG  1 
ATOM   446  C CD  . GLU A 1 60 ? -4.86128  6.44437   -16.80885 1.000 50.69000 ? 59  GLU A CD  1 
ATOM   447  O OE1 . GLU A 1 60 ? -3.97128  7.31466   -16.95974 1.000 51.80000 ? 59  GLU A OE1 1 
ATOM   448  O OE2 . GLU A 1 60 ? -4.85719  5.35508   -17.43248 1.000 55.47000 ? 59  GLU A OE2 1 
ATOM   449  N N   . VAL A 1 61 ? -3.87774  6.13761   -11.68687 1.000 36.05000 ? 60  VAL A N   1 
ATOM   450  C CA  . VAL A 1 61 ? -3.13145  6.52911   -10.49488 1.000 37.70000 ? 60  VAL A CA  1 
ATOM   451  C C   . VAL A 1 61 ? -1.74017  5.91906   -10.52312 1.000 34.80000 ? 60  VAL A C   1 
ATOM   452  O O   . VAL A 1 61 ? -0.74380  6.59013   -10.23080 1.000 37.53000 ? 60  VAL A O   1 
ATOM   453  C CB  . VAL A 1 61 ? -3.90946  6.12651   -9.22794  1.000 35.76000 ? 60  VAL A CB  1 
ATOM   454  C CG1 . VAL A 1 61 ? -3.01242  6.18721   -7.98418  1.000 33.08000 ? 60  VAL A CG1 1 
ATOM   455  C CG2 . VAL A 1 61 ? -5.14120  7.01324   -9.06380  1.000 34.44000 ? 60  VAL A CG2 1 
ATOM   456  N N   . LEU A 1 62 ? -1.64467  4.64948   -10.91075 1.000 32.84000 ? 61  LEU A N   1 
ATOM   457  C CA  . LEU A 1 62 ? -0.35153  3.97204   -10.92125 1.000 32.12000 ? 61  LEU A CA  1 
ATOM   458  C C   . LEU A 1 62 ? 0.57824   4.58531   -11.96303 1.000 37.51000 ? 61  LEU A C   1 
ATOM   459  O O   . LEU A 1 62 ? 1.75501   4.85071   -11.68737 1.000 33.49000 ? 61  LEU A O   1 
ATOM   460  C CB  . LEU A 1 62 ? -0.54761  2.47722   -11.17617 1.000 29.08000 ? 61  LEU A CB  1 
ATOM   461  C CG  . LEU A 1 62 ? 0.71030   1.61636   -11.04933 1.000 37.12000 ? 61  LEU A CG  1 
ATOM   462  C CD1 . LEU A 1 62 ? 1.23766   1.65055   -9.60965  1.000 29.26000 ? 61  LEU A CD1 1 
ATOM   463  C CD2 . LEU A 1 62 ? 0.42642   0.19894   -11.51562 1.000 34.43000 ? 61  LEU A CD2 1 
ATOM   464  N N   . LYS A 1 63 ? 0.05486   4.83239   -13.16534 1.000 35.95000 ? 62  LYS A N   1 
ATOM   465  C CA  . LYS A 1 63 ? 0.86392   5.44375   -14.21612 1.000 41.57000 ? 62  LYS A CA  1 
ATOM   466  C C   . LYS A 1 63 ? 1.37557   6.82212   -13.80843 1.000 41.91000 ? 62  LYS A C   1 
ATOM   467  O O   . LYS A 1 63 ? 2.55419   7.13338   -14.00998 1.000 46.40000 ? 62  LYS A O   1 
ATOM   468  C CB  . LYS A 1 63 ? 0.05898   5.51788   -15.51180 1.000 43.07000 ? 62  LYS A CB  1 
ATOM   469  C CG  . LYS A 1 63 ? 0.07403   4.20384   -16.28574 1.000 46.63000 ? 62  LYS A CG  1 
ATOM   470  C CD  . LYS A 1 63 ? -0.68548  4.29720   -17.61368 1.000 52.46000 ? 62  LYS A CD  1 
ATOM   471  C CE  . LYS A 1 63 ? -1.58705  3.07508   -17.80787 1.000 51.48000 ? 62  LYS A CE  1 
ATOM   472  N NZ  . LYS A 1 63 ? -2.22663  3.02924   -19.15329 1.000 50.32000 ? 62  LYS A NZ  1 
ATOM   473  N N   . GLU A 1 64 ? 0.51187   7.66217   -13.23116 1.000 44.72000 ? 63  GLU A N   1 
ATOM   474  C CA  . GLU A 1 64 ? 0.95410   8.96992   -12.75206 1.000 45.05000 ? 63  GLU A CA  1 
ATOM   475  C C   . GLU A 1 64 ? 2.03127   8.82954   -11.68068 1.000 46.06000 ? 63  GLU A C   1 
ATOM   476  O O   . GLU A 1 64 ? 2.99786   9.60073   -11.65391 1.000 43.68000 ? 63  GLU A O   1 
ATOM   477  C CB  . GLU A 1 64 ? -0.24151  9.77011   -12.23255 1.000 45.10000 ? 63  GLU A CB  1 
ATOM   478  C CG  . GLU A 1 64 ? 0.11586   10.96315  -11.33295 1.000 55.31000 ? 63  GLU A CG  1 
ATOM   479  C CD  . GLU A 1 64 ? -1.11587  11.60172  -10.66998 1.000 60.20000 ? 63  GLU A CD  1 
ATOM   480  O OE1 . GLU A 1 64 ? -2.22283  11.02222  -10.77229 1.000 61.35000 ? 63  GLU A OE1 1 
ATOM   481  O OE2 . GLU A 1 64 ? -0.97774  12.67966  -10.04683 1.000 61.77000 ? 63  GLU A OE2 1 
ATOM   482  N N   . TYR A 1 65 ? 1.90290   7.81902   -10.81833 1.000 38.32000 ? 64  TYR A N   1 
ATOM   483  C CA  . TYR A 1 65 ? 2.90116   7.58383   -9.77935  1.000 40.57000 ? 64  TYR A CA  1 
ATOM   484  C C   . TYR A 1 65 ? 4.25489   7.21971   -10.36470 1.000 41.33000 ? 64  TYR A C   1 
ATOM   485  O O   . TYR A 1 65 ? 5.29272   7.60667   -9.81849  1.000 40.71000 ? 64  TYR A O   1 
ATOM   486  C CB  . TYR A 1 65 ? 2.43552   6.46773   -8.86101  1.000 39.10000 ? 64  TYR A CB  1 
ATOM   487  C CG  . TYR A 1 65 ? 3.22960   6.30423   -7.58615  1.000 37.39000 ? 64  TYR A CG  1 
ATOM   488  C CD1 . TYR A 1 65 ? 3.37551   7.35856   -6.69778  1.000 37.62000 ? 64  TYR A CD1 1 
ATOM   489  C CD2 . TYR A 1 65 ? 3.76694   5.06656   -7.23760  1.000 33.90000 ? 64  TYR A CD2 1 
ATOM   490  C CE1 . TYR A 1 65 ? 4.06411   7.20091   -5.50616  1.000 37.32000 ? 64  TYR A CE1 1 
ATOM   491  C CE2 . TYR A 1 65 ? 4.46035   4.89527   -6.05421  1.000 34.94000 ? 64  TYR A CE2 1 
ATOM   492  C CZ  . TYR A 1 65 ? 4.61058   5.97240   -5.19298  1.000 36.04000 ? 64  TYR A CZ  1 
ATOM   493  O OH  . TYR A 1 65 ? 5.29775   5.82811   -4.01634  1.000 35.08000 ? 64  TYR A OH  1 
ATOM   494  N N   . GLN A 1 66 ? 4.26979   6.45279   -11.45723 1.000 41.81000 ? 65  GLN A N   1 
ATOM   495  C CA  . GLN A 1 66 ? 5.50463   5.88498   -11.97944 1.000 43.28000 ? 65  GLN A CA  1 
ATOM   496  C C   . GLN A 1 66 ? 6.09225   6.68160   -13.13519 1.000 47.56000 ? 65  GLN A C   1 
ATOM   497  O O   . GLN A 1 66 ? 7.25493   6.46221   -13.48184 1.000 48.87000 ? 65  GLN A O   1 
ATOM   498  C CB  . GLN A 1 66 ? 5.27526   4.42730   -12.41195 1.000 44.80000 ? 65  GLN A CB  1 
ATOM   499  C CG  . GLN A 1 66 ? 4.85506   3.52124   -11.24845 1.000 42.24000 ? 65  GLN A CG  1 
ATOM   500  C CD  . GLN A 1 66 ? 4.72412   2.04863   -11.62617 1.000 46.03000 ? 65  GLN A CD  1 
ATOM   501  O OE1 . GLN A 1 66 ? 4.41237   1.70707   -12.76844 1.000 45.24000 ? 65  GLN A OE1 1 
ATOM   502  N NE2 . GLN A 1 66 ? 4.95881   1.16959   -10.65392 1.000 43.58000 ? 65  GLN A NE2 1 
ATOM   503  N N   . GLN A 1 67 ? 5.32359   7.59040   -13.73326 1.000 51.32000 ? 66  GLN A N   1 
ATOM   504  C CA  . GLN A 1 67 ? 5.81275   8.48632   -14.77960 1.000 58.42000 ? 66  GLN A CA  1 
ATOM   505  C C   . GLN A 1 67 ? 6.15038   9.84793   -14.18917 1.000 58.74000 ? 66  GLN A C   1 
ATOM   506  O O   . GLN A 1 67 ? 7.32639   10.16784  -13.97397 1.000 60.55000 ? 66  GLN A O   1 
ATOM   507  C CB  . GLN A 1 67 ? 4.76774   8.66870   -15.88146 1.000 58.30000 ? 66  GLN A CB  1 
ATOM   508  C CG  . GLN A 1 67 ? 4.75798   7.60973   -16.95862 1.000 64.10000 ? 66  GLN A CG  1 
ATOM   509  C CD  . GLN A 1 67 ? 3.34804   7.12623   -17.27622 1.000 65.86000 ? 66  GLN A CD  1 
ATOM   510  O OE1 . GLN A 1 67 ? 2.39111   7.91003   -17.28765 1.000 66.33000 ? 66  GLN A OE1 1 
ATOM   511  N NE2 . GLN A 1 67 ? 3.21621   5.82951   -17.54078 1.000 62.95000 ? 66  GLN A NE2 1 
ATOM   512  N N   . ASN A 1 68 ? 5.10888   10.64642  -13.94107 1.000 63.09000 ? 67  ASN A N   1 
ATOM   513  C CA  . ASN A 1 68 ? 5.21689   11.97648  -13.34164 1.000 67.22000 ? 67  ASN A CA  1 
ATOM   514  C C   . ASN A 1 68 ? 3.85730   12.39447  -12.77615 1.000 61.99000 ? 67  ASN A C   1 
ATOM   515  O O   . ASN A 1 68 ? 3.74660   13.33575  -11.98780 1.000 66.24000 ? 67  ASN A O   1 
ATOM   516  C CB  . ASN A 1 68 ? 5.70759   13.00730  -14.37031 1.000 71.29000 ? 67  ASN A CB  1 
ATOM   517  C CG  . ASN A 1 68 ? 7.21130   13.20323  -14.33167 1.000 72.54000 ? 67  ASN A CG  1 
ATOM   518  O OD1 . ASN A 1 68 ? 7.93063   12.77065  -15.23760 1.000 72.76000 ? 67  ASN A OD1 1 
ATOM   519  N ND2 . ASN A 1 68 ? 7.69539   13.86327  -13.28182 1.000 69.06000 ? 67  ASN A ND2 1 
ATOM   520  N N   . HIS B 1 1  ? 12.40001  12.90831  -12.18126 1.000 69.63000 ? 0   HIS Q N   1 
ATOM   521  C CA  . HIS B 1 1  ? 12.30561  11.52931  -11.71823 1.000 66.38000 ? 0   HIS Q CA  1 
ATOM   522  C C   . HIS B 1 1  ? 11.00541  11.33918  -10.94452 1.000 59.58000 ? 0   HIS Q C   1 
ATOM   523  O O   . HIS B 1 1  ? 10.57949  12.22983  -10.21650 1.000 63.02000 ? 0   HIS Q O   1 
ATOM   524  C CB  . HIS B 1 1  ? 13.52672  11.16707  -10.87318 1.000 70.13000 ? 0   HIS Q CB  1 
ATOM   525  C CG  . HIS B 1 1  ? 14.79950  11.11253  -11.66310 1.000 81.64000 ? 0   HIS Q CG  1 
ATOM   526  N ND1 . HIS B 1 1  ? 15.25535  12.17570  -12.41541 1.000 81.18000 ? 0   HIS Q ND1 1 
ATOM   527  C CD2 . HIS B 1 1  ? 15.70678  10.12081  -11.82805 1.000 84.59000 ? 0   HIS Q CD2 1 
ATOM   528  C CE1 . HIS B 1 1  ? 16.38886  11.84250  -13.00483 1.000 85.85000 ? 0   HIS Q CE1 1 
ATOM   529  N NE2 . HIS B 1 1  ? 16.68570  10.60038  -12.66513 1.000 88.76000 ? 0   HIS Q NE2 1 
ATOM   530  N N   . SER B 1 2  ? 10.40160  10.16011  -11.10129 1.000 56.99000 ? 1   SER Q N   1 
ATOM   531  C CA  . SER B 1 2  ? 8.98515   9.94934   -10.81840 1.000 51.02000 ? 1   SER Q CA  1 
ATOM   532  C C   . SER B 1 2  ? 8.65982   10.07837  -9.33124  1.000 48.64000 ? 1   SER Q C   1 
ATOM   533  O O   . SER B 1 2  ? 9.53616   9.93888   -8.47624  1.000 46.90000 ? 1   SER Q O   1 
ATOM   534  C CB  . SER B 1 2  ? 8.56606   8.56432   -11.29756 1.000 49.19000 ? 1   SER Q CB  1 
ATOM   535  O OG  . SER B 1 2  ? 9.17958   7.57588   -10.49295 1.000 46.84000 ? 1   SER Q OG  1 
ATOM   536  N N   . PRO B 1 3  ? 7.38486   10.33496  -8.99957  1.000 47.98000 ? 2   PRO Q N   1 
ATOM   537  C CA  . PRO B 1 3  ? 6.98005   10.30078  -7.58215  1.000 45.51000 ? 2   PRO Q CA  1 
ATOM   538  C C   . PRO B 1 3  ? 7.34256   8.99646   -6.89823  1.000 42.04000 ? 2   PRO Q C   1 
ATOM   539  O O   . PRO B 1 3  ? 7.71864   9.00056   -5.72032  1.000 37.24000 ? 2   PRO Q O   1 
ATOM   540  C CB  . PRO B 1 3  ? 5.45972   10.49482  -7.64439  1.000 44.00000 ? 2   PRO Q CB  1 
ATOM   541  C CG  . PRO B 1 3  ? 5.20915   11.18197  -8.95097  1.000 48.20000 ? 2   PRO Q CG  1 
ATOM   542  C CD  . PRO B 1 3  ? 6.27340   10.71437  -9.89265  1.000 45.39000 ? 2   PRO Q CD  1 
ATOM   543  N N   . GLU B 1 4  ? 7.22940   7.87256   -7.61385  1.000 37.51000 ? 3   GLU Q N   1 
ATOM   544  C CA  . GLU B 1 4  ? 7.58544   6.58570   -7.03471  1.000 40.00000 ? 3   GLU Q CA  1 
ATOM   545  C C   . GLU B 1 4  ? 9.05722   6.53947   -6.65608  1.000 40.51000 ? 3   GLU Q C   1 
ATOM   546  O O   . GLU B 1 4  ? 9.42012   5.99752   -5.60562  1.000 37.01000 ? 3   GLU Q O   1 
ATOM   547  C CB  . GLU B 1 4  ? 7.26595   5.46750   -8.02056  1.000 39.80000 ? 3   GLU Q CB  1 
ATOM   548  C CG  . GLU B 1 4  ? 7.87064   4.13532   -7.64381  1.000 38.74000 ? 3   GLU Q CG  1 
ATOM   549  C CD  . GLU B 1 4  ? 7.53396   3.07316   -8.65314  1.000 45.76000 ? 3   GLU Q CD  1 
ATOM   550  O OE1 . GLU B 1 4  ? 7.82318   3.28945   -9.85135  1.000 48.85000 ? 3   GLU Q OE1 1 
ATOM   551  O OE2 . GLU B 1 4  ? 6.95540   2.04203   -8.25348  1.000 50.12000 ? 3   GLU Q OE2 1 
ATOM   552  N N   . GLU B 1 5  ? 9.92297   7.09032   -7.51330  1.000 43.30000 ? 4   GLU Q N   1 
ATOM   553  C CA  . GLU B 1 5  ? 11.35182  7.08531   -7.23220  1.000 44.10000 ? 4   GLU Q CA  1 
ATOM   554  C C   . GLU B 1 5  ? 11.70513  8.04408   -6.10781  1.000 38.58000 ? 4   GLU Q C   1 
ATOM   555  O O   . GLU B 1 5  ? 12.64597  7.78207   -5.35066  1.000 41.63000 ? 4   GLU Q O   1 
ATOM   556  C CB  . GLU B 1 5  ? 12.13672  7.42577   -8.49876  1.000 47.61000 ? 4   GLU Q CB  1 
ATOM   557  C CG  . GLU B 1 5  ? 12.37586  6.22263   -9.38942  1.000 50.55000 ? 4   GLU Q CG  1 
ATOM   558  C CD  . GLU B 1 5  ? 12.86044  6.58590   -10.78140 1.000 58.31000 ? 4   GLU Q CD  1 
ATOM   559  O OE1 . GLU B 1 5  ? 12.45595  7.64143   -11.32218 1.000 59.96000 ? 4   GLU Q OE1 1 
ATOM   560  O OE2 . GLU B 1 5  ? 13.65303  5.79804   -11.33515 1.000 56.98000 ? 4   GLU Q OE2 1 
ATOM   561  N N   . GLN B 1 6  ? 10.97558  9.15037   -5.97698  1.000 39.33000 ? 5   GLN Q N   1 
ATOM   562  C CA  . GLN B 1 6  ? 11.21743  10.05566  -4.85962  1.000 42.59000 ? 5   GLN Q CA  1 
ATOM   563  C C   . GLN B 1 6  ? 10.91424  9.37781   -3.52651  1.000 40.05000 ? 5   GLN Q C   1 
ATOM   564  O O   . GLN B 1 6  ? 11.69993  9.47468   -2.57693  1.000 39.73000 ? 5   GLN Q O   1 
ATOM   565  C CB  . GLN B 1 6  ? 10.38985  11.32870  -5.02191  1.000 44.52000 ? 5   GLN Q CB  1 
ATOM   566  C CG  . GLN B 1 6  ? 10.72299  12.11798  -6.27568  1.000 53.41000 ? 5   GLN Q CG  1 
ATOM   567  C CD  . GLN B 1 6  ? 10.34979  13.58114  -6.15228  1.000 62.32000 ? 5   GLN Q CD  1 
ATOM   568  O OE1 . GLN B 1 6  ? 10.17533  14.09868  -5.04552  1.000 62.99000 ? 5   GLN Q OE1 1 
ATOM   569  N NE2 . GLN B 1 6  ? 10.22997  14.26086  -7.29131  1.000 67.12000 ? 5   GLN Q NE2 1 
ATOM   570  N N   . LYS B 1 7  ? 9.77207   8.68768   -3.43595  1.000 38.04000 ? 6   LYS Q N   1 
ATOM   571  C CA  . LYS B 1 7  ? 9.45377   7.95148   -2.21515  1.000 33.40000 ? 6   LYS Q CA  1 
ATOM   572  C C   . LYS B 1 7  ? 10.46962  6.84778   -1.96802  1.000 32.01000 ? 6   LYS Q C   1 
ATOM   573  O O   . LYS B 1 7  ? 10.84625  6.58114   -0.81822  1.000 34.58000 ? 6   LYS Q O   1 
ATOM   574  C CB  . LYS B 1 7  ? 8.04000   7.37494   -2.30655  1.000 35.02000 ? 6   LYS Q CB  1 
ATOM   575  C CG  . LYS B 1 7  ? 6.92808   8.44029   -2.37803  1.000 36.86000 ? 6   LYS Q CG  1 
ATOM   576  C CD  . LYS B 1 7  ? 6.99397   9.41836   -1.21078  1.000 35.68000 ? 6   LYS Q CD  1 
ATOM   577  C CE  . LYS B 1 7  ? 5.80419   10.40570  -1.21564  1.000 34.92000 ? 6   LYS Q CE  1 
ATOM   578  N NZ  . LYS B 1 7  ? 4.51139   9.73763   -0.87851  1.000 34.62000 ? 6   LYS Q NZ  1 
ATOM   579  N N   . GLN B 1 8  ? 10.92280  6.18707   -3.03586  1.000 33.65000 ? 7   GLN Q N   1 
ATOM   580  C CA  . GLN B 1 8  ? 11.94846  5.15824   -2.89211  1.000 30.08000 ? 7   GLN Q CA  1 
ATOM   581  C C   . GLN B 1 8  ? 13.22282  5.73757   -2.29519  1.000 32.21000 ? 7   GLN Q C   1 
ATOM   582  O O   . GLN B 1 8  ? 13.81892  5.14521   -1.39169  1.000 32.32000 ? 7   GLN Q O   1 
ATOM   583  C CB  . GLN B 1 8  ? 12.25000  4.51655   -4.24457  1.000 30.24000 ? 7   GLN Q CB  1 
ATOM   584  C CG  . GLN B 1 8  ? 13.39328  3.48739   -4.22030  1.000 35.77000 ? 7   GLN Q CG  1 
ATOM   585  C CD  . GLN B 1 8  ? 13.01819  2.18147   -3.51424  1.000 36.15000 ? 7   GLN Q CD  1 
ATOM   586  O OE1 . GLN B 1 8  ? 11.90719  1.67454   -3.65757  1.000 35.00000 ? 7   GLN Q OE1 1 
ATOM   587  N NE2 . GLN B 1 8  ? 13.95525  1.63390   -2.75575  1.000 39.81000 ? 7   GLN Q NE2 1 
ATOM   588  N N   . MET B 1 9  ? 13.66511  6.89249   -2.80291  1.000 32.25000 ? 8   MET Q N   1 
ATOM   589  C CA  . MET B 1 9  ? 14.87331  7.51626   -2.26637  1.000 36.28000 ? 8   MET Q CA  1 
ATOM   590  C C   . MET B 1 9  ? 14.69658  7.90342   -0.80122  1.000 31.91000 ? 8   MET Q C   1 
ATOM   591  O O   . MET B 1 9  ? 15.61136  7.71703   0.01266   1.000 30.19000 ? 8   MET Q O   1 
ATOM   592  C CB  . MET B 1 9  ? 15.25994  8.74036   -3.10563  1.000 37.06000 ? 8   MET Q CB  1 
ATOM   593  C CG  . MET B 1 9  ? 15.58945  8.40012   -4.54690  1.000 48.96000 ? 8   MET Q CG  1 
ATOM   594  S SD  . MET B 1 9  ? 16.20374  9.77758   -5.54506  1.000 69.02000 ? 8   MET Q SD  1 
ATOM   595  C CE  . MET B 1 9  ? 16.91117  8.90450   -6.94766  1.000 56.04000 ? 8   MET Q CE  1 
ATOM   596  N N   . LEU B 1 10 ? 13.53297  8.45008   -0.44069  1.000 30.49000 ? 9   LEU Q N   1 
ATOM   597  C CA  . LEU B 1 10 ? 13.28600  8.77747   0.96381   1.000 30.81000 ? 9   LEU Q CA  1 
ATOM   598  C C   . LEU B 1 10 ? 13.12424  7.52294   1.81193   1.000 31.76000 ? 9   LEU Q C   1 
ATOM   599  O O   . LEU B 1 10 ? 13.53156  7.49716   2.98202   1.000 28.67000 ? 9   LEU Q O   1 
ATOM   600  C CB  . LEU B 1 10 ? 12.04279  9.65711   1.09048   1.000 32.32000 ? 9   LEU Q CB  1 
ATOM   601  C CG  . LEU B 1 10 ? 12.24684  10.99118  0.38420   1.000 38.14000 ? 9   LEU Q CG  1 
ATOM   602  C CD1 . LEU B 1 10 ? 10.92683  11.59315  -0.02779  1.000 36.71000 ? 9   LEU Q CD1 1 
ATOM   603  C CD2 . LEU B 1 10 ? 12.99764  11.91457  1.31148   1.000 38.81000 ? 9   LEU Q CD2 1 
ATOM   604  N N   . GLY B 1 11 ? 12.50240  6.48198   1.24573   1.000 29.58000 ? 10  GLY Q N   1 
ATOM   605  C CA  . GLY B 1 11 ? 12.39024  5.22543   1.95551   1.000 31.02000 ? 10  GLY Q CA  1 
ATOM   606  C C   . GLY B 1 11 ? 13.74049  4.61590   2.29218   1.000 30.91000 ? 10  GLY Q C   1 
ATOM   607  O O   . GLY B 1 11 ? 13.90220  4.00842   3.34885   1.000 30.04000 ? 10  GLY Q O   1 
ATOM   608  N N   . GLU B 1 12 ? 14.71792  4.76165   1.39552   1.000 31.65000 ? 11  GLU Q N   1 
ATOM   609  C CA  . GLU B 1 12 ? 16.04602  4.22112   1.67910   1.000 34.26000 ? 11  GLU Q CA  1 
ATOM   610  C C   . GLU B 1 12 ? 16.65071  4.85571   2.92567   1.000 32.45000 ? 11  GLU Q C   1 
ATOM   611  O O   . GLU B 1 12 ? 17.40972  4.20307   3.64706   1.000 32.73000 ? 11  GLU Q O   1 
ATOM   612  C CB  . GLU B 1 12 ? 16.99509  4.43765   0.49359   1.000 34.08000 ? 11  GLU Q CB  1 
ATOM   613  C CG  . GLU B 1 12 ? 16.46898  3.99333   -0.84748  1.000 37.93000 ? 11  GLU Q CG  1 
ATOM   614  C CD  . GLU B 1 12 ? 16.85497  2.58510   -1.21992  1.000 40.70000 ? 11  GLU Q CD  1 
ATOM   615  O OE1 . GLU B 1 12 ? 17.32332  1.82189   -0.34109  1.000 40.88000 ? 11  GLU Q OE1 1 
ATOM   616  O OE2 . GLU B 1 12 ? 16.66369  2.23985   -2.40482  1.000 39.73000 ? 11  GLU Q OE2 1 
ATOM   617  N N   . ALA B 1 13 ? 16.34840  6.12478   3.17777   1.000 31.27000 ? 12  ALA Q N   1 
ATOM   618  C CA  . ALA B 1 13 ? 16.83155  6.79220   4.38070   1.000 35.63000 ? 12  ALA Q CA  1 
ATOM   619  C C   . ALA B 1 13 ? 15.99091  6.43530   5.59244   1.000 32.34000 ? 12  ALA Q C   1 
ATOM   620  O O   . ALA B 1 13 ? 16.49384  6.42569   6.71697   1.000 34.52000 ? 12  ALA Q O   1 
ATOM   621  C CB  . ALA B 1 13 ? 16.83179  8.31455   4.18255   1.000 32.14000 ? 12  ALA Q CB  1 
ATOM   622  N N   . ILE B 1 14 ? 14.71851  6.12885   5.38804   1.000 33.02000 ? 13  ILE Q N   1 
ATOM   623  C CA  . ILE B 1 14 ? 13.83706  5.94428   6.52911   1.000 32.82000 ? 13  ILE Q CA  1 
ATOM   624  C C   . ILE B 1 14 ? 13.93995  4.53096   7.07307   1.000 29.95000 ? 13  ILE Q C   1 
ATOM   625  O O   . ILE B 1 14 ? 13.94969  4.33359   8.29508   1.000 26.31000 ? 13  ILE Q O   1 
ATOM   626  C CB  . ILE B 1 14 ? 12.39404  6.30827   6.14285   1.000 33.87000 ? 13  ILE Q CB  1 
ATOM   627  C CG1 . ILE B 1 14 ? 12.28359  7.82487   5.97758   1.000 32.83000 ? 13  ILE Q CG1 1 
ATOM   628  C CG2 . ILE B 1 14 ? 11.42671  5.77352   7.18417   1.000 29.01000 ? 13  ILE Q CG2 1 
ATOM   629  C CD1 . ILE B 1 14 ? 10.94452  8.31548   5.45322   1.000 36.82000 ? 13  ILE Q CD1 1 
ATOM   630  N N   . TYR B 1 15 ? 14.00106  3.53765   6.17331   1.000 30.55000 ? 14  TYR Q N   1 
ATOM   631  C CA  . TYR B 1 15 ? 14.06826  2.12774   6.54486   1.000 29.46000 ? 14  TYR Q CA  1 
ATOM   632  C C   . TYR B 1 15 ? 15.10941  1.82621   7.61970   1.000 33.49000 ? 14  TYR Q C   1 
ATOM   633  O O   . TYR B 1 15 ? 14.75300  1.17651   8.61628   1.000 29.03000 ? 14  TYR Q O   1 
ATOM   634  C CB  . TYR B 1 15 ? 14.30432  1.29771   5.27216   1.000 29.95000 ? 14  TYR Q CB  1 
ATOM   635  C CG  . TYR B 1 15 ? 14.40901  -0.20293  5.47444   1.000 31.30000 ? 14  TYR Q CG  1 
ATOM   636  C CD1 . TYR B 1 15 ? 13.27401  -1.01596  5.41220   1.000 29.56000 ? 14  TYR Q CD1 1 
ATOM   637  C CD2 . TYR B 1 15 ? 15.64219  -0.81492  5.69251   1.000 32.77000 ? 14  TYR Q CD2 1 
ATOM   638  C CE1 . TYR B 1 15 ? 13.36688  -2.38807  5.58268   1.000 33.18000 ? 14  TYR Q CE1 1 
ATOM   639  C CE2 . TYR B 1 15 ? 15.74257  -2.17956  5.86494   1.000 31.24000 ? 14  TYR Q CE2 1 
ATOM   640  C CZ  . TYR B 1 15 ? 14.60449  -2.96322  5.81076   1.000 32.35000 ? 14  TYR Q CZ  1 
ATOM   641  O OH  . TYR B 1 15 ? 14.68923  -4.32392  5.98419   1.000 30.37000 ? 14  TYR Q OH  1 
ATOM   642  N N   . PRO B 1 16 ? 16.37289  2.26240   7.50409   1.000 32.35000 ? 15  PRO Q N   1 
ATOM   643  C CA  . PRO B 1 16 ? 17.34507  1.91698   8.56036   1.000 37.42000 ? 15  PRO Q CA  1 
ATOM   644  C C   . PRO B 1 16 ? 16.99221  2.51365   9.91161   1.000 34.67000 ? 15  PRO Q C   1 
ATOM   645  O O   . PRO B 1 16 ? 17.20344  1.87002   10.94592  1.000 38.04000 ? 15  PRO Q O   1 
ATOM   646  C CB  . PRO B 1 16 ? 18.66508  2.49195   8.02359   1.000 33.43000 ? 15  PRO Q CB  1 
ATOM   647  C CG  . PRO B 1 16 ? 18.44546  2.68399   6.56591   1.000 35.56000 ? 15  PRO Q CG  1 
ATOM   648  C CD  . PRO B 1 16 ? 17.00614  3.04150   6.42769   1.000 31.34000 ? 15  PRO Q CD  1 
ATOM   649  N N   . LYS B 1 17 ? 16.44803  3.73758   9.92380   1.000 33.91000 ? 16  LYS Q N   1 
ATOM   650  C CA  . LYS B 1 17 ? 16.08391  4.37594   11.18612  1.000 31.52000 ? 16  LYS Q CA  1 
ATOM   651  C C   . LYS B 1 17 ? 14.90247  3.66969   11.83948  1.000 32.42000 ? 16  LYS Q C   1 
ATOM   652  O O   . LYS B 1 17 ? 14.87698  3.49685   13.06311  1.000 40.92000 ? 16  LYS Q O   1 
ATOM   653  C CB  . LYS B 1 17 ? 15.79912  5.86142   10.94444  1.000 39.13000 ? 16  LYS Q CB  1 
ATOM   654  C CG  . LYS B 1 17 ? 17.00258  6.57593   10.33881  1.000 40.95000 ? 16  LYS Q CG  1 
ATOM   655  C CD  . LYS B 1 17 ? 16.96022  8.08238   10.46885  1.000 48.09000 ? 16  LYS Q CD  1 
ATOM   656  C CE  . LYS B 1 17 ? 18.35570  8.67457   10.21303  1.000 47.31000 ? 16  LYS Q CE  1 
ATOM   657  N NZ  . LYS B 1 17 ? 19.09320  9.03520   11.46605  1.000 44.18000 ? 16  LYS Q NZ  1 
ATOM   658  N N   . VAL B 1 18 ? 13.91948  3.24495   11.04182  1.000 30.53000 ? 17  VAL Q N   1 
ATOM   659  C CA  . VAL B 1 18 ? 12.84054  2.41370   11.57326  1.000 27.90000 ? 17  VAL Q CA  1 
ATOM   660  C C   . VAL B 1 18 ? 13.40444  1.10351   12.11334  1.000 28.16000 ? 17  VAL Q C   1 
ATOM   661  O O   . VAL B 1 18 ? 13.00234  0.62363   13.17969  1.000 31.50000 ? 17  VAL Q O   1 
ATOM   662  C CB  . VAL B 1 18 ? 11.77963  2.16468   10.48457  1.000 28.94000 ? 17  VAL Q CB  1 
ATOM   663  C CG1 . VAL B 1 18 ? 10.76113  1.14265   10.95036  1.000 30.16000 ? 17  VAL Q CG1 1 
ATOM   664  C CG2 . VAL B 1 18 ? 11.07931  3.47815   10.09124  1.000 30.34000 ? 17  VAL Q CG2 1 
ATOM   665  N N   . ALA B 1 19 ? 14.35456  0.51092   11.39310  1.000 30.08000 ? 18  ALA Q N   1 
ATOM   666  C CA  . ALA B 1 19 ? 14.88360  -0.78832  11.79226  1.000 30.38000 ? 18  ALA Q CA  1 
ATOM   667  C C   . ALA B 1 19 ? 15.57201  -0.74925  13.15101  1.000 32.36000 ? 18  ALA Q C   1 
ATOM   668  O O   . ALA B 1 19 ? 15.55741  -1.75905  13.86255  1.000 34.80000 ? 18  ALA Q O   1 
ATOM   669  C CB  . ALA B 1 19 ? 15.84011  -1.30333  10.72884  1.000 31.13000 ? 18  ALA Q CB  1 
ATOM   670  N N   . ALA B 1 20 ? 16.14261  0.39821   13.53672  1.000 32.95000 ? 19  ALA Q N   1 
ATOM   671  C CA  . ALA B 1 20 ? 16.76689  0.51568   14.84897  1.000 37.53000 ? 19  ALA Q CA  1 
ATOM   672  C C   . ALA B 1 20 ? 15.75163  0.32101   15.97459  1.000 39.15000 ? 19  ALA Q C   1 
ATOM   673  O O   . ALA B 1 20 ? 16.11385  -0.15245  17.05859  1.000 41.47000 ? 19  ALA Q O   1 
ATOM   674  C CB  . ALA B 1 20 ? 17.47609  1.86648   14.97145  1.000 36.87000 ? 19  ALA Q CB  1 
ATOM   675  N N   . SER B 1 21 ? 14.48750  0.66737   15.73778  1.000 35.72000 ? 20  SER Q N   1 
ATOM   676  C CA  . SER B 1 21 ? 13.41206  0.43176   16.69680  1.000 37.85000 ? 20  SER Q CA  1 
ATOM   677  C C   . SER B 1 21 ? 12.72349  -0.90069  16.44071  1.000 36.88000 ? 20  SER Q C   1 
ATOM   678  O O   . SER B 1 21 ? 12.31799  -1.59206  17.38177  1.000 38.63000 ? 20  SER Q O   1 
ATOM   679  C CB  . SER B 1 21 ? 12.36260  1.55381   16.61267  1.000 36.32000 ? 20  SER Q CB  1 
ATOM   680  O OG  . SER B 1 21 ? 12.95557  2.82766   16.36813  1.000 43.80000 ? 20  SER Q OG  1 
ATOM   681  N N   . GLN B 1 22 ? 12.60188  -1.26904  15.16826  1.000 31.86000 ? 21  GLN Q N   1 
ATOM   682  C CA  . GLN B 1 22 ? 11.67239  -2.30269  14.72069  1.000 30.88000 ? 21  GLN Q CA  1 
ATOM   683  C C   . GLN B 1 22 ? 12.34883  -3.09422  13.62495  1.000 31.45000 ? 21  GLN Q C   1 
ATOM   684  O O   . GLN B 1 22 ? 12.04882  -2.93364  12.43690  1.000 33.10000 ? 21  GLN Q O   1 
ATOM   685  C CB  . GLN B 1 22 ? 10.36808  -1.67627  14.22105  1.000 32.07000 ? 21  GLN Q CB  1 
ATOM   686  C CG  . GLN B 1 22 ? 9.53120   -1.03636  15.30117  1.000 38.29000 ? 21  GLN Q CG  1 
ATOM   687  C CD  . GLN B 1 22 ? 8.92291   -2.06755  16.25461  1.000 42.00000 ? 21  GLN Q CD  1 
ATOM   688  O OE1 . GLN B 1 22 ? 8.67094   -3.20573  15.87339  1.000 40.57000 ? 21  GLN Q OE1 1 
ATOM   689  N NE2 . GLN B 1 22 ? 8.66903   -1.65651  17.48985  1.000 42.35000 ? 21  GLN Q NE2 1 
ATOM   690  N N   . PRO B 1 23 ? 13.29142  -3.96803  13.98606  1.000 34.81000 ? 22  PRO Q N   1 
ATOM   691  C CA  . PRO B 1 23 ? 14.10278  -4.61865  12.95610  1.000 31.21000 ? 22  PRO Q CA  1 
ATOM   692  C C   . PRO B 1 23 ? 13.31257  -5.62761  12.13951  1.000 35.47000 ? 22  PRO Q C   1 
ATOM   693  O O   . PRO B 1 23 ? 13.64418  -5.86350  10.97382  1.000 40.12000 ? 22  PRO Q O   1 
ATOM   694  C CB  . PRO B 1 23 ? 15.22628  -5.27820  13.76972  1.000 33.17000 ? 22  PRO Q CB  1 
ATOM   695  C CG  . PRO B 1 23 ? 14.57562  -5.56456  15.09797  1.000 34.98000 ? 22  PRO Q CG  1 
ATOM   696  C CD  . PRO B 1 23 ? 13.64683  -4.41089  15.34879  1.000 33.59000 ? 22  PRO Q CD  1 
ATOM   697  N N   . GLU B 1 24 ? 12.25986  -6.21293  12.70442  1.000 32.56000 ? 23  GLU Q N   1 
ATOM   698  C CA  . GLU B 1 24 ? 11.48961  -7.20767  11.96690  1.000 31.97000 ? 23  GLU Q CA  1 
ATOM   699  C C   . GLU B 1 24 ? 10.43062  -6.56503  11.08757  1.000 31.72000 ? 23  GLU Q C   1 
ATOM   700  O O   . GLU B 1 24 ? 10.19917  -7.01158  9.95953   1.000 33.72000 ? 23  GLU Q O   1 
ATOM   701  C CB  . GLU B 1 24 ? 10.86175  -8.19001  12.94797  1.000 32.38000 ? 23  GLU Q CB  1 
ATOM   702  C CG  . GLU B 1 24 ? 11.93350  -8.79763  13.84191  1.000 34.65000 ? 23  GLU Q CG  1 
ATOM   703  C CD  . GLU B 1 24 ? 11.43039  -9.93528  14.67828  1.000 39.90000 ? 23  GLU Q CD  1 
ATOM   704  O OE1 . GLU B 1 24 ? 11.41532  -9.79157  15.92339  1.000 45.01000 ? 23  GLU Q OE1 1 
ATOM   705  O OE2 . GLU B 1 24 ? 11.06003  -10.96962 14.07636  1.000 36.77000 ? 23  GLU Q OE2 1 
ATOM   706  N N   . LEU B 1 25 ? 9.81083   -5.49457  11.56151  1.000 32.32000 ? 24  LEU Q N   1 
ATOM   707  C CA  . LEU B 1 25 ? 8.70460   -4.87592  10.85276  1.000 33.55000 ? 24  LEU Q CA  1 
ATOM   708  C C   . LEU B 1 25 ? 9.12426   -3.66251  10.03506  1.000 29.19000 ? 24  LEU Q C   1 
ATOM   709  O O   . LEU B 1 25 ? 8.25917   -2.95447  9.52865   1.000 29.66000 ? 24  LEU Q O   1 
ATOM   710  C CB  . LEU B 1 25 ? 7.62240   -4.47488  11.84492  1.000 29.19000 ? 24  LEU Q CB  1 
ATOM   711  C CG  . LEU B 1 25 ? 6.88960   -5.58841  12.59597  1.000 34.63000 ? 24  LEU Q CG  1 
ATOM   712  C CD1 . LEU B 1 25 ? 6.01998   -4.98211  13.68067  1.000 35.58000 ? 24  LEU Q CD1 1 
ATOM   713  C CD2 . LEU B 1 25 ? 6.05324   -6.40410  11.64678  1.000 39.77000 ? 24  LEU Q CD2 1 
ATOM   714  N N   . ALA B 1 26 ? 10.42322  -3.40278  9.90021   1.000 31.74000 ? 25  ALA Q N   1 
ATOM   715  C CA  . ALA B 1 26 ? 10.85648  -2.15719  9.26515   1.000 29.55000 ? 25  ALA Q CA  1 
ATOM   716  C C   . ALA B 1 26 ? 10.34380  -2.04880  7.83272   1.000 29.91000 ? 25  ALA Q C   1 
ATOM   717  O O   . ALA B 1 26 ? 9.87515   -0.98154  7.41529   1.000 26.30000 ? 25  ALA Q O   1 
ATOM   718  C CB  . ALA B 1 26 ? 12.38173  -2.05415  9.31439   1.000 32.90000 ? 25  ALA Q CB  1 
ATOM   719  N N   . GLY B 1 27 ? 10.40836  -3.14578  7.06706   1.000 26.60000 ? 26  GLY Q N   1 
ATOM   720  C CA  . GLY B 1 27 ? 9.89011   -3.11752  5.70387   1.000 28.76000 ? 26  GLY Q CA  1 
ATOM   721  C C   . GLY B 1 27 ? 8.44562   -2.66020  5.62775   1.000 29.01000 ? 26  GLY Q C   1 
ATOM   722  O O   . GLY B 1 27 ? 8.09970   -1.74525  4.87062   1.000 25.74000 ? 26  GLY Q O   1 
ATOM   723  N N   . LYS B 1 28 ? 7.57301   -3.29443  6.40722   1.000 28.56000 ? 27  LYS Q N   1 
ATOM   724  C CA  . LYS B 1 28 ? 6.16407   -2.92794  6.38347   1.000 29.01000 ? 27  LYS Q CA  1 
ATOM   725  C C   . LYS B 1 28 ? 5.93680   -1.54327  6.98231   1.000 29.42000 ? 27  LYS Q C   1 
ATOM   726  O O   . LYS B 1 28 ? 5.16734   -0.73883  6.43762   1.000 25.23000 ? 27  LYS Q O   1 
ATOM   727  C CB  . LYS B 1 28 ? 5.35020   -3.98110  7.13624   1.000 30.33000 ? 27  LYS Q CB  1 
ATOM   728  C CG  . LYS B 1 28 ? 3.85835   -3.77760  7.08914   1.000 29.07000 ? 27  LYS Q CG  1 
ATOM   729  C CD  . LYS B 1 28 ? 3.31175   -3.99904  5.67309   1.000 29.79000 ? 27  LYS Q CD  1 
ATOM   730  C CE  . LYS B 1 28 ? 1.80495   -3.93836  5.65461   1.000 29.54000 ? 27  LYS Q CE  1 
ATOM   731  N NZ  . LYS B 1 28 ? 1.18356   -4.20954  4.30488   1.000 28.58000 ? 27  LYS Q NZ  1 
ATOM   732  N N   . LEU B 1 29 ? 6.57638   -1.24861  8.11412   1.000 29.49000 ? 28  LEU Q N   1 
ATOM   733  C CA  . LEU B 1 29 ? 6.33750   0.04515   8.75233   1.000 27.95000 ? 28  LEU Q CA  1 
ATOM   734  C C   . LEU B 1 29 ? 6.84066   1.19229   7.87934   1.000 29.23000 ? 28  LEU Q C   1 
ATOM   735  O O   . LEU B 1 29 ? 6.18910   2.24349   7.77491   1.000 25.19000 ? 28  LEU Q O   1 
ATOM   736  C CB  . LEU B 1 29 ? 7.00056   0.08365   10.12882  1.000 27.00000 ? 28  LEU Q CB  1 
ATOM   737  C CG  . LEU B 1 29 ? 6.46679   -0.89558  11.17078  1.000 31.85000 ? 28  LEU Q CG  1 
ATOM   738  C CD1 . LEU B 1 29 ? 7.22201   -0.72159  12.46587  1.000 33.40000 ? 28  LEU Q CD1 1 
ATOM   739  C CD2 . LEU B 1 29 ? 4.97808   -0.72416  11.38177  1.000 30.06000 ? 28  LEU Q CD2 1 
ATOM   740  N N   . THR B 1 30 ? 7.98829   1.00581   7.22801   1.000 27.58000 ? 29  THR Q N   1 
ATOM   741  C CA  . THR B 1 30 ? 8.49008   2.05302   6.33609   1.000 29.66000 ? 29  THR Q CA  1 
ATOM   742  C C   . THR B 1 30 ? 7.56577   2.23023   5.14097   1.000 28.19000 ? 29  THR Q C   1 
ATOM   743  O O   . THR B 1 30 ? 7.29543   3.36459   4.71621   1.000 27.31000 ? 29  THR Q O   1 
ATOM   744  C CB  . THR B 1 30 ? 9.91340   1.72869   5.87212   1.000 31.09000 ? 29  THR Q CB  1 
ATOM   745  O OG1 . THR B 1 30 ? 10.79694  1.68729   7.00404   1.000 29.72000 ? 29  THR Q OG1 1 
ATOM   746  C CG2 . THR B 1 30 ? 10.41716  2.78279   4.86398   1.000 28.87000 ? 29  THR Q CG2 1 
ATOM   747  N N   . GLY B 1 31 ? 7.03933   1.12269   4.61662   1.000 28.12000 ? 30  GLY Q N   1 
ATOM   748  C CA  . GLY B 1 31 ? 6.09854   1.20913   3.51613   1.000 25.97000 ? 30  GLY Q CA  1 
ATOM   749  C C   . GLY B 1 31 ? 4.84286   1.98873   3.87059   1.000 25.65000 ? 30  GLY Q C   1 
ATOM   750  O O   . GLY B 1 31 ? 4.35777   2.78859   3.06972   1.000 27.65000 ? 30  GLY Q O   1 
ATOM   751  N N   . MET B 1 32 ? 4.29602   1.74638   5.06815   1.000 27.65000 ? 31  MET Q N   1 
ATOM   752  C CA  . MET B 1 32 ? 3.12856   2.50555   5.51533   1.000 28.60000 ? 31  MET Q CA  1 
ATOM   753  C C   . MET B 1 32 ? 3.45578   3.98377   5.63435   1.000 28.06000 ? 31  MET Q C   1 
ATOM   754  O O   . MET B 1 32 ? 2.65475   4.84541   5.24666   1.000 28.06000 ? 31  MET Q O   1 
ATOM   755  C CB  . MET B 1 32 ? 2.63458   1.96822   6.86386   1.000 27.71000 ? 31  MET Q CB  1 
ATOM   756  C CG  . MET B 1 32 ? 2.21817   0.50121   6.83005   1.000 31.54000 ? 31  MET Q CG  1 
ATOM   757  S SD  . MET B 1 32 ? 1.78161   -0.18629  8.44750   1.000 30.52000 ? 31  MET Q SD  1 
ATOM   758  C CE  . MET B 1 32 ? 0.52645   0.98188   9.01162   1.000 27.75000 ? 31  MET Q CE  1 
ATOM   759  N N   . ILE B 1 33 ? 4.62362   4.29311   6.19503   1.000 25.02000 ? 32  ILE Q N   1 
ATOM   760  C CA  . ILE B 1 33 ? 5.03349   5.67198   6.40658   1.000 27.66000 ? 32  ILE Q CA  1 
ATOM   761  C C   . ILE B 1 33 ? 5.22497   6.37949   5.07495   1.000 29.37000 ? 32  ILE Q C   1 
ATOM   762  O O   . ILE B 1 33 ? 4.88086   7.56047   4.94278   1.000 26.82000 ? 32  ILE Q O   1 
ATOM   763  C CB  . ILE B 1 33 ? 6.30130   5.69114   7.28185   1.000 26.84000 ? 32  ILE Q CB  1 
ATOM   764  C CG1 . ILE B 1 33 ? 5.91779   5.33003   8.71557   1.000 27.59000 ? 32  ILE Q CG1 1 
ATOM   765  C CG2 . ILE B 1 33 ? 7.01832   7.04467   7.22294   1.000 24.10000 ? 32  ILE Q CG2 1 
ATOM   766  C CD1 . ILE B 1 33 ? 7.09133   5.21453   9.63611   1.000 30.37000 ? 32  ILE Q CD1 1 
ATOM   767  N N   . LEU B 1 34 ? 5.69665   5.65613   4.04998   1.000 28.68000 ? 33  LEU Q N   1 
ATOM   768  C CA  . LEU B 1 34 ? 5.91766   6.25435   2.73538   1.000 29.29000 ? 33  LEU Q CA  1 
ATOM   769  C C   . LEU B 1 34 ? 4.63239   6.73934   2.07649   1.000 30.39000 ? 33  LEU Q C   1 
ATOM   770  O O   . LEU B 1 34 ? 4.71572   7.38225   1.02482   1.000 31.48000 ? 33  LEU Q O   1 
ATOM   771  C CB  . LEU B 1 34 ? 6.60812   5.26299   1.78468   1.000 26.48000 ? 33  LEU Q CB  1 
ATOM   772  C CG  . LEU B 1 34 ? 8.10235   4.97807   1.92154   1.000 29.81000 ? 33  LEU Q CG  1 
ATOM   773  C CD1 . LEU B 1 34 ? 8.57579   4.10497   0.76801   1.000 33.61000 ? 33  LEU Q CD1 1 
ATOM   774  C CD2 . LEU B 1 34 ? 8.93404   6.24153   1.99125   1.000 29.45000 ? 33  LEU Q CD2 1 
ATOM   775  N N   . GLU B 1 35 ? 3.45390   6.43906   2.64135   1.000 32.15000 ? 34  GLU Q N   1 
ATOM   776  C CA  . GLU B 1 35 ? 2.23585   7.09598   2.15428   1.000 35.38000 ? 34  GLU Q CA  1 
ATOM   777  C C   . GLU B 1 35 ? 2.27420   8.60680   2.35802   1.000 34.31000 ? 34  GLU Q C   1 
ATOM   778  O O   . GLU B 1 35 ? 1.58264   9.33862   1.63553   1.000 35.25000 ? 34  GLU Q O   1 
ATOM   779  C CB  . GLU B 1 35 ? 0.97861   6.54531   2.84374   1.000 34.13000 ? 34  GLU Q CB  1 
ATOM   780  C CG  . GLU B 1 35 ? 0.77990   5.02102   2.76047   1.000 39.34000 ? 34  GLU Q CG  1 
ATOM   781  C CD  . GLU B 1 35 ? -0.02097  4.58236   1.53881   1.000 35.29000 ? 34  GLU Q CD  1 
ATOM   782  O OE1 . GLU B 1 35 ? -0.86270  5.36664   1.02249   1.000 43.76000 ? 34  GLU Q OE1 1 
ATOM   783  O OE2 . GLU B 1 35 ? 0.20430   3.45228   1.08601   1.000 32.95000 ? 34  GLU Q OE2 1 
ATOM   784  N N   . LEU B 1 36 ? 3.05333   9.09297   3.32490   1.000 31.27000 ? 35  LEU Q N   1 
ATOM   785  C CA  . LEU B 1 36 ? 3.05125   10.50793  3.64886   1.000 32.40000 ? 35  LEU Q CA  1 
ATOM   786  C C   . LEU B 1 36 ? 3.73587   11.32069  2.55231   1.000 33.37000 ? 35  LEU Q C   1 
ATOM   787  O O   . LEU B 1 36 ? 4.57836   10.80517  1.81659   1.000 30.71000 ? 35  LEU Q O   1 
ATOM   788  C CB  . LEU B 1 36 ? 3.74320   10.75156  4.98430   1.000 29.09000 ? 35  LEU Q CB  1 
ATOM   789  C CG  . LEU B 1 36 ? 3.13885   10.09237  6.21321   1.000 32.83000 ? 35  LEU Q CG  1 
ATOM   790  C CD1 . LEU B 1 36 ? 4.18917   10.03324  7.32279   1.000 32.75000 ? 35  LEU Q CD1 1 
ATOM   791  C CD2 . LEU B 1 36 ? 1.92405   10.86927  6.67631   1.000 39.42000 ? 35  LEU Q CD2 1 
ATOM   792  N N   . PRO B 1 37 ? 3.37806   12.59375  2.41329   1.000 33.49000 ? 36  PRO Q N   1 
ATOM   793  C CA  . PRO B 1 37 ? 4.00159   13.42429  1.38031   1.000 36.26000 ? 36  PRO Q CA  1 
ATOM   794  C C   . PRO B 1 37 ? 5.46749   13.67636  1.68636   1.000 33.34000 ? 36  PRO Q C   1 
ATOM   795  O O   . PRO B 1 37 ? 5.92441   13.57396  2.82883   1.000 32.91000 ? 36  PRO Q O   1 
ATOM   796  C CB  . PRO B 1 37 ? 3.19052   14.72967  1.41656   1.000 38.50000 ? 36  PRO Q CB  1 
ATOM   797  C CG  . PRO B 1 37 ? 2.53886   14.75194  2.77192   1.000 35.52000 ? 36  PRO Q CG  1 
ATOM   798  C CD  . PRO B 1 37 ? 2.29149   13.29964  3.11786   1.000 35.22000 ? 36  PRO Q CD  1 
ATOM   799  N N   . VAL B 1 38 ? 6.19325   14.04414  0.63030   1.000 36.72000 ? 37  VAL Q N   1 
ATOM   800  C CA  . VAL B 1 38 ? 7.64815   14.17289  0.70319   1.000 36.45000 ? 37  VAL Q CA  1 
ATOM   801  C C   . VAL B 1 38 ? 8.06504   15.15021  1.79780   1.000 33.55000 ? 37  VAL Q C   1 
ATOM   802  O O   . VAL B 1 38 ? 9.00574   14.88407  2.55488   1.000 31.63000 ? 37  VAL Q O   1 
ATOM   803  C CB  . VAL B 1 38 ? 8.20666   14.58111  -0.67077  1.000 38.14000 ? 37  VAL Q CB  1 
ATOM   804  C CG1 . VAL B 1 38 ? 9.68129   14.90807  -0.57193  1.000 42.85000 ? 37  VAL Q CG1 1 
ATOM   805  C CG2 . VAL B 1 38 ? 7.96918   13.46616  -1.68018  1.000 36.84000 ? 37  VAL Q CG2 1 
ATOM   806  N N   . THR B 1 39 ? 7.37466   16.28641  1.91132   1.000 34.12000 ? 38  THR Q N   1 
ATOM   807  C CA  . THR B 1 39 ? 7.73677   17.25039  2.95298   1.000 34.45000 ? 38  THR Q CA  1 
ATOM   808  C C   . THR B 1 39 ? 7.60081   16.63822  4.33835   1.000 32.56000 ? 38  THR Q C   1 
ATOM   809  O O   . THR B 1 39 ? 8.38808   16.94344  5.24114   1.000 34.83000 ? 38  THR Q O   1 
ATOM   810  C CB  . THR B 1 39 ? 6.86849   18.50702  2.86988   1.000 37.72000 ? 38  THR Q CB  1 
ATOM   811  O OG1 . THR B 1 39 ? 5.48846   18.12641  2.95028   1.000 43.56000 ? 38  THR Q OG1 1 
ATOM   812  C CG2 . THR B 1 39 ? 7.11830   19.27342  1.57120   1.000 34.97000 ? 38  THR Q CG2 1 
ATOM   813  N N   . GLU B 1 40 ? 6.58184   15.80669  4.54395   1.000 30.77000 ? 39  GLU Q N   1 
ATOM   814  C CA  . GLU B 1 40 ? 6.44065   15.18701  5.85401   1.000 32.62000 ? 39  GLU Q CA  1 
ATOM   815  C C   . GLU B 1 40 ? 7.51347   14.12967  6.07738   1.000 29.06000 ? 39  GLU Q C   1 
ATOM   816  O O   . GLU B 1 40 ? 8.04627   14.00852  7.18825   1.000 31.51000 ? 39  GLU Q O   1 
ATOM   817  C CB  . GLU B 1 40 ? 5.04646   14.59341  6.01570   1.000 33.11000 ? 39  GLU Q CB  1 
ATOM   818  C CG  . GLU B 1 40 ? 4.76107   14.09925  7.42870   1.000 35.08000 ? 39  GLU Q CG  1 
ATOM   819  C CD  . GLU B 1 40 ? 4.68568   15.21946  8.45527   1.000 36.25000 ? 39  GLU Q CD  1 
ATOM   820  O OE1 . GLU B 1 40 ? 4.58283   16.40688  8.06446   1.000 36.78000 ? 39  GLU Q OE1 1 
ATOM   821  O OE2 . GLU B 1 40 ? 4.70852   14.89613  9.66137   1.000 37.73000 ? 39  GLU Q OE2 1 
ATOM   822  N N   . LEU B 1 41 ? 7.86368   13.37380  5.02919   1.000 28.03000 ? 40  LEU Q N   1 
ATOM   823  C CA  . LEU B 1 41 ? 8.90671   12.35963  5.17395   1.000 31.41000 ? 40  LEU Q CA  1 
ATOM   824  C C   . LEU B 1 41 ? 10.24689  13.00466  5.52056   1.000 30.69000 ? 40  LEU Q C   1 
ATOM   825  O O   . LEU B 1 41 ? 10.94298  12.56317  6.43837   1.000 30.61000 ? 40  LEU Q O   1 
ATOM   826  C CB  . LEU B 1 41 ? 9.00630   11.51896  3.89717   1.000 30.28000 ? 40  LEU Q CB  1 
ATOM   827  C CG  . LEU B 1 41 ? 7.75955   10.69438  3.53545   1.000 30.83000 ? 40  LEU Q CG  1 
ATOM   828  C CD1 . LEU B 1 41 ? 7.94076   10.03711  2.17879   1.000 31.57000 ? 40  LEU Q CD1 1 
ATOM   829  C CD2 . LEU B 1 41 ? 7.49315   9.63321   4.60475   1.000 27.68000 ? 40  LEU Q CD2 1 
ATOM   830  N N   . LEU B 1 42 ? 10.61269  14.07206  4.81568   1.000 31.70000 ? 41  LEU Q N   1 
ATOM   831  C CA  . LEU B 1 42 ? 11.83732  14.78233  5.18067   1.000 34.50000 ? 41  LEU Q CA  1 
ATOM   832  C C   . LEU B 1 42 ? 11.77435  15.29262  6.61282   1.000 33.33000 ? 41  LEU Q C   1 
ATOM   833  O O   . LEU B 1 42 ? 12.74296  15.15167  7.37238   1.000 34.55000 ? 41  LEU Q O   1 
ATOM   834  C CB  . LEU B 1 42 ? 12.09585  15.92615  4.20970   1.000 32.93000 ? 41  LEU Q CB  1 
ATOM   835  C CG  . LEU B 1 42 ? 12.66691  15.40789  2.89438   1.000 38.27000 ? 41  LEU Q CG  1 
ATOM   836  C CD1 . LEU B 1 42 ? 12.39415  16.38539  1.78028   1.000 40.71000 ? 41  LEU Q CD1 1 
ATOM   837  C CD2 . LEU B 1 42 ? 14.15586  15.10397  3.01458   1.000 36.84000 ? 41  LEU Q CD2 1 
ATOM   838  N N   . HIS B 1 43 ? 10.62534  15.83756  7.02431   1.000 30.42000 ? 42  HIS Q N   1 
ATOM   839  C CA  . HIS B 1 43 ? 10.48425  16.23001  8.42006   1.000 33.23000 ? 42  HIS Q CA  1 
ATOM   840  C C   . HIS B 1 43 ? 10.75984  15.05375  9.35033   1.000 34.69000 ? 42  HIS Q C   1 
ATOM   841  O O   . HIS B 1 43 ? 11.41500  15.21374  10.38732  1.000 31.89000 ? 42  HIS Q O   1 
ATOM   842  C CB  . HIS B 1 43 ? 9.09274   16.81543  8.68453   1.000 32.07000 ? 42  HIS Q CB  1 
ATOM   843  C CG  . HIS B 1 43 ? 8.86104   17.13769  10.12285  1.000 33.42000 ? 42  HIS Q CG  1 
ATOM   844  N ND1 . HIS B 1 43 ? 7.92456   16.48327  10.89321  1.000 37.42000 ? 42  HIS Q ND1 1 
ATOM   845  C CD2 . HIS B 1 43 ? 9.47166   18.02655  10.94036  1.000 33.23000 ? 42  HIS Q CD2 1 
ATOM   846  C CE1 . HIS B 1 43 ? 7.95954   16.96814  12.12327  1.000 35.84000 ? 42  HIS Q CE1 1 
ATOM   847  N NE2 . HIS B 1 43 ? 8.89573   17.89752  12.17873  1.000 35.50000 ? 42  HIS Q NE2 1 
ATOM   848  N N   . LEU B 1 44 ? 10.28116  13.85391  8.98903   1.000 31.91000 ? 43  LEU Q N   1 
ATOM   849  C CA  . LEU B 1 44 ? 10.58915  12.68537  9.80472   1.000 31.81000 ? 43  LEU Q CA  1 
ATOM   850  C C   . LEU B 1 44 ? 12.09619  12.41589  9.84517   1.000 35.36000 ? 43  LEU Q C   1 
ATOM   851  O O   . LEU B 1 44 ? 12.60690  11.91016  10.84615  1.000 35.77000 ? 43  LEU Q O   1 
ATOM   852  C CB  . LEU B 1 44 ? 9.83847   11.44918  9.27671   1.000 33.82000 ? 43  LEU Q CB  1 
ATOM   853  C CG  . LEU B 1 44 ? 8.30935   11.54929  9.23706   1.000 31.90000 ? 43  LEU Q CG  1 
ATOM   854  C CD1 . LEU B 1 44 ? 7.64073   10.22690  8.86947   1.000 29.76000 ? 43  LEU Q CD1 1 
ATOM   855  C CD2 . LEU B 1 44 ? 7.78937   12.04839  10.56046  1.000 31.37000 ? 43  LEU Q CD2 1 
ATOM   856  N N   . LEU B 1 45 ? 12.82358  12.72541  8.76921   1.000 37.33000 ? 44  LEU Q N   1 
ATOM   857  C CA  . LEU B 1 45 ? 14.28008  12.59745  8.79716   1.000 38.77000 ? 44  LEU Q CA  1 
ATOM   858  C C   . LEU B 1 45 ? 14.94383  13.78360  9.48069   1.000 40.60000 ? 44  LEU Q C   1 
ATOM   859  O O   . LEU B 1 45 ? 16.08060  13.66624  9.94701   1.000 46.40000 ? 44  LEU Q O   1 
ATOM   860  C CB  . LEU B 1 45 ? 14.85597  12.47818  7.38411   1.000 39.19000 ? 44  LEU Q CB  1 
ATOM   861  C CG  . LEU B 1 45 ? 14.60491  11.20572  6.60139   1.000 37.36000 ? 44  LEU Q CG  1 
ATOM   862  C CD1 . LEU B 1 45 ? 15.09286  11.39142  5.17643   1.000 38.47000 ? 44  LEU Q CD1 1 
ATOM   863  C CD2 . LEU B 1 45 ? 15.32351  10.06335  7.28144   1.000 39.33000 ? 44  LEU Q CD2 1 
ATOM   864  N N   . GLU B 1 46 ? 14.26544  14.92881  9.54422   1.000 40.15000 ? 45  GLU Q N   1 
ATOM   865  C CA  . GLU B 1 46 ? 14.84546  16.07859  10.22894  1.000 39.75000 ? 45  GLU Q CA  1 
ATOM   866  C C   . GLU B 1 46 ? 14.75485  15.93198  11.74076  1.000 42.66000 ? 45  GLU Q C   1 
ATOM   867  O O   . GLU B 1 46 ? 15.55635  16.54141  12.46037  1.000 43.09000 ? 45  GLU Q O   1 
ATOM   868  C CB  . GLU B 1 46 ? 14.14716  17.37152  9.80706   1.000 41.92000 ? 45  GLU Q CB  1 
ATOM   869  C CG  . GLU B 1 46 ? 14.25653  17.79002  8.33075   1.000 40.81000 ? 45  GLU Q CG  1 
ATOM   870  C CD  . GLU B 1 46 ? 13.19706  18.84216  7.95766   1.000 44.33000 ? 45  GLU Q CD  1 
ATOM   871  O OE1 . GLU B 1 46 ? 12.48530  18.67296  6.94209   1.000 44.45000 ? 45  GLU Q OE1 1 
ATOM   872  O OE2 . GLU B 1 46 ? 13.06503  19.84400  8.68612   1.000 42.14000 ? 45  GLU Q OE2 1 
ATOM   873  N N   . GLU B 1 47 ? 13.77851  15.15249  12.23367  1.000 43.02000 ? 46  GLU Q N   1 
ATOM   874  C CA  . GLU B 1 47 ? 13.41815  15.11698  13.65127  1.000 42.80000 ? 46  GLU Q CA  1 
ATOM   875  C C   . GLU B 1 47 ? 13.14262  13.68254  14.07632  1.000 41.38000 ? 46  GLU Q C   1 
ATOM   876  O O   . GLU B 1 47 ? 12.12890  13.09284  13.68441  1.000 40.81000 ? 46  GLU Q O   1 
ATOM   877  C CB  . GLU B 1 47 ? 12.20049  16.00122  13.94123  1.000 39.22000 ? 46  GLU Q CB  1 
ATOM   878  C CG  . GLU B 1 47 ? 12.41758  17.47391  13.61939  1.000 44.73000 ? 46  GLU Q CG  1 
ATOM   879  C CD  . GLU B 1 47 ? 13.40329  18.12809  14.57986  1.000 45.97000 ? 46  GLU Q CD  1 
ATOM   880  O OE1 . GLU B 1 47 ? 14.06476  19.10754  14.17705  1.000 43.47000 ? 46  GLU Q OE1 1 
ATOM   881  O OE2 . GLU B 1 47 ? 13.53375  17.63750  15.72338  1.000 46.49000 ? 46  GLU Q OE2 1 
ATOM   882  N N   . SER B 1 48 ? 14.02301  13.14935  14.92315  1.000 40.79000 ? 47  SER Q N   1 
ATOM   883  C CA  . SER B 1 48 ? 13.93073  11.75275  15.33663  1.000 41.24000 ? 47  SER Q CA  1 
ATOM   884  C C   . SER B 1 48 ? 12.66378  11.47245  16.13927  1.000 42.51000 ? 47  SER Q C   1 
ATOM   885  O O   . SER B 1 48 ? 12.04397  10.41093  15.98336  1.000 37.49000 ? 47  SER Q O   1 
ATOM   886  C CB  . SER B 1 48 ? 15.17515  11.38536  16.14341  1.000 44.69000 ? 47  SER Q CB  1 
ATOM   887  O OG  . SER B 1 48 ? 14.86324  10.43060  17.14715  1.000 53.14000 ? 47  SER Q OG  1 
ATOM   888  N N   . GLU B 1 49 ? 12.26122  12.39613  17.01731  1.000 43.54000 ? 48  GLU Q N   1 
ATOM   889  C CA  . GLU B 1 49 ? 11.07581  12.12038  17.82604  1.000 44.12000 ? 48  GLU Q CA  1 
ATOM   890  C C   . GLU B 1 49 ? 9.79975   12.11707  16.98334  1.000 38.06000 ? 48  GLU Q C   1 
ATOM   891  O O   . GLU B 1 49 ? 8.82886   11.45217  17.35426  1.000 38.83000 ? 48  GLU Q O   1 
ATOM   892  C CB  . GLU B 1 49 ? 10.96538  13.11385  18.99764  1.000 47.53000 ? 48  GLU Q CB  1 
ATOM   893  C CG  . GLU B 1 49 ? 10.55210  14.53927  18.63753  1.000 52.60000 ? 48  GLU Q CG  1 
ATOM   894  C CD  . GLU B 1 49 ? 10.39655  15.46124  19.86520  1.000 57.06000 ? 48  GLU Q CD  1 
ATOM   895  O OE1 . GLU B 1 49 ? 10.01224  14.97237  20.95707  1.000 56.23000 ? 48  GLU Q OE1 1 
ATOM   896  O OE2 . GLU B 1 49 ? 10.64369  16.68193  19.73444  1.000 50.29000 ? 48  GLU Q OE2 1 
ATOM   897  N N   . ALA B 1 50 ? 9.79908   12.79996  15.83596  1.000 36.73000 ? 49  ALA Q N   1 
ATOM   898  C CA  . ALA B 1 50 ? 8.66531   12.71232  14.91725  1.000 37.00000 ? 49  ALA Q CA  1 
ATOM   899  C C   . ALA B 1 50 ? 8.61627   11.35414  14.21680  1.000 37.80000 ? 49  ALA Q C   1 
ATOM   900  O O   . ALA B 1 50 ? 7.53793   10.76686  14.06075  1.000 34.15000 ? 49  ALA Q O   1 
ATOM   901  C CB  . ALA B 1 50 ? 8.73927   13.84065  13.88940  1.000 34.10000 ? 49  ALA Q CB  1 
ATOM   902  N N   . LEU B 1 51 ? 9.76890   10.84598  13.76928  1.000 35.34000 ? 50  LEU Q N   1 
ATOM   903  C CA  . LEU B 1 51 ? 9.79092   9.52571   13.14655  1.000 34.67000 ? 50  LEU Q CA  1 
ATOM   904  C C   . LEU B 1 51 ? 9.30572   8.45589   14.12086  1.000 33.09000 ? 50  LEU Q C   1 
ATOM   905  O O   . LEU B 1 51 ? 8.46530   7.61180   13.77844  1.000 32.46000 ? 50  LEU Q O   1 
ATOM   906  C CB  . LEU B 1 51 ? 11.19943  9.21118   12.64347  1.000 35.60000 ? 50  LEU Q CB  1 
ATOM   907  C CG  . LEU B 1 51 ? 11.42006  7.79920   12.07136  1.000 33.59000 ? 50  LEU Q CG  1 
ATOM   908  C CD1 . LEU B 1 51 ? 10.46419  7.55635   10.89902  1.000 31.84000 ? 50  LEU Q CD1 1 
ATOM   909  C CD2 . LEU B 1 51 ? 12.84644  7.63674   11.63577  1.000 33.84000 ? 50  LEU Q CD2 1 
ATOM   910  N N   . ASP B 1 52 ? 9.80875   8.48939   15.35695  1.000 36.84000 ? 51  ASP Q N   1 
ATOM   911  C CA  . ASP B 1 52 ? 9.39724   7.49086   16.34057  1.000 37.03000 ? 51  ASP Q CA  1 
ATOM   912  C C   . ASP B 1 52 ? 7.89122   7.53146   16.57809  1.000 37.42000 ? 51  ASP Q C   1 
ATOM   913  O O   . ASP B 1 52 ? 7.25511   6.48479   16.74044  1.000 39.30000 ? 51  ASP Q O   1 
ATOM   914  C CB  . ASP B 1 52 ? 10.17003  7.69737   17.64337  1.000 38.99000 ? 51  ASP Q CB  1 
ATOM   915  C CG  . ASP B 1 52 ? 11.66689  7.59420   17.44303  1.000 42.72000 ? 51  ASP Q CG  1 
ATOM   916  O OD1 . ASP B 1 52 ? 12.11284  6.67591   16.71407  1.000 43.91000 ? 51  ASP Q OD1 1 
ATOM   917  O OD2 . ASP B 1 52 ? 12.40408  8.43186   17.98846  1.000 42.99000 ? 51  ASP Q OD2 1 
ATOM   918  N N   . ALA B 1 53 ? 7.30110   8.73205   16.58787  1.000 39.98000 ? 52  ALA Q N   1 
ATOM   919  C CA  . ALA B 1 53 ? 5.85201   8.84473   16.73285  1.000 40.79000 ? 52  ALA Q CA  1 
ATOM   920  C C   . ALA B 1 53 ? 5.12648   8.20493   15.55828  1.000 37.34000 ? 52  ALA Q C   1 
ATOM   921  O O   . ALA B 1 53 ? 4.14218   7.47604   15.74779  1.000 33.35000 ? 52  ALA Q O   1 
ATOM   922  C CB  . ALA B 1 53 ? 5.44260   10.30646  16.85964  1.000 43.56000 ? 52  ALA Q CB  1 
ATOM   923  N N   . LYS B 1 54 ? 5.57781   8.48064   14.33490  1.000 32.85000 ? 53  LYS Q N   1 
ATOM   924  C CA  . LYS B 1 54 ? 4.92942   7.85594   13.18706  1.000 37.23000 ? 53  LYS Q CA  1 
ATOM   925  C C   . LYS B 1 54 ? 5.08706   6.34184   13.22647  1.000 35.07000 ? 53  LYS Q C   1 
ATOM   926  O O   . LYS B 1 54 ? 4.16221   5.60468   12.86174  1.000 34.27000 ? 53  LYS Q O   1 
ATOM   927  C CB  . LYS B 1 54 ? 5.47631   8.42645   11.88312  1.000 37.72000 ? 53  LYS Q CB  1 
ATOM   928  C CG  . LYS B 1 54 ? 4.36909   8.80864   10.90138  1.000 42.75000 ? 53  LYS Q CG  1 
ATOM   929  C CD  . LYS B 1 54 ? 3.29733   9.63809   11.62004  1.000 39.12000 ? 53  LYS Q CD  1 
ATOM   930  C CE  . LYS B 1 54 ? 2.33091   10.29865  10.64671  1.000 49.87000 ? 53  LYS Q CE  1 
ATOM   931  N NZ  . LYS B 1 54 ? 0.99864   10.59064  11.25058  1.000 52.49000 ? 53  LYS Q NZ  1 
ATOM   932  N N   . VAL B 1 55 ? 6.24210   5.85732   13.69432  1.000 34.36000 ? 54  VAL Q N   1 
ATOM   933  C CA  . VAL B 1 55 ? 6.46104   4.41549   13.73868  1.000 33.02000 ? 54  VAL Q CA  1 
ATOM   934  C C   . VAL B 1 55 ? 5.48394   3.76464   14.70658  1.000 35.84000 ? 54  VAL Q C   1 
ATOM   935  O O   . VAL B 1 55 ? 4.81664   2.77424   14.37330  1.000 32.79000 ? 54  VAL Q O   1 
ATOM   936  C CB  . VAL B 1 55 ? 7.92209   4.10213   14.10350  1.000 33.89000 ? 54  VAL Q CB  1 
ATOM   937  C CG1 . VAL B 1 55 ? 8.05395   2.65878   14.56882  1.000 32.70000 ? 54  VAL Q CG1 1 
ATOM   938  C CG2 . VAL B 1 55 ? 8.81457   4.37428   12.90212  1.000 32.38000 ? 54  VAL Q CG2 1 
ATOM   939  N N   . ASN B 1 56 ? 5.34559   4.34027   15.90719  1.000 33.99000 ? 55  ASN Q N   1 
ATOM   940  C CA  . ASN B 1 56 ? 4.40726   3.77865   16.86889  1.000 33.74000 ? 55  ASN Q CA  1 
ATOM   941  C C   . ASN B 1 56 ? 2.98635   3.84619   16.34579  1.000 33.92000 ? 55  ASN Q C   1 
ATOM   942  O O   . ASN B 1 56 ? 2.19128   2.92975   16.57182  1.000 36.70000 ? 55  ASN Q O   1 
ATOM   943  C CB  . ASN B 1 56 ? 4.53281   4.49715   18.20684  1.000 41.67000 ? 55  ASN Q CB  1 
ATOM   944  C CG  . ASN B 1 56 ? 5.87163   4.25463   18.85124  1.000 47.57000 ? 55  ASN Q CG  1 
ATOM   945  O OD1 . ASN B 1 56 ? 6.64062   5.18843   19.08564  1.000 54.04000 ? 55  ASN Q OD1 1 
ATOM   946  N ND2 . ASN B 1 56 ? 6.17359   2.98832   19.11919  1.000 51.53000 ? 55  ASN Q ND2 1 
ATOM   947  N N   . GLU B 1 57 ? 2.64247   4.93042   15.64597  1.000 30.86000 ? 56  GLU Q N   1 
ATOM   948  C CA  . GLU B 1 57 ? 1.32279   5.00635   15.02896  1.000 37.96000 ? 56  GLU Q CA  1 
ATOM   949  C C   . GLU B 1 57 ? 1.15196   3.90797   13.98450  1.000 33.61000 ? 56  GLU Q C   1 
ATOM   950  O O   . GLU B 1 57 ? 0.15808   3.17483   13.99708  1.000 37.02000 ? 56  GLU Q O   1 
ATOM   951  C CB  . GLU B 1 57 ? 1.11813   6.38354   14.41001  1.000 33.67000 ? 56  GLU Q CB  1 
ATOM   952  C CG  . GLU B 1 57 ? -0.26871  6.63859   13.85949  1.000 35.31000 ? 56  GLU Q CG  1 
ATOM   953  C CD  . GLU B 1 57 ? -0.33923  7.98853   13.18338  1.000 46.88000 ? 56  GLU Q CD  1 
ATOM   954  O OE1 . GLU B 1 57 ? 0.28816   8.93371   13.71165  1.000 51.04000 ? 56  GLU Q OE1 1 
ATOM   955  O OE2 . GLU B 1 57 ? -1.00294  8.11141   12.12481  1.000 54.72000 ? 56  GLU Q OE2 1 
ATOM   956  N N   . ALA B 1 58 ? 2.13116   3.76657   13.08523  1.000 29.80000 ? 57  ALA Q N   1 
ATOM   957  C CA  . ALA B 1 58 ? 2.10433   2.65571   12.13546  1.000 32.02000 ? 57  ALA Q CA  1 
ATOM   958  C C   . ALA B 1 58 ? 1.99123   1.31670   12.86029  1.000 32.06000 ? 57  ALA Q C   1 
ATOM   959  O O   . ALA B 1 58 ? 1.21584   0.44644   12.45385  1.000 34.08000 ? 57  ALA Q O   1 
ATOM   960  C CB  . ALA B 1 58 ? 3.35127   2.69906   11.24809  1.000 29.92000 ? 57  ALA Q CB  1 
ATOM   961  N N   . LEU B 1 59 ? 2.73576   1.14435   13.95433  1.000 31.76000 ? 58  LEU Q N   1 
ATOM   962  C CA  . LEU B 1 59 ? 2.66824   -0.10968  14.70116  1.000 38.34000 ? 58  LEU Q CA  1 
ATOM   963  C C   . LEU B 1 59 ? 1.24751   -0.41070  15.16731  1.000 36.90000 ? 58  LEU Q C   1 
ATOM   964  O O   . LEU B 1 59 ? 0.78334   -1.54793  15.05016  1.000 35.92000 ? 58  LEU Q O   1 
ATOM   965  C CB  . LEU B 1 59 ? 3.60675   -0.06251  15.90365  1.000 36.56000 ? 58  LEU Q CB  1 
ATOM   966  C CG  . LEU B 1 59 ? 4.97132   -0.70700  15.76751  1.000 39.89000 ? 58  LEU Q CG  1 
ATOM   967  C CD1 . LEU B 1 59 ? 5.83544   -0.34344  16.97500  1.000 41.69000 ? 58  LEU Q CD1 1 
ATOM   968  C CD2 . LEU B 1 59 ? 4.79033   -2.20487  15.62440  1.000 44.37000 ? 58  LEU Q CD2 1 
ATOM   969  N N   . GLU B 1 60 ? 0.53877   0.59780   15.69822  1.000 39.66000 ? 59  GLU Q N   1 
ATOM   970  C CA  . GLU B 1 60 ? -0.80063  0.35222   16.22971  1.000 38.09000 ? 59  GLU Q CA  1 
ATOM   971  C C   . GLU B 1 60 ? -1.81152  0.13686   15.10658  1.000 38.89000 ? 59  GLU Q C   1 
ATOM   972  O O   . GLU B 1 60 ? -2.67853  -0.73798  15.21195  1.000 38.24000 ? 59  GLU Q O   1 
ATOM   973  C CB  . GLU B 1 60 ? -1.22413  1.49601   17.16333  1.000 38.04000 ? 59  GLU Q CB  1 
ATOM   974  C CG  . GLU B 1 60 ? -1.86381  2.72607   16.50392  1.000 46.10000 ? 59  GLU Q CG  1 
ATOM   975  C CD  . GLU B 1 60 ? -2.68826  3.58468   17.48135  1.000 57.72000 ? 59  GLU Q CD  1 
ATOM   976  O OE1 . GLU B 1 60 ? -3.77783  4.07527   17.09118  1.000 64.16000 ? 59  GLU Q OE1 1 
ATOM   977  O OE2 . GLU B 1 60 ? -2.24238  3.77815   18.63390  1.000 58.62000 ? 59  GLU Q OE2 1 
ATOM   978  N N   . VAL B 1 61 ? -1.70626  0.90137   14.01610  1.000 35.90000 ? 60  VAL Q N   1 
ATOM   979  C CA  . VAL B 1 61 ? -2.54400  0.63997   12.84678  1.000 35.06000 ? 60  VAL Q CA  1 
ATOM   980  C C   . VAL B 1 61 ? -2.34991  -0.78675  12.35558  1.000 35.38000 ? 60  VAL Q C   1 
ATOM   981  O O   . VAL B 1 61 ? -3.31978  -1.49885  12.06619  1.000 39.49000 ? 60  VAL Q O   1 
ATOM   982  C CB  . VAL B 1 61 ? -2.23744  1.65111   11.72941  1.000 35.68000 ? 60  VAL Q CB  1 
ATOM   983  C CG1 . VAL B 1 61 ? -2.98970  1.26292   10.45421  1.000 33.95000 ? 60  VAL Q CG1 1 
ATOM   984  C CG2 . VAL B 1 61 ? -2.56845  3.06914   12.18305  1.000 36.54000 ? 60  VAL Q CG2 1 
ATOM   985  N N   . LEU B 1 62 ? -1.09541  -1.22778  12.25006  1.000 33.68000 ? 61  LEU Q N   1 
ATOM   986  C CA  . LEU B 1 62 ? -0.81557  -2.55185  11.69766  1.000 36.15000 ? 61  LEU Q CA  1 
ATOM   987  C C   . LEU B 1 62 ? -1.38785  -3.65283  12.58599  1.000 43.41000 ? 61  LEU Q C   1 
ATOM   988  O O   . LEU B 1 62 ? -2.06808  -4.56638  12.10000  1.000 37.89000 ? 61  LEU Q O   1 
ATOM   989  C CB  . LEU B 1 62 ? 0.69064   -2.73993  11.50579  1.000 33.14000 ? 61  LEU Q CB  1 
ATOM   990  C CG  . LEU B 1 62 ? 1.14788   -4.02529  10.80694  1.000 41.84000 ? 61  LEU Q CG  1 
ATOM   991  C CD1 . LEU B 1 62 ? 0.49380   -4.18126  9.42453   1.000 36.80000 ? 61  LEU Q CD1 1 
ATOM   992  C CD2 . LEU B 1 62 ? 2.67577   -4.08437  10.70807  1.000 38.46000 ? 61  LEU Q CD2 1 
ATOM   993  N N   . LYS B 1 63 ? -1.14806  -3.57052  13.89778  1.000 40.87000 ? 62  LYS Q N   1 
ATOM   994  C CA  . LYS B 1 63 ? -1.58016  -4.65828  14.77010  1.000 44.09000 ? 62  LYS Q CA  1 
ATOM   995  C C   . LYS B 1 63 ? -3.09839  -4.76632  14.83630  1.000 42.71000 ? 62  LYS Q C   1 
ATOM   996  O O   . LYS B 1 63 ? -3.63223  -5.87316  14.96263  1.000 49.60000 ? 62  LYS Q O   1 
ATOM   997  C CB  . LYS B 1 63 ? -0.96767  -4.49514  16.16208  1.000 43.53000 ? 62  LYS Q CB  1 
ATOM   998  C CG  . LYS B 1 63 ? 0.53688   -4.26675  16.11604  1.000 48.68000 ? 62  LYS Q CG  1 
ATOM   999  C CD  . LYS B 1 63 ? 1.35169   -5.40299  16.73849  1.000 57.28000 ? 62  LYS Q CD  1 
ATOM   1000 C CE  . LYS B 1 63 ? 2.84887   -5.05470  16.79893  1.000 54.68000 ? 62  LYS Q CE  1 
ATOM   1001 N NZ  . LYS B 1 63 ? 3.33288   -4.84951  18.19925  1.000 59.61000 ? 62  LYS Q NZ  1 
ATOM   1002 N N   . GLU B 1 64 ? -3.80881  -3.64971  14.71593  1.000 44.00000 ? 63  GLU Q N   1 
ATOM   1003 C CA  . GLU B 1 64 ? -5.26528  -3.70731  14.67905  1.000 49.03000 ? 63  GLU Q CA  1 
ATOM   1004 C C   . GLU B 1 64 ? -5.77015  -4.31674  13.37629  1.000 51.09000 ? 63  GLU Q C   1 
ATOM   1005 O O   . GLU B 1 64 ? -6.78912  -5.01965  13.37259  1.000 53.24000 ? 63  GLU Q O   1 
ATOM   1006 C CB  . GLU B 1 64 ? -5.84420  -2.30725  14.87334  1.000 46.91000 ? 63  GLU Q CB  1 
ATOM   1007 C CG  . GLU B 1 64 ? -7.34850  -2.22266  14.69890  1.000 58.15000 ? 63  GLU Q CG  1 
ATOM   1008 C CD  . GLU B 1 64 ? -7.78302  -0.96163  13.96059  1.000 62.84000 ? 63  GLU Q CD  1 
ATOM   1009 O OE1 . GLU B 1 64 ? -8.19925  -1.07869  12.78767  1.000 66.71000 ? 63  GLU Q OE1 1 
ATOM   1010 O OE2 . GLU B 1 64 ? -7.71234  0.14079   14.54854  1.000 58.35000 ? 63  GLU Q OE2 1 
ATOM   1011 N N   . TYR B 1 65 ? -5.07485  -4.05370  12.26754  1.000 45.74000 ? 64  TYR Q N   1 
ATOM   1012 C CA  . TYR B 1 65 ? -5.42133  -4.67056  10.99071  1.000 43.63000 ? 64  TYR Q CA  1 
ATOM   1013 C C   . TYR B 1 65 ? -5.20678  -6.17718  11.02855  1.000 45.55000 ? 64  TYR Q C   1 
ATOM   1014 O O   . TYR B 1 65 ? -5.96471  -6.93722  10.41715  1.000 48.57000 ? 64  TYR Q O   1 
ATOM   1015 C CB  . TYR B 1 65 ? -4.57293  -4.03883  9.89286   1.000 41.42000 ? 64  TYR Q CB  1 
ATOM   1016 C CG  . TYR B 1 65 ? -4.96000  -4.31125  8.45494   1.000 39.07000 ? 64  TYR Q CG  1 
ATOM   1017 C CD1 . TYR B 1 65 ? -6.16746  -3.87206  7.94204   1.000 41.20000 ? 64  TYR Q CD1 1 
ATOM   1018 C CD2 . TYR B 1 65 ? -4.05935  -4.92892  7.58606   1.000 40.23000 ? 64  TYR Q CD2 1 
ATOM   1019 C CE1 . TYR B 1 65 ? -6.49210  -4.07676  6.60646   1.000 45.17000 ? 64  TYR Q CE1 1 
ATOM   1020 C CE2 . TYR B 1 65 ? -4.36921  -5.13999  6.25181   1.000 38.85000 ? 64  TYR Q CE2 1 
ATOM   1021 C CZ  . TYR B 1 65 ? -5.58721  -4.71656  5.76510   1.000 38.46000 ? 64  TYR Q CZ  1 
ATOM   1022 O OH  . TYR B 1 65 ? -5.90494  -4.92257  4.43670   1.000 40.81000 ? 64  TYR Q OH  1 
ATOM   1023 N N   . GLN B 1 66 ? -4.17657  -6.62786  11.73800  1.000 48.60000 ? 65  GLN Q N   1 
ATOM   1024 C CA  . GLN B 1 66 ? -3.77208  -8.02303  11.72396  1.000 47.83000 ? 65  GLN Q CA  1 
ATOM   1025 C C   . GLN B 1 66 ? -4.36809  -8.83186  12.87162  1.000 53.85000 ? 65  GLN Q C   1 
ATOM   1026 O O   . GLN B 1 66 ? -4.03262  -10.01272 13.01714  1.000 56.65000 ? 65  GLN Q O   1 
ATOM   1027 C CB  . GLN B 1 66 ? -2.24690  -8.12044  11.73656  1.000 49.90000 ? 65  GLN Q CB  1 
ATOM   1028 C CG  . GLN B 1 66 ? -1.58730  -7.37644  10.58646  1.000 47.97000 ? 65  GLN Q CG  1 
ATOM   1029 C CD  . GLN B 1 66 ? -0.11917  -7.72086  10.44198  1.000 49.79000 ? 65  GLN Q CD  1 
ATOM   1030 O OE1 . GLN B 1 66 ? 0.58773   -7.86722  11.43743  1.000 53.61000 ? 65  GLN Q OE1 1 
ATOM   1031 N NE2 . GLN B 1 66 ? 0.35022   -7.84816  9.19719   1.000 46.13000 ? 65  GLN Q NE2 1 
ATOM   1032 N N   . GLN B 1 67 ? -5.23889  -8.23237  13.67977  1.000 53.54000 ? 66  GLN Q N   1 
ATOM   1033 C CA  . GLN B 1 67 ? -6.02759  -8.99693  14.64739  1.000 61.63000 ? 66  GLN Q CA  1 
ATOM   1034 C C   . GLN B 1 67 ? -7.27321  -8.23231  15.07605  1.000 59.22000 ? 66  GLN Q C   1 
ATOM   1035 O O   . GLN B 1 67 ? -8.39056  -8.61655  14.72954  1.000 56.89000 ? 66  GLN Q O   1 
ATOM   1036 C CB  . GLN B 1 67 ? -5.19193  -9.36173  15.87408  1.000 65.00000 ? 66  GLN Q CB  1 
ATOM   1037 C CG  . GLN B 1 67 ? -5.93947  -10.23035 16.87190  1.000 72.01000 ? 66  GLN Q CG  1 
ATOM   1038 C CD  . GLN B 1 67 ? -5.04304  -10.77446 17.97524  1.000 81.41000 ? 66  GLN Q CD  1 
ATOM   1039 O OE1 . GLN B 1 67 ? -3.81441  -10.81277 17.84317  1.000 82.18000 ? 66  GLN Q OE1 1 
ATOM   1040 N NE2 . GLN B 1 67 ? -5.65946  -11.21677 19.06734  1.000 81.73000 ? 66  GLN Q NE2 1 
ATOM   1041 N N   . SER C 2 1  ? -6.98000  10.55674  -5.87965  1.000 51.96000 ? 3   SER C N   1 
ATOM   1042 C CA  . SER C 2 1  ? -7.88364  9.42255   -5.70576  1.000 49.40000 ? 3   SER C CA  1 
ATOM   1043 C C   . SER C 2 1  ? -7.76439  8.86692   -4.28871  1.000 49.43000 ? 3   SER C C   1 
ATOM   1044 O O   . SER C 2 1  ? -6.85472  9.23040   -3.54231  1.000 53.79000 ? 3   SER C O   1 
ATOM   1045 C CB  . SER C 2 1  ? -7.58560  8.32887   -6.74654  1.000 46.70000 ? 3   SER C CB  1 
ATOM   1046 O OG  . SER C 2 1  ? -7.82520  7.00951   -6.25769  1.000 44.53000 ? 3   SER C OG  1 
ATOM   1047 N N   . THR C 2 2  ? -8.70914  8.00709   -3.91235  1.000 46.68000 ? 4   THR C N   1 
ATOM   1048 C CA  . THR C 2 2  ? -8.58672  7.25527   -2.67287  1.000 47.34000 ? 4   THR C CA  1 
ATOM   1049 C C   . THR C 2 2  ? -7.60943  6.08676   -2.79995  1.000 45.73000 ? 4   THR C C   1 
ATOM   1050 O O   . THR C 2 2  ? -7.09788  5.60913   -1.77959  1.000 46.07000 ? 4   THR C O   1 
ATOM   1051 C CB  . THR C 2 2  ? -9.96419  6.75208   -2.23020  1.000 46.92000 ? 4   THR C CB  1 
ATOM   1052 O OG1 . THR C 2 2  ? -9.82684  5.95579   -1.04303  1.000 54.48000 ? 4   THR C OG1 1 
ATOM   1053 C CG2 . THR C 2 2  ? -10.60746 5.90755   -3.32532  1.000 49.58000 ? 4   THR C CG2 1 
ATOM   1054 N N   . LEU C 2 3  ? -7.32741  5.63207   -4.02235  1.000 40.14000 ? 5   LEU C N   1 
ATOM   1055 C CA  . LEU C 2 3  ? -6.43055  4.50710   -4.23148  1.000 36.76000 ? 5   LEU C CA  1 
ATOM   1056 C C   . LEU C 2 3  ? -4.97856  4.94112   -4.07622  1.000 37.61000 ? 5   LEU C C   1 
ATOM   1057 O O   . LEU C 2 3  ? -4.57696  6.00658   -4.55712  1.000 36.88000 ? 5   LEU C O   1 
ATOM   1058 C CB  . LEU C 2 3  ? -6.65487  3.90858   -5.62039  1.000 35.18000 ? 5   LEU C CB  1 
ATOM   1059 C CG  . LEU C 2 3  ? -8.08230  3.41856   -5.85982  1.000 37.66000 ? 5   LEU C CG  1 
ATOM   1060 C CD1 . LEU C 2 3  ? -8.23155  2.85767   -7.24915  1.000 36.90000 ? 5   LEU C CD1 1 
ATOM   1061 C CD2 . LEU C 2 3  ? -8.46051  2.38070   -4.82074  1.000 35.05000 ? 5   LEU C CD2 1 
ATOM   1062 N N   . SER C 2 4  ? -4.16865  4.08192   -3.41459  1.000 34.27000 ? 6   SER C N   1 
ATOM   1063 C CA  . SER C 2 4  ? -2.77694  4.47222   -3.26073  1.000 31.03000 ? 6   SER C CA  1 
ATOM   1064 C C   . SER C 2 4  ? -1.89614  3.63827   -4.18229  1.000 32.04000 ? 6   SER C C   1 
ATOM   1065 O O   . SER C 2 4  ? -1.99759  2.40098   -4.18902  1.000 30.88000 ? 6   SER C O   1 
ATOM   1066 C CB  . SER C 2 4  ? -2.33152  4.30165   -1.81106  1.000 32.03000 ? 6   SER C CB  1 
ATOM   1067 O OG  . SER C 2 4  ? -0.92152  4.41363   -1.70919  1.000 33.14000 ? 6   SER C OG  1 
ATOM   1068 N N   . PRO C 2 5  ? -1.03841  4.26425   -4.99394  1.000 27.81000 ? 7   PRO C N   1 
ATOM   1069 C CA  . PRO C 2 5  ? -0.10194  3.48291   -5.80818  1.000 30.57000 ? 7   PRO C CA  1 
ATOM   1070 C C   . PRO C 2 5  ? 1.00036   2.85571   -4.98049  1.000 26.36000 ? 7   PRO C C   1 
ATOM   1071 O O   . PRO C 2 5  ? 1.80838   2.10199   -5.51527  1.000 26.32000 ? 7   PRO C O   1 
ATOM   1072 C CB  . PRO C 2 5  ? 0.44160   4.52203   -6.80024  1.000 29.04000 ? 7   PRO C CB  1 
ATOM   1073 C CG  . PRO C 2 5  ? 0.39080   5.81846   -6.01295  1.000 32.90000 ? 7   PRO C CG  1 
ATOM   1074 C CD  . PRO C 2 5  ? -0.77676  5.71327   -5.06996  1.000 32.48000 ? 7   PRO C CD  1 
ATOM   1075 N N   . ASN C 2 6  ? 1.03491   3.15289   -3.69193  1.000 27.69000 ? 8   ASN C N   1 
ATOM   1076 C CA  . ASN C 2 6  ? 1.93141   2.54469   -2.72810  1.000 29.23000 ? 8   ASN C CA  1 
ATOM   1077 C C   . ASN C 2 6  ? 1.35189   1.26136   -2.11355  1.000 27.96000 ? 8   ASN C C   1 
ATOM   1078 O O   . ASN C 2 6  ? 1.99053   0.66665   -1.23663  1.000 27.40000 ? 8   ASN C O   1 
ATOM   1079 C CB  . ASN C 2 6  ? 2.25135   3.59382   -1.64628  1.000 29.12000 ? 8   ASN C CB  1 
ATOM   1080 C CG  . ASN C 2 6  ? 3.32277   3.14461   -0.69348  1.000 31.94000 ? 8   ASN C CG  1 
ATOM   1081 O OD1 . ASN C 2 6  ? 4.35279   2.60464   -1.10700  1.000 32.91000 ? 8   ASN C OD1 1 
ATOM   1082 N ND2 . ASN C 2 6  ? 3.08616   3.35206   0.60040   1.000 30.42000 ? 8   ASN C ND2 1 
ATOM   1083 N N   . ALA C 2 7  ? 0.18083   0.80648   -2.56743  1.000 25.12000 ? 9   ALA C N   1 
ATOM   1084 C CA  . ALA C 2 7  ? -0.43706  -0.40840  -2.01331  1.000 26.85000 ? 9   ALA C CA  1 
ATOM   1085 C C   . ALA C 2 7  ? 0.38026   -1.66379  -2.29238  1.000 26.58000 ? 9   ALA C C   1 
ATOM   1086 O O   . ALA C 2 7  ? 1.06586   -1.78243  -3.31295  1.000 27.75000 ? 9   ALA C O   1 
ATOM   1087 C CB  . ALA C 2 7  ? -1.83742  -0.62925  -2.58519  1.000 22.61000 ? 9   ALA C CB  1 
ATOM   1088 N N   . SER C 2 8  ? 0.24453   -2.63459  -1.38767  1.000 26.39000 ? 10  SER C N   1 
ATOM   1089 C CA  . SER C 2 8  ? 0.90810   -3.92529  -1.52793  1.000 26.10000 ? 10  SER C CA  1 
ATOM   1090 C C   . SER C 2 8  ? 0.31593   -4.71812  -2.68473  1.000 27.04000 ? 10  SER C C   1 
ATOM   1091 O O   . SER C 2 8  ? -0.90454  -4.74437  -2.87162  1.000 29.77000 ? 10  SER C O   1 
ATOM   1092 C CB  . SER C 2 8  ? 0.75648   -4.72278  -0.23371  1.000 27.46000 ? 10  SER C CB  1 
ATOM   1093 O OG  . SER C 2 8  ? 1.22675   -6.05265  -0.38124  1.000 35.35000 ? 10  SER C OG  1 
ATOM   1094 N N   . VAL C 2 9  ? 1.18887   -5.36494  -3.46321  1.000 25.60000 ? 11  VAL C N   1 
ATOM   1095 C CA  . VAL C 2 9  ? 0.72965   -6.30636  -4.48309  1.000 28.16000 ? 11  VAL C CA  1 
ATOM   1096 C C   . VAL C 2 9  ? -0.10725  -7.38974  -3.82037  1.000 30.27000 ? 11  VAL C C   1 
ATOM   1097 O O   . VAL C 2 9  ? 0.31554   -7.97878  -2.81804  1.000 30.68000 ? 11  VAL C O   1 
ATOM   1098 C CB  . VAL C 2 9  ? 1.92958   -6.91717  -5.22861  1.000 28.81000 ? 11  VAL C CB  1 
ATOM   1099 C CG1 . VAL C 2 9  ? 1.47284   -8.07126  -6.14526  1.000 28.14000 ? 11  VAL C CG1 1 
ATOM   1100 C CG2 . VAL C 2 9  ? 2.67037   -5.86195  -6.03005  1.000 31.45000 ? 11  VAL C CG2 1 
ATOM   1101 N N   . PHE C 2 10 ? -1.29863  -7.66327  -4.36508  1.000 25.43000 ? 12  PHE C N   1 
ATOM   1102 C CA  . PHE C 2 10 ? -2.07557  -8.80786  -3.88769  1.000 29.75000 ? 12  PHE C CA  1 
ATOM   1103 C C   . PHE C 2 10 ? -1.44999  -10.11525 -4.35587  1.000 32.07000 ? 12  PHE C C   1 
ATOM   1104 O O   . PHE C 2 10 ? -1.11206  -10.26699 -5.53201  1.000 27.24000 ? 12  PHE C O   1 
ATOM   1105 C CB  . PHE C 2 10 ? -3.52278  -8.75453  -4.36888  1.000 30.72000 ? 12  PHE C CB  1 
ATOM   1106 C CG  . PHE C 2 10 ? -4.29733  -10.00548 -4.03389  1.000 27.26000 ? 12  PHE C CG  1 
ATOM   1107 C CD1 . PHE C 2 10 ? -4.82747  -10.17898 -2.76847  1.000 28.71000 ? 12  PHE C CD1 1 
ATOM   1108 C CD2 . PHE C 2 10 ? -4.45714  -11.02126 -4.97146  1.000 29.38000 ? 12  PHE C CD2 1 
ATOM   1109 C CE1 . PHE C 2 10 ? -5.52538  -11.33015 -2.43810  1.000 30.47000 ? 12  PHE C CE1 1 
ATOM   1110 C CE2 . PHE C 2 10 ? -5.14507  -12.19514 -4.63966  1.000 31.27000 ? 12  PHE C CE2 1 
ATOM   1111 C CZ  . PHE C 2 10 ? -5.68377  -12.33903 -3.36964  1.000 27.82000 ? 12  PHE C CZ  1 
ATOM   1112 N N   . LYS C 2 11 ? -1.31187  -11.06829 -3.43603  1.000 30.10000 ? 13  LYS C N   1 
ATOM   1113 C CA  . LYS C 2 11 ? -0.78003  -12.38349 -3.76643  1.000 31.87000 ? 13  LYS C CA  1 
ATOM   1114 C C   . LYS C 2 11 ? -1.81182  -13.44548 -3.43095  1.000 30.27000 ? 13  LYS C C   1 
ATOM   1115 O O   . LYS C 2 11 ? -2.17622  -13.59843 -2.25075  1.000 25.89000 ? 13  LYS C O   1 
ATOM   1116 C CB  . LYS C 2 11 ? 0.52141   -12.64563 -3.01138  1.000 32.25000 ? 13  LYS C CB  1 
ATOM   1117 C CG  . LYS C 2 11 ? 1.38301   -13.73153 -3.63736  1.000 37.95000 ? 13  LYS C CG  1 
ATOM   1118 C CD  . LYS C 2 11 ? 2.87016   -13.45662 -3.42291  1.000 43.83000 ? 13  LYS C CD  1 
ATOM   1119 C CE  . LYS C 2 11 ? 3.24726   -13.49268 -1.95907  1.000 43.49000 ? 13  LYS C CE  1 
ATOM   1120 N NZ  . LYS C 2 11 ? 3.02025   -14.84403 -1.38359  1.000 47.95000 ? 13  LYS C NZ  1 
ATOM   1121 N N   . PRO C 2 12 ? -2.30931  -14.20624 -4.39374  1.000 32.89000 ? 14  PRO C N   1 
ATOM   1122 C CA  . PRO C 2 12 ? -3.25120  -15.27944 -4.07425  1.000 34.10000 ? 14  PRO C CA  1 
ATOM   1123 C C   . PRO C 2 12 ? -2.55105  -16.41772 -3.34492  1.000 32.90000 ? 14  PRO C C   1 
ATOM   1124 O O   . PRO C 2 12 ? -1.35965  -16.65669 -3.52570  1.000 35.61000 ? 14  PRO C O   1 
ATOM   1125 C CB  . PRO C 2 12 ? -3.74883  -15.73797 -5.44394  1.000 35.95000 ? 14  PRO C CB  1 
ATOM   1126 C CG  . PRO C 2 12 ? -2.60545  -15.44222 -6.36260  1.000 36.36000 ? 14  PRO C CG  1 
ATOM   1127 C CD  . PRO C 2 12 ? -1.91730  -14.21111 -5.81534  1.000 34.66000 ? 14  PRO C CD  1 
ATOM   1128 N N   . SER C 2 13 ? -3.30061  -17.10121 -2.49537  1.000 35.86000 ? 15  SER C N   1 
ATOM   1129 C CA  . SER C 2 13 ? -2.83182  -18.31727 -1.84920  1.000 43.61000 ? 15  SER C CA  1 
ATOM   1130 C C   . SER C 2 13 ? -2.97940  -19.51544 -2.79224  1.000 45.83000 ? 15  SER C C   1 
ATOM   1131 O O   . SER C 2 13 ? -3.66239  -19.45624 -3.81246  1.000 49.54000 ? 15  SER C O   1 
ATOM   1132 C CB  . SER C 2 13 ? -3.61382  -18.56080 -0.56113  1.000 46.13000 ? 15  SER C CB  1 
ATOM   1133 O OG  . SER C 2 13 ? -4.81075  -19.26688 -0.84351  1.000 47.99000 ? 15  SER C OG  1 
ATOM   1134 N N   . ARG C 2 14 ? -2.32466  -20.62180 -2.44610  1.000 57.27000 ? 16  ARG C N   1 
ATOM   1135 C CA  . ARG C 2 14 ? -2.65122  -21.89410 -3.08208  1.000 55.95000 ? 16  ARG C CA  1 
ATOM   1136 C C   . ARG C 2 14 ? -2.50832  -23.00793 -2.06160  1.000 58.54000 ? 16  ARG C C   1 
ATOM   1137 O O   . ARG C 2 14 ? -1.84365  -22.85446 -1.03314  1.000 59.36000 ? 16  ARG C O   1 
ATOM   1138 C CB  . ARG C 2 14 ? -1.78171  -22.19233 -4.31150  1.000 56.25000 ? 16  ARG C CB  1 
ATOM   1139 C CG  . ARG C 2 14 ? -0.28984  -22.15242 -4.06984  1.000 60.50000 ? 16  ARG C CG  1 
ATOM   1140 C CD  . ARG C 2 14 ? 0.44043   -23.11706 -5.00131  1.000 61.50000 ? 16  ARG C CD  1 
ATOM   1141 N NE  . ARG C 2 14 ? -0.26465  -24.40073 -5.10975  1.000 66.27000 ? 16  ARG C NE  1 
ATOM   1142 C CZ  . ARG C 2 14 ? 0.14650   -25.41946 -5.85830  1.000 62.46000 ? 16  ARG C CZ  1 
ATOM   1143 N NH1 . ARG C 2 14 ? 1.25341   -25.30392 -6.58757  1.000 61.16000 ? 16  ARG C NH1 1 
ATOM   1144 N NH2 . ARG C 2 14 ? -0.55504  -26.54203 -5.88382  1.000 57.44000 ? 16  ARG C NH2 1 
ATOM   1145 N N   . SER C 2 15 ? -3.14206  -24.13820 -2.37046  1.000 62.40000 ? 17  SER C N   1 
ATOM   1146 C CA  . SER C 2 15 ? -3.16484  -25.30347 -1.48762  1.000 64.12000 ? 17  SER C CA  1 
ATOM   1147 C C   . SER C 2 15 ? -1.77228  -25.91772 -1.32064  1.000 62.38000 ? 17  SER C C   1 
ATOM   1148 O O   . SER C 2 15 ? -1.08965  -26.21761 -2.30276  1.000 65.39000 ? 17  SER C O   1 
ATOM   1149 C CB  . SER C 2 15 ? -4.14648  -26.35051 -2.02688  1.000 62.95000 ? 17  SER C CB  1 
ATOM   1150 O OG  . SER C 2 15 ? -4.08688  -26.42227 -3.44677  1.000 61.89000 ? 17  SER C OG  1 
ATOM   1151 N N   . SER D 2 1  ? -6.50312  6.90180   10.94402  1.000 60.90000 ? 3   SER D N   1 
ATOM   1152 C CA  . SER D 2 1  ? -5.09939  7.19891   10.66328  1.000 55.48000 ? 3   SER D CA  1 
ATOM   1153 C C   . SER D 2 1  ? -4.87459  7.37364   9.16093   1.000 51.64000 ? 3   SER D C   1 
ATOM   1154 O O   . SER D 2 1  ? -5.57327  6.77651   8.34173   1.000 53.54000 ? 3   SER D O   1 
ATOM   1155 C CB  . SER D 2 1  ? -4.18864  6.09139   11.22669  1.000 56.05000 ? 3   SER D CB  1 
ATOM   1156 O OG  . SER D 2 1  ? -2.83427  6.22534   10.79586  1.000 46.00000 ? 3   SER D OG  1 
ATOM   1157 N N   . THR D 2 2  ? -3.90292  8.21904   8.81118   1.000 51.03000 ? 4   THR D N   1 
ATOM   1158 C CA  . THR D 2 2  ? -3.52823  8.42023   7.41627   1.000 47.01000 ? 4   THR D CA  1 
ATOM   1159 C C   . THR D 2 2  ? -2.71466  7.24750   6.87324   1.000 50.42000 ? 4   THR D C   1 
ATOM   1160 O O   . THR D 2 2  ? -2.56861  7.10921   5.65491   1.000 47.67000 ? 4   THR D O   1 
ATOM   1161 C CB  . THR D 2 2  ? -2.73720  9.73090   7.28262   1.000 46.84000 ? 4   THR D CB  1 
ATOM   1162 O OG1 . THR D 2 2  ? -2.21649  9.86822   5.95517   1.000 55.21000 ? 4   THR D OG1 1 
ATOM   1163 C CG2 . THR D 2 2  ? -1.57892  9.76292   8.28136   1.000 45.89000 ? 4   THR D CG2 1 
ATOM   1164 N N   . LEU D 2 3  ? -2.17823  6.40497   7.74989   1.000 46.97000 ? 5   LEU D N   1 
ATOM   1165 C CA  . LEU D 2 3  ? -1.32408  5.30951   7.32500   1.000 41.15000 ? 5   LEU D CA  1 
ATOM   1166 C C   . LEU D 2 3  ? -2.18352  4.10650   6.95757   1.000 37.97000 ? 5   LEU D C   1 
ATOM   1167 O O   . LEU D 2 3  ? -3.14683  3.77039   7.64797   1.000 41.04000 ? 5   LEU D O   1 
ATOM   1168 C CB  . LEU D 2 3  ? -0.32430  4.94308   8.42540   1.000 34.44000 ? 5   LEU D CB  1 
ATOM   1169 C CG  . LEU D 2 3  ? 0.46293   6.13957   8.97518   1.000 40.35000 ? 5   LEU D CG  1 
ATOM   1170 C CD1 . LEU D 2 3  ? 1.35434   5.73194   10.12046  1.000 34.73000 ? 5   LEU D CD1 1 
ATOM   1171 C CD2 . LEU D 2 3  ? 1.26414   6.83685   7.87442   1.000 39.17000 ? 5   LEU D CD2 1 
ATOM   1172 N N   . SER D 2 4  ? -1.85827  3.49036   5.83795   1.000 39.73000 ? 6   SER D N   1 
ATOM   1173 C CA  . SER D 2 4  ? -2.60062  2.33281   5.37552   1.000 34.26000 ? 6   SER D CA  1 
ATOM   1174 C C   . SER D 2 4  ? -1.83390  1.08022   5.74133   1.000 32.39000 ? 6   SER D C   1 
ATOM   1175 O O   . SER D 2 4  ? -0.66793  0.94615   5.34211   1.000 31.65000 ? 6   SER D O   1 
ATOM   1176 C CB  . SER D 2 4  ? -2.81392  2.39518   3.87143   1.000 32.19000 ? 6   SER D CB  1 
ATOM   1177 O OG  . SER D 2 4  ? -3.51453  1.23827   3.44905   1.000 32.34000 ? 6   SER D OG  1 
ATOM   1178 N N   . PRO D 2 5  ? -2.41986  0.14311   6.48676   1.000 31.86000 ? 7   PRO D N   1 
ATOM   1179 C CA  . PRO D 2 5  ? -1.73566  -1.12988  6.71485   1.000 32.41000 ? 7   PRO D CA  1 
ATOM   1180 C C   . PRO D 2 5  ? -1.73351  -2.00339  5.48277   1.000 29.82000 ? 7   PRO D C   1 
ATOM   1181 O O   . PRO D 2 5  ? -1.09672  -3.05328  5.49525   1.000 27.15000 ? 7   PRO D O   1 
ATOM   1182 C CB  . PRO D 2 5  ? -2.54201  -1.76100  7.85370   1.000 33.55000 ? 7   PRO D CB  1 
ATOM   1183 C CG  . PRO D 2 5  ? -3.95228  -1.25013  7.59096   1.000 34.69000 ? 7   PRO D CG  1 
ATOM   1184 C CD  . PRO D 2 5  ? -3.82520  0.10491   6.93458   1.000 34.71000 ? 7   PRO D CD  1 
ATOM   1185 N N   . ASN D 2 6  ? -2.43453  -1.59936  4.42565   1.000 28.42000 ? 8   ASN D N   1 
ATOM   1186 C CA  . ASN D 2 6  ? -2.33752  -2.24633  3.11886   1.000 31.51000 ? 8   ASN D CA  1 
ATOM   1187 C C   . ASN D 2 6  ? -1.10737  -1.80579  2.31969   1.000 30.48000 ? 8   ASN D C   1 
ATOM   1188 O O   . ASN D 2 6  ? -0.92452  -2.26512  1.17695   1.000 28.13000 ? 8   ASN D O   1 
ATOM   1189 C CB  . ASN D 2 6  ? -3.61948  -1.95973  2.31809   1.000 26.16000 ? 8   ASN D CB  1 
ATOM   1190 C CG  . ASN D 2 6  ? -3.72204  -2.80079  1.06107   1.000 30.58000 ? 8   ASN D CG  1 
ATOM   1191 O OD1 . ASN D 2 6  ? -3.41663  -3.99720  1.07500   1.000 31.57000 ? 8   ASN D OD1 1 
ATOM   1192 N ND2 . ASN D 2 6  ? -4.13273  -2.17463  -0.04109  1.000 28.52000 ? 8   ASN D ND2 1 
ATOM   1193 N N   . ALA D 2 7  ? -0.25307  -0.94701  2.88001   1.000 30.06000 ? 9   ALA D N   1 
ATOM   1194 C CA  . ALA D 2 7  ? 0.88686   -0.43958  2.12571   1.000 27.68000 ? 9   ALA D CA  1 
ATOM   1195 C C   . ALA D 2 7  ? 1.88027   -1.54466  1.77608   1.000 26.45000 ? 9   ALA D C   1 
ATOM   1196 O O   . ALA D 2 7  ? 2.06869   -2.52537  2.51461   1.000 27.08000 ? 9   ALA D O   1 
ATOM   1197 C CB  . ALA D 2 7  ? 1.61771   0.66095   2.89668   1.000 25.62000 ? 9   ALA D CB  1 
ATOM   1198 N N   . SER D 2 8  ? 2.53121   -1.35698  0.63255   1.000 25.96000 ? 10  SER D N   1 
ATOM   1199 C CA  . SER D 2 8  ? 3.59838   -2.24931  0.18951   1.000 24.63000 ? 10  SER D CA  1 
ATOM   1200 C C   . SER D 2 8  ? 4.75550   -2.22624  1.17156   1.000 25.55000 ? 10  SER D C   1 
ATOM   1201 O O   . SER D 2 8  ? 5.15673   -1.16091  1.64737   1.000 27.80000 ? 10  SER D O   1 
ATOM   1202 C CB  . SER D 2 8  ? 4.10761   -1.79017  -1.17757  1.000 26.43000 ? 10  SER D CB  1 
ATOM   1203 O OG  . SER D 2 8  ? 5.03038   -2.69976  -1.70435  1.000 31.00000 ? 10  SER D OG  1 
ATOM   1204 N N   . VAL D 2 9  ? 5.31294   -3.40665  1.45291   1.000 25.19000 ? 11  VAL D N   1 
ATOM   1205 C CA  . VAL D 2 9  ? 6.59256   -3.47531  2.13792   1.000 27.10000 ? 11  VAL D CA  1 
ATOM   1206 C C   . VAL D 2 9  ? 7.63137   -2.66119  1.36869   1.000 27.77000 ? 11  VAL D C   1 
ATOM   1207 O O   . VAL D 2 9  ? 7.80957   -2.83346  0.15584   1.000 27.08000 ? 11  VAL D O   1 
ATOM   1208 C CB  . VAL D 2 9  ? 7.02832   -4.94099  2.28130   1.000 27.76000 ? 11  VAL D CB  1 
ATOM   1209 C CG1 . VAL D 2 9  ? 8.49802   -5.03583  2.70567   1.000 30.90000 ? 11  VAL D CG1 1 
ATOM   1210 C CG2 . VAL D 2 9  ? 6.09981   -5.69247  3.25811   1.000 28.00000 ? 11  VAL D CG2 1 
ATOM   1211 N N   . PHE D 2 10 ? 8.35356   -1.78947  2.06933   1.000 25.59000 ? 12  PHE D N   1 
ATOM   1212 C CA  . PHE D 2 10 ? 9.41971   -1.04915  1.40610   1.000 23.89000 ? 12  PHE D CA  1 
ATOM   1213 C C   . PHE D 2 10 ? 10.61146  -1.96013  1.15023   1.000 29.62000 ? 12  PHE D C   1 
ATOM   1214 O O   . PHE D 2 10 ? 11.08867  -2.63937  2.05987   1.000 26.78000 ? 12  PHE D O   1 
ATOM   1215 C CB  . PHE D 2 10 ? 9.87988   0.15131   2.22599   1.000 28.21000 ? 12  PHE D CB  1 
ATOM   1216 C CG  . PHE D 2 10 ? 11.07303  0.84685   1.61483   1.000 30.54000 ? 12  PHE D CG  1 
ATOM   1217 C CD1 . PHE D 2 10 ? 10.91754  1.62723   0.48370   1.000 29.47000 ? 12  PHE D CD1 1 
ATOM   1218 C CD2 . PHE D 2 10 ? 12.35334  0.65129   2.12064   1.000 32.43000 ? 12  PHE D CD2 1 
ATOM   1219 C CE1 . PHE D 2 10 ? 12.01265  2.25633   -0.10868  1.000 35.63000 ? 12  PHE D CE1 1 
ATOM   1220 C CE2 . PHE D 2 10 ? 13.46099  1.27554   1.53035   1.000 32.85000 ? 12  PHE D CE2 1 
ATOM   1221 C CZ  . PHE D 2 10 ? 13.28609  2.07122   0.41332   1.000 31.59000 ? 12  PHE D CZ  1 
ATOM   1222 N N   . LYS D 2 11 ? 11.10670  -1.95457  -0.07964  1.000 26.72000 ? 13  LYS D N   1 
ATOM   1223 C CA  . LYS D 2 11 ? 12.24551  -2.79308  -0.43844  1.000 29.77000 ? 13  LYS D CA  1 
ATOM   1224 C C   . LYS D 2 11 ? 13.43691  -1.92360  -0.79309  1.000 30.19000 ? 13  LYS D C   1 
ATOM   1225 O O   . LYS D 2 11 ? 13.41519  -1.24599  -1.83901  1.000 32.35000 ? 13  LYS D O   1 
ATOM   1226 C CB  . LYS D 2 11 ? 11.88143  -3.71008  -1.60665  1.000 32.22000 ? 13  LYS D CB  1 
ATOM   1227 C CG  . LYS D 2 11 ? 13.00135  -4.67127  -2.03185  1.000 40.19000 ? 13  LYS D CG  1 
ATOM   1228 C CD  . LYS D 2 11 ? 12.70654  -5.24217  -3.42964  1.000 45.57000 ? 13  LYS D CD  1 
ATOM   1229 C CE  . LYS D 2 11 ? 13.55998  -6.43994  -3.75588  1.000 40.34000 ? 13  LYS D CE  1 
ATOM   1230 N NZ  . LYS D 2 11 ? 13.48669  -7.46125  -2.67607  1.000 42.23000 ? 13  LYS D NZ  1 
ATOM   1231 N N   . PRO D 2 12 ? 14.48019  -1.87427  0.02057   1.000 32.18000 ? 14  PRO D N   1 
ATOM   1232 C CA  . PRO D 2 12 ? 15.68149  -1.13262  -0.34793  1.000 37.89000 ? 14  PRO D CA  1 
ATOM   1233 C C   . PRO D 2 12 ? 16.27407  -1.67843  -1.63942  1.000 42.26000 ? 14  PRO D C   1 
ATOM   1234 O O   . PRO D 2 12 ? 16.14423  -2.86609  -1.95026  1.000 39.91000 ? 14  PRO D O   1 
ATOM   1235 C CB  . PRO D 2 12 ? 16.63174  -1.36245  0.83001   1.000 37.40000 ? 14  PRO D CB  1 
ATOM   1236 C CG  . PRO D 2 12 ? 15.75897  -1.81034  1.94681   1.000 35.57000 ? 14  PRO D CG  1 
ATOM   1237 C CD  . PRO D 2 12 ? 14.63401  -2.56053  1.31776   1.000 31.75000 ? 14  PRO D CD  1 
ATOM   1238 N N   . SER D 2 13 ? 16.91990  -0.79501  -2.39420  1.000 43.31000 ? 15  SER D N   1 
ATOM   1239 C CA  . SER D 2 13 ? 17.61941  -1.19699  -3.60122  1.000 48.61000 ? 15  SER D CA  1 
ATOM   1240 C C   . SER D 2 13 ? 19.11961  -1.15149  -3.34636  1.000 55.16000 ? 15  SER D C   1 
ATOM   1241 O O   . SER D 2 13 ? 19.60828  -0.29465  -2.60346  1.000 56.01000 ? 15  SER D O   1 
ATOM   1242 C CB  . SER D 2 13 ? 17.24533  -0.30235  -4.78218  1.000 51.39000 ? 15  SER D CB  1 
ATOM   1243 O OG  . SER D 2 13 ? 17.86629  -0.78203  -5.96130  1.000 55.22000 ? 15  SER D OG  1 
ATOM   1244 N N   . ARG D 2 14 ? 19.84250  -2.09861  -3.94663  1.000 62.46000 ? 16  ARG D N   1 
ATOM   1245 C CA  . ARG D 2 14 ? 21.30258  -2.16624  -3.79729  1.000 65.31000 ? 16  ARG D CA  1 
ATOM   1246 C C   . ARG D 2 14 ? 22.00425  -1.09861  -4.64141  1.000 66.75000 ? 16  ARG D C   1 
ATOM   1247 O O   . ARG D 2 14 ? 21.77283  -0.99406  -5.85016  1.000 65.23000 ? 16  ARG D O   1 
ATOM   1248 C CB  . ARG D 2 14 ? 21.81356  -3.55668  -4.17961  1.000 68.59000 ? 16  ARG D CB  1 
ATOM   1249 C CG  . ARG D 2 14 ? 23.28248  -3.82283  -3.84353  1.000 70.40000 ? 16  ARG D CG  1 
ATOM   1250 C CD  . ARG D 2 14 ? 23.45565  -4.38893  -2.44016  1.000 61.50000 ? 16  ARG D CD  1 
ATOM   1251 N NE  . ARG D 2 14 ? 22.51848  -5.47897  -2.16159  1.000 63.06000 ? 16  ARG D NE  1 
ATOM   1252 C CZ  . ARG D 2 14 ? 22.69488  -6.74912  -2.52200  1.000 65.58000 ? 16  ARG D CZ  1 
ATOM   1253 N NH1 . ARG D 2 14 ? 23.78704  -7.12086  -3.18412  1.000 75.05000 ? 16  ARG D NH1 1 
ATOM   1254 N NH2 . ARG D 2 14 ? 21.77441  -7.65493  -2.21683  1.000 62.82000 ? 16  ARG D NH2 1 
HETATM 1255 O O   . HOH E 3 .  ? 6.97514   13.43301  -11.39252 1.000 64.76000 ? 101 HOH A O   1 
HETATM 1256 O O   . HOH E 3 .  ? -3.98521  0.92525   0.05688   1.000 32.59000 ? 102 HOH A O   1 
HETATM 1257 O O   . HOH E 3 .  ? 0.58686   -8.65962  -11.84913 1.000 35.39000 ? 103 HOH A O   1 
HETATM 1258 O O   . HOH E 3 .  ? -22.40856 -3.52316  -13.56987 1.000 45.62000 ? 104 HOH A O   1 
HETATM 1259 O O   . HOH E 3 .  ? -23.47914 0.25325   -15.47912 1.000 48.07000 ? 105 HOH A O   1 
HETATM 1260 O O   . HOH E 3 .  ? -21.33447 1.35874   -16.96543 1.000 49.92000 ? 106 HOH A O   1 
HETATM 1261 O O   . HOH E 3 .  ? 5.08804   -8.58345  -17.06790 1.000 37.34000 ? 107 HOH A O   1 
HETATM 1262 O O   . HOH E 3 .  ? -17.59998 -5.58546  -17.35338 1.000 47.18000 ? 108 HOH A O   1 
HETATM 1263 O O   . HOH E 3 .  ? 1.02722   -10.86884 -13.74143 1.000 29.35000 ? 109 HOH A O   1 
HETATM 1264 O O   . HOH E 3 .  ? -1.93496  -10.49248 -0.64050  1.000 32.73000 ? 110 HOH A O   1 
HETATM 1265 O O   . HOH E 3 .  ? -19.68125 0.99300   -0.45100  1.000 39.25000 ? 111 HOH A O   1 
HETATM 1266 O O   . HOH E 3 .  ? -6.12052  4.46756   4.83858   1.000 49.52000 ? 112 HOH A O   1 
HETATM 1267 O O   . HOH E 3 .  ? 3.61145   -6.61705  -13.37610 1.000 39.35000 ? 113 HOH A O   1 
HETATM 1268 O O   . HOH E 3 .  ? -14.04434 -14.36615 -8.51404  1.000 28.16000 ? 114 HOH A O   1 
HETATM 1269 O O   . HOH E 3 .  ? -18.03551 1.40225   -7.41367  1.000 36.36000 ? 115 HOH A O   1 
HETATM 1270 O O   . HOH E 3 .  ? -16.59640 1.64508   -9.43850  1.000 42.48000 ? 116 HOH A O   1 
HETATM 1271 O O   . HOH E 3 .  ? -20.73291 -9.29199  -4.16577  1.000 29.96000 ? 117 HOH A O   1 
HETATM 1272 O O   . HOH E 3 .  ? -21.70970 -8.12851  -12.82306 1.000 46.63000 ? 118 HOH A O   1 
HETATM 1273 O O   . HOH E 3 .  ? -4.45923  -5.33855  -20.79586 1.000 47.51000 ? 119 HOH A O   1 
HETATM 1274 O O   . HOH E 3 .  ? 4.69253   -2.42332  -5.55326  1.000 34.72000 ? 120 HOH A O   1 
HETATM 1275 O O   . HOH E 3 .  ? -8.69310  -2.57280  -18.08417 1.000 43.99000 ? 121 HOH A O   1 
HETATM 1276 O O   . HOH E 3 .  ? -22.89053 -8.14365  -2.91046  1.000 35.49000 ? 122 HOH A O   1 
HETATM 1277 O O   . HOH E 3 .  ? -17.34024 -8.03483  -11.06747 1.000 39.47000 ? 123 HOH A O   1 
HETATM 1278 O O   . HOH E 3 .  ? -0.53257  8.91011   -8.55706  1.000 40.30000 ? 124 HOH A O   1 
HETATM 1279 O O   . HOH E 3 .  ? -7.22610  -15.43391 -6.30551  1.000 40.24000 ? 125 HOH A O   1 
HETATM 1280 O O   . HOH E 3 .  ? -11.45783 -6.28783  -14.59783 1.000 44.56000 ? 126 HOH A O   1 
HETATM 1281 O O   . HOH E 3 .  ? -9.10405  -14.94140 11.59954  1.000 55.73000 ? 127 HOH A O   1 
HETATM 1282 O O   . HOH E 3 .  ? -12.62931 5.14701   -13.98412 1.000 37.40000 ? 128 HOH A O   1 
HETATM 1283 O O   . HOH E 3 .  ? -1.63041  -5.38226  -17.14901 1.000 24.43000 ? 129 HOH A O   1 
HETATM 1284 O O   . HOH E 3 .  ? -17.47985 -1.75266  4.75499   1.000 37.87000 ? 130 HOH A O   1 
HETATM 1285 O O   . HOH E 3 .  ? 1.17278   -6.78893  -10.62287 1.000 32.91000 ? 131 HOH A O   1 
HETATM 1286 O O   . HOH E 3 .  ? -14.51970 -2.25357  5.78374   1.000 39.08000 ? 132 HOH A O   1 
HETATM 1287 O O   . HOH E 3 .  ? -22.78780 -5.28252  -3.24697  1.000 48.51000 ? 133 HOH A O   1 
HETATM 1288 O O   . HOH E 3 .  ? 3.44327   -2.33994  -10.58460 1.000 34.91000 ? 134 HOH A O   1 
HETATM 1289 O O   . HOH E 3 .  ? 0.57646   -3.49167  -18.28104 1.000 41.12000 ? 135 HOH A O   1 
HETATM 1290 O O   . HOH F 3 .  ? 2.86462   -7.76472  11.05789  1.000 49.56000 ? 101 HOH Q O   1 
HETATM 1291 O O   . HOH F 3 .  ? 1.41644   -7.16502  13.53753  1.000 51.10000 ? 102 HOH Q O   1 
HETATM 1292 O O   . HOH F 3 .  ? 11.30594  4.79702   15.38303  1.000 41.20000 ? 103 HOH Q O   1 
HETATM 1293 O O   . HOH F 3 .  ? 5.45939   14.79534  11.98537  1.000 35.15000 ? 104 HOH Q O   1 
HETATM 1294 O O   . HOH F 3 .  ? -1.32725  1.49215   0.65800   1.000 27.90000 ? 105 HOH Q O   1 
HETATM 1295 O O   . HOH F 3 .  ? 4.82663   18.32824  6.31513   1.000 37.72000 ? 106 HOH Q O   1 
HETATM 1296 O O   . HOH F 3 .  ? 10.12081  18.91091  5.57096   1.000 44.65000 ? 107 HOH Q O   1 
HETATM 1297 O O   . HOH F 3 .  ? 15.50754  20.76715  9.10573   1.000 37.10000 ? 108 HOH Q O   1 
HETATM 1298 O O   . HOH F 3 .  ? 14.60045  6.29204   -6.40515  1.000 46.96000 ? 109 HOH Q O   1 
HETATM 1299 O O   . HOH F 3 .  ? 9.93797   -5.22191  14.62820  1.000 28.80000 ? 110 HOH Q O   1 
HETATM 1300 O O   . HOH F 3 .  ? 5.26770   12.21439  13.83981  1.000 39.90000 ? 111 HOH Q O   1 
HETATM 1301 O O   . HOH F 3 .  ? 8.31835   3.98285   -4.03708  1.000 34.43000 ? 112 HOH Q O   1 
HETATM 1302 O O   . HOH F 3 .  ? -5.82434  -0.75125  11.10950  1.000 43.68000 ? 113 HOH Q O   1 
HETATM 1303 O O   . HOH F 3 .  ? 11.71172  -11.38603 11.37025  1.000 35.96000 ? 114 HOH Q O   1 
HETATM 1304 O O   . HOH F 3 .  ? 3.43545   7.28518   -1.83417  1.000 40.85000 ? 115 HOH Q O   1 
HETATM 1305 O O   . HOH F 3 .  ? -7.24964  -2.59318  3.45371   1.000 36.33000 ? 116 HOH Q O   1 
HETATM 1306 O O   . HOH F 3 .  ? -7.99121  -2.20348  10.15803  1.000 47.13000 ? 117 HOH Q O   1 
HETATM 1307 O O   . HOH F 3 .  ? 10.27571  -0.44067  -2.53515  1.000 36.10000 ? 118 HOH Q O   1 
HETATM 1308 O O   . HOH F 3 .  ? -5.62120  3.19938   15.02154  1.000 52.89000 ? 119 HOH Q O   1 
HETATM 1309 O O   . HOH F 3 .  ? 5.37469   17.34131  0.03036   1.000 43.96000 ? 120 HOH Q O   1 
HETATM 1310 O O   . HOH F 3 .  ? 2.36192   7.89787   18.11044  1.000 43.07000 ? 121 HOH Q O   1 
HETATM 1311 O O   . HOH F 3 .  ? 2.43320   -6.74907  3.33726   1.000 33.51000 ? 122 HOH Q O   1 
HETATM 1312 O O   . HOH F 3 .  ? 8.64214   -5.92658  7.45363   1.000 28.54000 ? 123 HOH Q O   1 
HETATM 1313 O O   . HOH F 3 .  ? 2.46599   11.88121  -1.75928  1.000 44.76000 ? 124 HOH Q O   1 
HETATM 1314 O O   . HOH F 3 .  ? -1.23493  -6.14966  3.89470   1.000 34.46000 ? 125 HOH Q O   1 
HETATM 1315 O O   . HOH F 3 .  ? 4.47756   14.31276  -2.02024  1.000 52.44000 ? 126 HOH Q O   1 
HETATM 1316 O O   . HOH F 3 .  ? 9.87395   -2.06669  -4.47941  1.000 42.39000 ? 127 HOH Q O   1 
HETATM 1317 O O   . HOH F 3 .  ? -6.67345  1.03777   8.98893   1.000 45.68000 ? 128 HOH Q O   1 
HETATM 1318 O O   . HOH F 3 .  ? 0.70895   8.91448   -4.02292  1.000 46.29000 ? 129 HOH Q O   1 
HETATM 1319 O O   . HOH G 3 .  ? -5.60916  -18.63160 -4.20548  1.000 42.24000 ? 101 HOH C O   1 
HETATM 1320 O O   . HOH G 3 .  ? 5.50979   3.21794   -3.22279  1.000 35.17000 ? 102 HOH C O   1 
HETATM 1321 O O   . HOH G 3 .  ? -5.03762  1.86593   -2.60814  1.000 35.20000 ? 103 HOH C O   1 
HETATM 1322 O O   . HOH G 3 .  ? 3.53344   -15.30445 1.07104   1.000 54.39000 ? 104 HOH C O   1 
HETATM 1323 O O   . HOH G 3 .  ? 0.56136   6.66779   -1.95236  1.000 38.83000 ? 105 HOH C O   1 
HETATM 1324 O O   . HOH G 3 .  ? 6.36215   1.15334   0.05363   1.000 30.62000 ? 106 HOH C O   1 
HETATM 1325 O O   . HOH G 3 .  ? 0.97411   -16.82250 -1.95748  1.000 40.84000 ? 107 HOH C O   1 
HETATM 1326 O O   . HOH G 3 .  ? -0.72851  -14.58158 -0.03593  1.000 41.89000 ? 108 HOH C O   1 
HETATM 1327 O O   . HOH G 3 .  ? 2.81257   -8.85335  -1.66428  1.000 50.08000 ? 109 HOH C O   1 
HETATM 1328 O O   . HOH G 3 .  ? 4.20194   -5.99529  0.27372   1.000 31.45000 ? 110 HOH C O   1 
HETATM 1329 O O   . HOH G 3 .  ? 0.71917   -28.70781 -3.04042  1.000 56.06000 ? 111 HOH C O   1 
HETATM 1330 O O   . HOH G 3 .  ? -1.64011  -7.70524  0.01069   1.000 37.26000 ? 112 HOH C O   1 
HETATM 1331 O O   . HOH G 3 .  ? -7.95192  -20.27633 -3.37427  1.000 43.74000 ? 113 HOH C O   1 
HETATM 1332 O O   . HOH H 3 .  ? 15.75927  -4.16539  -4.18426  1.000 51.70000 ? 101 HOH D O   1 
HETATM 1333 O O   . HOH H 3 .  ? -3.82578  -5.73729  3.02189   1.000 35.26000 ? 102 HOH D O   1 
HETATM 1334 O O   . HOH H 3 .  ? 13.59124  -1.98201  -4.55775  1.000 37.06000 ? 103 HOH D O   1 
HETATM 1335 O O   . HOH H 3 .  ? -2.85018  -5.78040  -1.05711  1.000 31.91000 ? 104 HOH D O   1 
HETATM 1336 O O   . HOH H 3 .  ? 4.11079   -5.19063  -2.82680  1.000 31.23000 ? 105 HOH D O   1 
HETATM 1337 O O   . HOH H 3 .  ? 8.19801   -5.12015  -1.77620  1.000 50.91000 ? 106 HOH D O   1 
HETATM 1338 O O   . HOH H 3 .  ? 6.40507   -0.54582  -3.42485  1.000 39.92000 ? 107 HOH D O   1 
HETATM 1339 O O   . HOH H 3 .  ? 7.60399   0.36782   -1.97603  1.000 34.45000 ? 108 HOH D O   1 
# 
